data_9D5D
# 
_entry.id   9D5D 
# 
_audit_conform.dict_name       mmcif_pdbx.dic 
_audit_conform.dict_version    5.399 
_audit_conform.dict_location   http://mmcif.pdb.org/dictionaries/ascii/mmcif_pdbx.dic 
# 
loop_
_database_2.database_id 
_database_2.database_code 
_database_2.pdbx_database_accession 
_database_2.pdbx_DOI 
PDB   9D5D         pdb_00009d5d 10.2210/pdb9d5d/pdb 
WWPDB D_1000287344 ?            ?                   
# 
loop_
_pdbx_audit_revision_history.ordinal 
_pdbx_audit_revision_history.data_content_type 
_pdbx_audit_revision_history.major_revision 
_pdbx_audit_revision_history.minor_revision 
_pdbx_audit_revision_history.revision_date 
1 'Structure model' 1 0 2024-09-04 
2 'Structure model' 1 1 2024-10-30 
3 'Structure model' 1 2 2024-12-18 
# 
_pdbx_audit_revision_details.ordinal             1 
_pdbx_audit_revision_details.revision_ordinal    1 
_pdbx_audit_revision_details.data_content_type   'Structure model' 
_pdbx_audit_revision_details.provider            repository 
_pdbx_audit_revision_details.type                'Initial release' 
_pdbx_audit_revision_details.description         ? 
_pdbx_audit_revision_details.details             ? 
# 
loop_
_pdbx_audit_revision_group.ordinal 
_pdbx_audit_revision_group.revision_ordinal 
_pdbx_audit_revision_group.data_content_type 
_pdbx_audit_revision_group.group 
1 2 'Structure model' 'Structure summary'   
2 3 'Structure model' 'Database references' 
# 
loop_
_pdbx_audit_revision_category.ordinal 
_pdbx_audit_revision_category.revision_ordinal 
_pdbx_audit_revision_category.data_content_type 
_pdbx_audit_revision_category.category 
1 2 'Structure model' pdbx_entry_details        
2 2 'Structure model' pdbx_modification_feature 
3 3 'Structure model' citation                  
4 3 'Structure model' citation_author           
# 
loop_
_pdbx_audit_revision_item.ordinal 
_pdbx_audit_revision_item.revision_ordinal 
_pdbx_audit_revision_item.data_content_type 
_pdbx_audit_revision_item.item 
1 3 'Structure model' '_citation.country'                 
2 3 'Structure model' '_citation.journal_abbrev'          
3 3 'Structure model' '_citation.journal_id_CSD'          
4 3 'Structure model' '_citation.journal_id_ISSN'         
5 3 'Structure model' '_citation.pdbx_database_id_DOI'    
6 3 'Structure model' '_citation.pdbx_database_id_PubMed' 
7 3 'Structure model' '_citation.title'                   
8 3 'Structure model' '_citation.year'                    
9 3 'Structure model' '_citation_author.name'             
# 
_pdbx_database_status.status_code                     REL 
_pdbx_database_status.status_code_sf                  REL 
_pdbx_database_status.status_code_mr                  ? 
_pdbx_database_status.entry_id                        9D5D 
_pdbx_database_status.recvd_initial_deposition_date   2024-08-13 
_pdbx_database_status.SG_entry                        N 
_pdbx_database_status.deposit_site                    RCSB 
_pdbx_database_status.process_site                    RCSB 
_pdbx_database_status.status_code_cs                  ? 
_pdbx_database_status.status_code_nmr_data            ? 
_pdbx_database_status.methods_development_category    ? 
_pdbx_database_status.pdb_format_compatible           N 
# 
_pdbx_contact_author.id                 2 
_pdbx_contact_author.email              spiegep@wwu.edu 
_pdbx_contact_author.name_first         'P. Clint' 
_pdbx_contact_author.name_last          Spiegel 
_pdbx_contact_author.name_mi            ? 
_pdbx_contact_author.role               'principal investigator/group leader' 
_pdbx_contact_author.identifier_ORCID   0000-0001-7982-5424 
# 
loop_
_audit_author.name 
_audit_author.pdbx_ordinal 
_audit_author.identifier_ORCID 
'Avery, N.G.'    1 0009-0002-7231-9793 
'Childers, K.C.' 2 ?                   
'Spiegel, P.C.'  3 0000-0001-7982-5424 
# 
_citation.abstract                  ? 
_citation.abstract_id_CAS           ? 
_citation.book_id_ISBN              ? 
_citation.book_publisher            ? 
_citation.book_publisher_city       ? 
_citation.book_title                ? 
_citation.coordinate_linkage        ? 
_citation.country                   UK 
_citation.database_id_Medline       ? 
_citation.details                   ? 
_citation.id                        primary 
_citation.journal_abbrev            J.Thromb.Haemost. 
_citation.journal_id_ASTM           ? 
_citation.journal_id_CSD            ? 
_citation.journal_id_ISSN           1538-7836 
_citation.journal_full              ? 
_citation.journal_issue             ? 
_citation.journal_volume            ? 
_citation.language                  ? 
_citation.page_first                ? 
_citation.page_last                 ? 
_citation.title                     
'Biophysical characterization of blood coagulation factor VIII binding to lipid nanodiscs that mimic activated platelet surfaces.' 
_citation.year                      2024 
_citation.database_id_CSD           ? 
_citation.pdbx_database_id_DOI      10.1016/j.jtha.2024.11.003 
_citation.pdbx_database_id_PubMed   39549835 
_citation.pdbx_database_id_patent   ? 
_citation.unpublished_flag          ? 
# 
loop_
_citation_author.citation_id 
_citation_author.name 
_citation_author.ordinal 
_citation_author.identifier_ORCID 
primary 'Avery, N.G.'       1 ? 
primary 'Young, I.R.'       2 ? 
primary 'Lu, S.'            3 ? 
primary 'Vaughan, J.D.'     4 ? 
primary 'Korus, P.S.'       5 ? 
primary 'Richardson, T.N.'  6 ? 
primary 'Childers, K.C.'    7 ? 
primary 'Smirnov, S.L.'     8 ? 
primary 'Spiegel Jr., P.C.' 9 ? 
# 
loop_
_entity.id 
_entity.type 
_entity.src_method 
_entity.pdbx_description 
_entity.formula_weight 
_entity.pdbx_number_of_molecules 
_entity.pdbx_ec 
_entity.pdbx_mutation 
_entity.pdbx_fragment 
_entity.details 
1 polymer man 'Factor VIIIa light chain' 18563.098 1   ? L2251A,L2252A 'C2 domain (UNP residues 2191-2351)' ? 
2 water   nat water                      18.015    156 ? ?             ?                                    ? 
# 
_entity_name_com.entity_id   1 
_entity_name_com.name        'Blood coagulation factor VIII' 
# 
_entity_poly.entity_id                      1 
_entity_poly.type                           'polypeptide(L)' 
_entity_poly.nstd_linkage                   no 
_entity_poly.nstd_monomer                   no 
_entity_poly.pdbx_seq_one_letter_code       
;GHMNSCSMPLGMESKAISDAQITASSYFTNMFATWSPSKARLHLQGRSNAWRPQVNNPKEWLQVDFQKTMKVTGVTTQGV
KSAATSMYVKEFLISSSQDGHQWTLFFQNGKVKVFQGNQDSFTPVVNSLDPPLLTRYLRIHPQSWVHQIALRMEVLGCEA
QDLY
;
_entity_poly.pdbx_seq_one_letter_code_can   
;GHMNSCSMPLGMESKAISDAQITASSYFTNMFATWSPSKARLHLQGRSNAWRPQVNNPKEWLQVDFQKTMKVTGVTTQGV
KSAATSMYVKEFLISSSQDGHQWTLFFQNGKVKVFQGNQDSFTPVVNSLDPPLLTRYLRIHPQSWVHQIALRMEVLGCEA
QDLY
;
_entity_poly.pdbx_strand_id                 M 
_entity_poly.pdbx_target_identifier         ? 
# 
_pdbx_entity_nonpoly.entity_id   2 
_pdbx_entity_nonpoly.name        water 
_pdbx_entity_nonpoly.comp_id     HOH 
# 
loop_
_entity_poly_seq.entity_id 
_entity_poly_seq.num 
_entity_poly_seq.mon_id 
_entity_poly_seq.hetero 
1 1   GLY n 
1 2   HIS n 
1 3   MET n 
1 4   ASN n 
1 5   SER n 
1 6   CYS n 
1 7   SER n 
1 8   MET n 
1 9   PRO n 
1 10  LEU n 
1 11  GLY n 
1 12  MET n 
1 13  GLU n 
1 14  SER n 
1 15  LYS n 
1 16  ALA n 
1 17  ILE n 
1 18  SER n 
1 19  ASP n 
1 20  ALA n 
1 21  GLN n 
1 22  ILE n 
1 23  THR n 
1 24  ALA n 
1 25  SER n 
1 26  SER n 
1 27  TYR n 
1 28  PHE n 
1 29  THR n 
1 30  ASN n 
1 31  MET n 
1 32  PHE n 
1 33  ALA n 
1 34  THR n 
1 35  TRP n 
1 36  SER n 
1 37  PRO n 
1 38  SER n 
1 39  LYS n 
1 40  ALA n 
1 41  ARG n 
1 42  LEU n 
1 43  HIS n 
1 44  LEU n 
1 45  GLN n 
1 46  GLY n 
1 47  ARG n 
1 48  SER n 
1 49  ASN n 
1 50  ALA n 
1 51  TRP n 
1 52  ARG n 
1 53  PRO n 
1 54  GLN n 
1 55  VAL n 
1 56  ASN n 
1 57  ASN n 
1 58  PRO n 
1 59  LYS n 
1 60  GLU n 
1 61  TRP n 
1 62  LEU n 
1 63  GLN n 
1 64  VAL n 
1 65  ASP n 
1 66  PHE n 
1 67  GLN n 
1 68  LYS n 
1 69  THR n 
1 70  MET n 
1 71  LYS n 
1 72  VAL n 
1 73  THR n 
1 74  GLY n 
1 75  VAL n 
1 76  THR n 
1 77  THR n 
1 78  GLN n 
1 79  GLY n 
1 80  VAL n 
1 81  LYS n 
1 82  SER n 
1 83  ALA n 
1 84  ALA n 
1 85  THR n 
1 86  SER n 
1 87  MET n 
1 88  TYR n 
1 89  VAL n 
1 90  LYS n 
1 91  GLU n 
1 92  PHE n 
1 93  LEU n 
1 94  ILE n 
1 95  SER n 
1 96  SER n 
1 97  SER n 
1 98  GLN n 
1 99  ASP n 
1 100 GLY n 
1 101 HIS n 
1 102 GLN n 
1 103 TRP n 
1 104 THR n 
1 105 LEU n 
1 106 PHE n 
1 107 PHE n 
1 108 GLN n 
1 109 ASN n 
1 110 GLY n 
1 111 LYS n 
1 112 VAL n 
1 113 LYS n 
1 114 VAL n 
1 115 PHE n 
1 116 GLN n 
1 117 GLY n 
1 118 ASN n 
1 119 GLN n 
1 120 ASP n 
1 121 SER n 
1 122 PHE n 
1 123 THR n 
1 124 PRO n 
1 125 VAL n 
1 126 VAL n 
1 127 ASN n 
1 128 SER n 
1 129 LEU n 
1 130 ASP n 
1 131 PRO n 
1 132 PRO n 
1 133 LEU n 
1 134 LEU n 
1 135 THR n 
1 136 ARG n 
1 137 TYR n 
1 138 LEU n 
1 139 ARG n 
1 140 ILE n 
1 141 HIS n 
1 142 PRO n 
1 143 GLN n 
1 144 SER n 
1 145 TRP n 
1 146 VAL n 
1 147 HIS n 
1 148 GLN n 
1 149 ILE n 
1 150 ALA n 
1 151 LEU n 
1 152 ARG n 
1 153 MET n 
1 154 GLU n 
1 155 VAL n 
1 156 LEU n 
1 157 GLY n 
1 158 CYS n 
1 159 GLU n 
1 160 ALA n 
1 161 GLN n 
1 162 ASP n 
1 163 LEU n 
1 164 TYR n 
# 
_entity_src_gen.entity_id                          1 
_entity_src_gen.pdbx_src_id                        1 
_entity_src_gen.pdbx_alt_source_flag               sample 
_entity_src_gen.pdbx_seq_type                      'Biological sequence' 
_entity_src_gen.pdbx_beg_seq_num                   1 
_entity_src_gen.pdbx_end_seq_num                   164 
_entity_src_gen.gene_src_common_name               human 
_entity_src_gen.gene_src_genus                     ? 
_entity_src_gen.pdbx_gene_src_gene                 'F8, F8C' 
_entity_src_gen.gene_src_species                   ? 
_entity_src_gen.gene_src_strain                    ? 
_entity_src_gen.gene_src_tissue                    ? 
_entity_src_gen.gene_src_tissue_fraction           ? 
_entity_src_gen.gene_src_details                   ? 
_entity_src_gen.pdbx_gene_src_fragment             ? 
_entity_src_gen.pdbx_gene_src_scientific_name      'Homo sapiens' 
_entity_src_gen.pdbx_gene_src_ncbi_taxonomy_id     9606 
_entity_src_gen.pdbx_gene_src_variant              ? 
_entity_src_gen.pdbx_gene_src_cell_line            ? 
_entity_src_gen.pdbx_gene_src_atcc                 ? 
_entity_src_gen.pdbx_gene_src_organ                ? 
_entity_src_gen.pdbx_gene_src_organelle            ? 
_entity_src_gen.pdbx_gene_src_cell                 ? 
_entity_src_gen.pdbx_gene_src_cellular_location    ? 
_entity_src_gen.host_org_common_name               ? 
_entity_src_gen.pdbx_host_org_scientific_name      'Escherichia coli' 
_entity_src_gen.pdbx_host_org_ncbi_taxonomy_id     562 
_entity_src_gen.host_org_genus                     ? 
_entity_src_gen.pdbx_host_org_gene                 ? 
_entity_src_gen.pdbx_host_org_organ                ? 
_entity_src_gen.host_org_species                   ? 
_entity_src_gen.pdbx_host_org_tissue               ? 
_entity_src_gen.pdbx_host_org_tissue_fraction      ? 
_entity_src_gen.pdbx_host_org_strain               ? 
_entity_src_gen.pdbx_host_org_variant              ? 
_entity_src_gen.pdbx_host_org_cell_line            ? 
_entity_src_gen.pdbx_host_org_atcc                 ? 
_entity_src_gen.pdbx_host_org_culture_collection   ? 
_entity_src_gen.pdbx_host_org_cell                 ? 
_entity_src_gen.pdbx_host_org_organelle            ? 
_entity_src_gen.pdbx_host_org_cellular_location    ? 
_entity_src_gen.pdbx_host_org_vector_type          ? 
_entity_src_gen.pdbx_host_org_vector               ? 
_entity_src_gen.host_org_details                   ? 
_entity_src_gen.expression_system_id               ? 
_entity_src_gen.plasmid_name                       ? 
_entity_src_gen.plasmid_details                    ? 
_entity_src_gen.pdbx_description                   ? 
# 
loop_
_chem_comp.id 
_chem_comp.type 
_chem_comp.mon_nstd_flag 
_chem_comp.name 
_chem_comp.pdbx_synonyms 
_chem_comp.formula 
_chem_comp.formula_weight 
ALA 'L-peptide linking' y ALANINE         ? 'C3 H7 N O2'     89.093  
ARG 'L-peptide linking' y ARGININE        ? 'C6 H15 N4 O2 1' 175.209 
ASN 'L-peptide linking' y ASPARAGINE      ? 'C4 H8 N2 O3'    132.118 
ASP 'L-peptide linking' y 'ASPARTIC ACID' ? 'C4 H7 N O4'     133.103 
CYS 'L-peptide linking' y CYSTEINE        ? 'C3 H7 N O2 S'   121.158 
GLN 'L-peptide linking' y GLUTAMINE       ? 'C5 H10 N2 O3'   146.144 
GLU 'L-peptide linking' y 'GLUTAMIC ACID' ? 'C5 H9 N O4'     147.129 
GLY 'peptide linking'   y GLYCINE         ? 'C2 H5 N O2'     75.067  
HIS 'L-peptide linking' y HISTIDINE       ? 'C6 H10 N3 O2 1' 156.162 
HOH non-polymer         . WATER           ? 'H2 O'           18.015  
ILE 'L-peptide linking' y ISOLEUCINE      ? 'C6 H13 N O2'    131.173 
LEU 'L-peptide linking' y LEUCINE         ? 'C6 H13 N O2'    131.173 
LYS 'L-peptide linking' y LYSINE          ? 'C6 H15 N2 O2 1' 147.195 
MET 'L-peptide linking' y METHIONINE      ? 'C5 H11 N O2 S'  149.211 
PHE 'L-peptide linking' y PHENYLALANINE   ? 'C9 H11 N O2'    165.189 
PRO 'L-peptide linking' y PROLINE         ? 'C5 H9 N O2'     115.130 
SER 'L-peptide linking' y SERINE          ? 'C3 H7 N O3'     105.093 
THR 'L-peptide linking' y THREONINE       ? 'C4 H9 N O3'     119.119 
TRP 'L-peptide linking' y TRYPTOPHAN      ? 'C11 H12 N2 O2'  204.225 
TYR 'L-peptide linking' y TYROSINE        ? 'C9 H11 N O3'    181.189 
VAL 'L-peptide linking' y VALINE          ? 'C5 H11 N O2'    117.146 
# 
loop_
_pdbx_poly_seq_scheme.asym_id 
_pdbx_poly_seq_scheme.entity_id 
_pdbx_poly_seq_scheme.seq_id 
_pdbx_poly_seq_scheme.mon_id 
_pdbx_poly_seq_scheme.ndb_seq_num 
_pdbx_poly_seq_scheme.pdb_seq_num 
_pdbx_poly_seq_scheme.auth_seq_num 
_pdbx_poly_seq_scheme.pdb_mon_id 
_pdbx_poly_seq_scheme.auth_mon_id 
_pdbx_poly_seq_scheme.pdb_strand_id 
_pdbx_poly_seq_scheme.pdb_ins_code 
_pdbx_poly_seq_scheme.hetero 
A 1 1   GLY 1   2169 ?    ?   ?   M . n 
A 1 2   HIS 2   2170 ?    ?   ?   M . n 
A 1 3   MET 3   2171 ?    ?   ?   M . n 
A 1 4   ASN 4   2172 2172 ASN ASN M . n 
A 1 5   SER 5   2173 2173 SER SER M . n 
A 1 6   CYS 6   2174 2174 CYS CYS M . n 
A 1 7   SER 7   2175 2175 SER SER M . n 
A 1 8   MET 8   2176 2176 MET MET M . n 
A 1 9   PRO 9   2177 2177 PRO PRO M . n 
A 1 10  LEU 10  2178 2178 LEU LEU M . n 
A 1 11  GLY 11  2179 2179 GLY GLY M . n 
A 1 12  MET 12  2180 2180 MET MET M . n 
A 1 13  GLU 13  2181 2181 GLU GLU M . n 
A 1 14  SER 14  2182 2182 SER SER M . n 
A 1 15  LYS 15  2183 2183 LYS LYS M . n 
A 1 16  ALA 16  2184 2184 ALA ALA M . n 
A 1 17  ILE 17  2185 2185 ILE ILE M . n 
A 1 18  SER 18  2186 2186 SER SER M . n 
A 1 19  ASP 19  2187 2187 ASP ASP M . n 
A 1 20  ALA 20  2188 2188 ALA ALA M . n 
A 1 21  GLN 21  2189 2189 GLN GLN M . n 
A 1 22  ILE 22  2190 2190 ILE ILE M . n 
A 1 23  THR 23  2191 2191 THR THR M . n 
A 1 24  ALA 24  2192 2192 ALA ALA M . n 
A 1 25  SER 25  2193 2193 SER SER M . n 
A 1 26  SER 26  2194 2194 SER SER M . n 
A 1 27  TYR 27  2195 2195 TYR TYR M . n 
A 1 28  PHE 28  2196 2196 PHE PHE M . n 
A 1 29  THR 29  2197 2197 THR THR M . n 
A 1 30  ASN 30  2198 2198 ASN ASN M . n 
A 1 31  MET 31  2199 2199 MET MET M . n 
A 1 32  PHE 32  2200 2200 PHE PHE M . n 
A 1 33  ALA 33  2201 2201 ALA ALA M . n 
A 1 34  THR 34  2202 2202 THR THR M . n 
A 1 35  TRP 35  2203 2203 TRP TRP M . n 
A 1 36  SER 36  2204 2204 SER SER M . n 
A 1 37  PRO 37  2205 2205 PRO PRO M . n 
A 1 38  SER 38  2206 2206 SER SER M . n 
A 1 39  LYS 39  2207 2207 LYS LYS M . n 
A 1 40  ALA 40  2208 2208 ALA ALA M . n 
A 1 41  ARG 41  2209 2209 ARG ARG M . n 
A 1 42  LEU 42  2210 2210 LEU LEU M . n 
A 1 43  HIS 43  2211 2211 HIS HIS M . n 
A 1 44  LEU 44  2212 2212 LEU LEU M . n 
A 1 45  GLN 45  2213 2213 GLN GLN M . n 
A 1 46  GLY 46  2214 2214 GLY GLY M . n 
A 1 47  ARG 47  2215 2215 ARG ARG M . n 
A 1 48  SER 48  2216 2216 SER SER M . n 
A 1 49  ASN 49  2217 2217 ASN ASN M . n 
A 1 50  ALA 50  2218 2218 ALA ALA M . n 
A 1 51  TRP 51  2219 2219 TRP TRP M . n 
A 1 52  ARG 52  2220 2220 ARG ARG M . n 
A 1 53  PRO 53  2221 2221 PRO PRO M . n 
A 1 54  GLN 54  2222 2222 GLN GLN M . n 
A 1 55  VAL 55  2223 2223 VAL VAL M . n 
A 1 56  ASN 56  2224 2224 ASN ASN M . n 
A 1 57  ASN 57  2225 2225 ASN ASN M . n 
A 1 58  PRO 58  2226 2226 PRO PRO M . n 
A 1 59  LYS 59  2227 2227 LYS LYS M . n 
A 1 60  GLU 60  2228 2228 GLU GLU M . n 
A 1 61  TRP 61  2229 2229 TRP TRP M . n 
A 1 62  LEU 62  2230 2230 LEU LEU M . n 
A 1 63  GLN 63  2231 2231 GLN GLN M . n 
A 1 64  VAL 64  2232 2232 VAL VAL M . n 
A 1 65  ASP 65  2233 2233 ASP ASP M . n 
A 1 66  PHE 66  2234 2234 PHE PHE M . n 
A 1 67  GLN 67  2235 2235 GLN GLN M . n 
A 1 68  LYS 68  2236 2236 LYS LYS M . n 
A 1 69  THR 69  2237 2237 THR THR M . n 
A 1 70  MET 70  2238 2238 MET MET M . n 
A 1 71  LYS 71  2239 2239 LYS LYS M . n 
A 1 72  VAL 72  2240 2240 VAL VAL M . n 
A 1 73  THR 73  2241 2241 THR THR M . n 
A 1 74  GLY 74  2242 2242 GLY GLY M . n 
A 1 75  VAL 75  2243 2243 VAL VAL M . n 
A 1 76  THR 76  2244 2244 THR THR M . n 
A 1 77  THR 77  2245 2245 THR THR M . n 
A 1 78  GLN 78  2246 2246 GLN GLN M . n 
A 1 79  GLY 79  2247 2247 GLY GLY M . n 
A 1 80  VAL 80  2248 2248 VAL VAL M . n 
A 1 81  LYS 81  2249 2249 LYS LYS M . n 
A 1 82  SER 82  2250 2250 SER SER M . n 
A 1 83  ALA 83  2251 2251 ALA ALA M . n 
A 1 84  ALA 84  2252 2252 ALA ALA M . n 
A 1 85  THR 85  2253 2253 THR THR M . n 
A 1 86  SER 86  2254 2254 SER SER M . n 
A 1 87  MET 87  2255 2255 MET MET M . n 
A 1 88  TYR 88  2256 2256 TYR TYR M . n 
A 1 89  VAL 89  2257 2257 VAL VAL M . n 
A 1 90  LYS 90  2258 2258 LYS LYS M . n 
A 1 91  GLU 91  2259 2259 GLU GLU M . n 
A 1 92  PHE 92  2260 2260 PHE PHE M . n 
A 1 93  LEU 93  2261 2261 LEU LEU M . n 
A 1 94  ILE 94  2262 2262 ILE ILE M . n 
A 1 95  SER 95  2263 2263 SER SER M . n 
A 1 96  SER 96  2264 2264 SER SER M . n 
A 1 97  SER 97  2265 2265 SER SER M . n 
A 1 98  GLN 98  2266 2266 GLN GLN M . n 
A 1 99  ASP 99  2267 2267 ASP ASP M . n 
A 1 100 GLY 100 2268 2268 GLY GLY M . n 
A 1 101 HIS 101 2269 2269 HIS HIS M . n 
A 1 102 GLN 102 2270 2270 GLN GLN M . n 
A 1 103 TRP 103 2271 2271 TRP TRP M . n 
A 1 104 THR 104 2272 2272 THR THR M . n 
A 1 105 LEU 105 2273 2273 LEU LEU M . n 
A 1 106 PHE 106 2274 2274 PHE PHE M . n 
A 1 107 PHE 107 2275 2275 PHE PHE M . n 
A 1 108 GLN 108 2276 2276 GLN GLN M . n 
A 1 109 ASN 109 2277 2277 ASN ASN M . n 
A 1 110 GLY 110 2278 2278 GLY GLY M . n 
A 1 111 LYS 111 2279 2279 LYS LYS M . n 
A 1 112 VAL 112 2280 2280 VAL VAL M . n 
A 1 113 LYS 113 2281 2281 LYS LYS M . n 
A 1 114 VAL 114 2282 2282 VAL VAL M . n 
A 1 115 PHE 115 2283 2283 PHE PHE M . n 
A 1 116 GLN 116 2284 2284 GLN GLN M . n 
A 1 117 GLY 117 2285 2285 GLY GLY M . n 
A 1 118 ASN 118 2286 2286 ASN ASN M . n 
A 1 119 GLN 119 2287 2287 GLN GLN M . n 
A 1 120 ASP 120 2288 2288 ASP ASP M . n 
A 1 121 SER 121 2289 2289 SER SER M . n 
A 1 122 PHE 122 2290 2290 PHE PHE M . n 
A 1 123 THR 123 2291 2291 THR THR M . n 
A 1 124 PRO 124 2292 2292 PRO PRO M . n 
A 1 125 VAL 125 2293 2293 VAL VAL M . n 
A 1 126 VAL 126 2294 2294 VAL VAL M . n 
A 1 127 ASN 127 2295 2295 ASN ASN M . n 
A 1 128 SER 128 2296 2296 SER SER M . n 
A 1 129 LEU 129 2297 2297 LEU LEU M . n 
A 1 130 ASP 130 2298 2298 ASP ASP M . n 
A 1 131 PRO 131 2299 2299 PRO PRO M . n 
A 1 132 PRO 132 2300 2300 PRO PRO M . n 
A 1 133 LEU 133 2301 2301 LEU LEU M . n 
A 1 134 LEU 134 2302 2302 LEU LEU M . n 
A 1 135 THR 135 2303 2303 THR THR M . n 
A 1 136 ARG 136 2304 2304 ARG ARG M . n 
A 1 137 TYR 137 2305 2305 TYR TYR M . n 
A 1 138 LEU 138 2306 2306 LEU LEU M . n 
A 1 139 ARG 139 2307 2307 ARG ARG M . n 
A 1 140 ILE 140 2308 2308 ILE ILE M . n 
A 1 141 HIS 141 2309 2309 HIS HIS M . n 
A 1 142 PRO 142 2310 2310 PRO PRO M . n 
A 1 143 GLN 143 2311 2311 GLN GLN M . n 
A 1 144 SER 144 2312 2312 SER SER M . n 
A 1 145 TRP 145 2313 2313 TRP TRP M . n 
A 1 146 VAL 146 2314 2314 VAL VAL M . n 
A 1 147 HIS 147 2315 2315 HIS HIS M . n 
A 1 148 GLN 148 2316 2316 GLN GLN M . n 
A 1 149 ILE 149 2317 2317 ILE ILE M . n 
A 1 150 ALA 150 2318 2318 ALA ALA M . n 
A 1 151 LEU 151 2319 2319 LEU LEU M . n 
A 1 152 ARG 152 2320 2320 ARG ARG M . n 
A 1 153 MET 153 2321 2321 MET MET M . n 
A 1 154 GLU 154 2322 2322 GLU GLU M . n 
A 1 155 VAL 155 2323 2323 VAL VAL M . n 
A 1 156 LEU 156 2324 2324 LEU LEU M . n 
A 1 157 GLY 157 2325 2325 GLY GLY M . n 
A 1 158 CYS 158 2326 2326 CYS CYS M . n 
A 1 159 GLU 159 2327 2327 GLU GLU M . n 
A 1 160 ALA 160 2328 2328 ALA ALA M . n 
A 1 161 GLN 161 2329 2329 GLN GLN M . n 
A 1 162 ASP 162 2330 ?    ?   ?   M . n 
A 1 163 LEU 163 2331 ?    ?   ?   M . n 
A 1 164 TYR 164 2332 ?    ?   ?   M . n 
# 
loop_
_pdbx_nonpoly_scheme.asym_id 
_pdbx_nonpoly_scheme.entity_id 
_pdbx_nonpoly_scheme.mon_id 
_pdbx_nonpoly_scheme.ndb_seq_num 
_pdbx_nonpoly_scheme.pdb_seq_num 
_pdbx_nonpoly_scheme.auth_seq_num 
_pdbx_nonpoly_scheme.pdb_mon_id 
_pdbx_nonpoly_scheme.auth_mon_id 
_pdbx_nonpoly_scheme.pdb_strand_id 
_pdbx_nonpoly_scheme.pdb_ins_code 
B 2 HOH 1   2401 122 HOH HOH M . 
B 2 HOH 2   2402 85  HOH HOH M . 
B 2 HOH 3   2403 124 HOH HOH M . 
B 2 HOH 4   2404 77  HOH HOH M . 
B 2 HOH 5   2405 132 HOH HOH M . 
B 2 HOH 6   2406 78  HOH HOH M . 
B 2 HOH 7   2407 2   HOH HOH M . 
B 2 HOH 8   2408 103 HOH HOH M . 
B 2 HOH 9   2409 65  HOH HOH M . 
B 2 HOH 10  2410 104 HOH HOH M . 
B 2 HOH 11  2411 45  HOH HOH M . 
B 2 HOH 12  2412 39  HOH HOH M . 
B 2 HOH 13  2413 118 HOH HOH M . 
B 2 HOH 14  2414 6   HOH HOH M . 
B 2 HOH 15  2415 33  HOH HOH M . 
B 2 HOH 16  2416 134 HOH HOH M . 
B 2 HOH 17  2417 1   HOH HOH M . 
B 2 HOH 18  2418 49  HOH HOH M . 
B 2 HOH 19  2419 26  HOH HOH M . 
B 2 HOH 20  2420 115 HOH HOH M . 
B 2 HOH 21  2421 116 HOH HOH M . 
B 2 HOH 22  2422 100 HOH HOH M . 
B 2 HOH 23  2423 47  HOH HOH M . 
B 2 HOH 24  2424 48  HOH HOH M . 
B 2 HOH 25  2425 59  HOH HOH M . 
B 2 HOH 26  2426 60  HOH HOH M . 
B 2 HOH 27  2427 113 HOH HOH M . 
B 2 HOH 28  2428 131 HOH HOH M . 
B 2 HOH 29  2429 36  HOH HOH M . 
B 2 HOH 30  2430 44  HOH HOH M . 
B 2 HOH 31  2431 37  HOH HOH M . 
B 2 HOH 32  2432 67  HOH HOH M . 
B 2 HOH 33  2433 7   HOH HOH M . 
B 2 HOH 34  2434 23  HOH HOH M . 
B 2 HOH 35  2435 55  HOH HOH M . 
B 2 HOH 36  2436 35  HOH HOH M . 
B 2 HOH 37  2437 94  HOH HOH M . 
B 2 HOH 38  2438 22  HOH HOH M . 
B 2 HOH 39  2439 58  HOH HOH M . 
B 2 HOH 40  2440 16  HOH HOH M . 
B 2 HOH 41  2441 84  HOH HOH M . 
B 2 HOH 42  2442 11  HOH HOH M . 
B 2 HOH 43  2443 38  HOH HOH M . 
B 2 HOH 44  2444 8   HOH HOH M . 
B 2 HOH 45  2445 20  HOH HOH M . 
B 2 HOH 46  2446 128 HOH HOH M . 
B 2 HOH 47  2447 30  HOH HOH M . 
B 2 HOH 48  2448 70  HOH HOH M . 
B 2 HOH 49  2449 153 HOH HOH M . 
B 2 HOH 50  2450 40  HOH HOH M . 
B 2 HOH 51  2451 19  HOH HOH M . 
B 2 HOH 52  2452 5   HOH HOH M . 
B 2 HOH 53  2453 24  HOH HOH M . 
B 2 HOH 54  2454 3   HOH HOH M . 
B 2 HOH 55  2455 105 HOH HOH M . 
B 2 HOH 56  2456 139 HOH HOH M . 
B 2 HOH 57  2457 29  HOH HOH M . 
B 2 HOH 58  2458 89  HOH HOH M . 
B 2 HOH 59  2459 63  HOH HOH M . 
B 2 HOH 60  2460 18  HOH HOH M . 
B 2 HOH 61  2461 9   HOH HOH M . 
B 2 HOH 62  2462 51  HOH HOH M . 
B 2 HOH 63  2463 135 HOH HOH M . 
B 2 HOH 64  2464 43  HOH HOH M . 
B 2 HOH 65  2465 86  HOH HOH M . 
B 2 HOH 66  2466 83  HOH HOH M . 
B 2 HOH 67  2467 76  HOH HOH M . 
B 2 HOH 68  2468 129 HOH HOH M . 
B 2 HOH 69  2469 72  HOH HOH M . 
B 2 HOH 70  2470 62  HOH HOH M . 
B 2 HOH 71  2471 32  HOH HOH M . 
B 2 HOH 72  2472 14  HOH HOH M . 
B 2 HOH 73  2473 81  HOH HOH M . 
B 2 HOH 74  2474 12  HOH HOH M . 
B 2 HOH 75  2475 114 HOH HOH M . 
B 2 HOH 76  2476 74  HOH HOH M . 
B 2 HOH 77  2477 27  HOH HOH M . 
B 2 HOH 78  2478 73  HOH HOH M . 
B 2 HOH 79  2479 123 HOH HOH M . 
B 2 HOH 80  2480 15  HOH HOH M . 
B 2 HOH 81  2481 42  HOH HOH M . 
B 2 HOH 82  2482 52  HOH HOH M . 
B 2 HOH 83  2483 146 HOH HOH M . 
B 2 HOH 84  2484 106 HOH HOH M . 
B 2 HOH 85  2485 34  HOH HOH M . 
B 2 HOH 86  2486 71  HOH HOH M . 
B 2 HOH 87  2487 141 HOH HOH M . 
B 2 HOH 88  2488 61  HOH HOH M . 
B 2 HOH 89  2489 145 HOH HOH M . 
B 2 HOH 90  2490 99  HOH HOH M . 
B 2 HOH 91  2491 66  HOH HOH M . 
B 2 HOH 92  2492 64  HOH HOH M . 
B 2 HOH 93  2493 125 HOH HOH M . 
B 2 HOH 94  2494 126 HOH HOH M . 
B 2 HOH 95  2495 119 HOH HOH M . 
B 2 HOH 96  2496 110 HOH HOH M . 
B 2 HOH 97  2497 17  HOH HOH M . 
B 2 HOH 98  2498 25  HOH HOH M . 
B 2 HOH 99  2499 97  HOH HOH M . 
B 2 HOH 100 2500 54  HOH HOH M . 
B 2 HOH 101 2501 4   HOH HOH M . 
B 2 HOH 102 2502 75  HOH HOH M . 
B 2 HOH 103 2503 151 HOH HOH M . 
B 2 HOH 104 2504 140 HOH HOH M . 
B 2 HOH 105 2505 90  HOH HOH M . 
B 2 HOH 106 2506 79  HOH HOH M . 
B 2 HOH 107 2507 152 HOH HOH M . 
B 2 HOH 108 2508 136 HOH HOH M . 
B 2 HOH 109 2509 93  HOH HOH M . 
B 2 HOH 110 2510 148 HOH HOH M . 
B 2 HOH 111 2511 41  HOH HOH M . 
B 2 HOH 112 2512 28  HOH HOH M . 
B 2 HOH 113 2513 143 HOH HOH M . 
B 2 HOH 114 2514 50  HOH HOH M . 
B 2 HOH 115 2515 80  HOH HOH M . 
B 2 HOH 116 2516 46  HOH HOH M . 
B 2 HOH 117 2517 91  HOH HOH M . 
B 2 HOH 118 2518 92  HOH HOH M . 
B 2 HOH 119 2519 87  HOH HOH M . 
B 2 HOH 120 2520 107 HOH HOH M . 
B 2 HOH 121 2521 13  HOH HOH M . 
B 2 HOH 122 2522 156 HOH HOH M . 
B 2 HOH 123 2523 154 HOH HOH M . 
B 2 HOH 124 2524 138 HOH HOH M . 
B 2 HOH 125 2525 108 HOH HOH M . 
B 2 HOH 126 2526 127 HOH HOH M . 
B 2 HOH 127 2527 98  HOH HOH M . 
B 2 HOH 128 2528 82  HOH HOH M . 
B 2 HOH 129 2529 121 HOH HOH M . 
B 2 HOH 130 2530 155 HOH HOH M . 
B 2 HOH 131 2531 96  HOH HOH M . 
B 2 HOH 132 2532 56  HOH HOH M . 
B 2 HOH 133 2533 117 HOH HOH M . 
B 2 HOH 134 2534 101 HOH HOH M . 
B 2 HOH 135 2535 147 HOH HOH M . 
B 2 HOH 136 2536 120 HOH HOH M . 
B 2 HOH 137 2537 31  HOH HOH M . 
B 2 HOH 138 2538 102 HOH HOH M . 
B 2 HOH 139 2539 21  HOH HOH M . 
B 2 HOH 140 2540 137 HOH HOH M . 
B 2 HOH 141 2541 144 HOH HOH M . 
B 2 HOH 142 2542 130 HOH HOH M . 
B 2 HOH 143 2543 111 HOH HOH M . 
B 2 HOH 144 2544 57  HOH HOH M . 
B 2 HOH 145 2545 112 HOH HOH M . 
B 2 HOH 146 2546 10  HOH HOH M . 
B 2 HOH 147 2547 149 HOH HOH M . 
B 2 HOH 148 2548 95  HOH HOH M . 
B 2 HOH 149 2549 69  HOH HOH M . 
B 2 HOH 150 2550 150 HOH HOH M . 
B 2 HOH 151 2551 68  HOH HOH M . 
B 2 HOH 152 2552 88  HOH HOH M . 
B 2 HOH 153 2553 133 HOH HOH M . 
B 2 HOH 154 2554 109 HOH HOH M . 
B 2 HOH 155 2555 53  HOH HOH M . 
B 2 HOH 156 2556 142 HOH HOH M . 
# 
loop_
_software.citation_id 
_software.classification 
_software.compiler_name 
_software.compiler_version 
_software.contact_author 
_software.contact_author_email 
_software.date 
_software.description 
_software.dependencies 
_software.hardware 
_software.language 
_software.location 
_software.mods 
_software.name 
_software.os 
_software.os_version 
_software.type 
_software.version 
_software.pdbx_ordinal 
? refinement       ? ? ? ? ? ? ? ? ? ? ? PHENIX  ? ? ? v1.21.1 1 
? 'model building' ? ? ? ? ? ? ? ? ? ? ? Coot    ? ? ? v0.9.4  2 
? phasing          ? ? ? ? ? ? ? ? ? ? ? PHENIX  ? ? ? v1.21.1 3 
? 'data reduction' ? ? ? ? ? ? ? ? ? ? ? APEX    ? ? ? .       4 
? 'data scaling'   ? ? ? ? ? ? ? ? ? ? ? Aimless ? ? ? .       5 
# 
_cell.angle_alpha                  90.000 
_cell.angle_alpha_esd              ? 
_cell.angle_beta                   90.000 
_cell.angle_beta_esd               ? 
_cell.angle_gamma                  90.000 
_cell.angle_gamma_esd              ? 
_cell.entry_id                     9D5D 
_cell.details                      ? 
_cell.formula_units_Z              ? 
_cell.length_a                     49.962 
_cell.length_a_esd                 ? 
_cell.length_b                     49.962 
_cell.length_b_esd                 ? 
_cell.length_c                     116.565 
_cell.length_c_esd                 ? 
_cell.volume                       290969.721 
_cell.volume_esd                   ? 
_cell.Z_PDB                        8 
_cell.reciprocal_angle_alpha       ? 
_cell.reciprocal_angle_beta        ? 
_cell.reciprocal_angle_gamma       ? 
_cell.reciprocal_angle_alpha_esd   ? 
_cell.reciprocal_angle_beta_esd    ? 
_cell.reciprocal_angle_gamma_esd   ? 
_cell.reciprocal_length_a          ? 
_cell.reciprocal_length_b          ? 
_cell.reciprocal_length_c          ? 
_cell.reciprocal_length_a_esd      ? 
_cell.reciprocal_length_b_esd      ? 
_cell.reciprocal_length_c_esd      ? 
_cell.pdbx_unique_axis             ? 
_cell.pdbx_esd_method              ? 
# 
_symmetry.entry_id                         9D5D 
_symmetry.cell_setting                     ? 
_symmetry.Int_Tables_number                96 
_symmetry.space_group_name_Hall            'P 4nw 2abw' 
_symmetry.space_group_name_H-M             'P 43 21 2' 
_symmetry.pdbx_full_space_group_name_H-M   ? 
# 
_exptl.absorpt_coefficient_mu     ? 
_exptl.absorpt_correction_T_max   ? 
_exptl.absorpt_correction_T_min   ? 
_exptl.absorpt_correction_type    ? 
_exptl.absorpt_process_details    ? 
_exptl.entry_id                   9D5D 
_exptl.crystals_number            1 
_exptl.details                    ? 
_exptl.method                     'X-RAY DIFFRACTION' 
_exptl.method_details             ? 
# 
_exptl_crystal.colour                       ? 
_exptl_crystal.density_diffrn               ? 
_exptl_crystal.density_Matthews             1.96 
_exptl_crystal.density_method               ? 
_exptl_crystal.density_percent_sol          37.22 
_exptl_crystal.description                  ? 
_exptl_crystal.F_000                        ? 
_exptl_crystal.id                           1 
_exptl_crystal.preparation                  ? 
_exptl_crystal.size_max                     ? 
_exptl_crystal.size_mid                     ? 
_exptl_crystal.size_min                     ? 
_exptl_crystal.size_rad                     ? 
_exptl_crystal.colour_lustre                ? 
_exptl_crystal.colour_modifier              ? 
_exptl_crystal.colour_primary               ? 
_exptl_crystal.density_meas                 ? 
_exptl_crystal.density_meas_esd             ? 
_exptl_crystal.density_meas_gt              ? 
_exptl_crystal.density_meas_lt              ? 
_exptl_crystal.density_meas_temp            ? 
_exptl_crystal.density_meas_temp_esd        ? 
_exptl_crystal.density_meas_temp_gt         ? 
_exptl_crystal.density_meas_temp_lt         ? 
_exptl_crystal.pdbx_crystal_image_url       ? 
_exptl_crystal.pdbx_crystal_image_format    ? 
_exptl_crystal.pdbx_mosaicity               ? 
_exptl_crystal.pdbx_mosaicity_esd           ? 
_exptl_crystal.pdbx_mosaic_method           ? 
_exptl_crystal.pdbx_mosaic_block_size       ? 
_exptl_crystal.pdbx_mosaic_block_size_esd   ? 
# 
_exptl_crystal_grow.apparatus       ? 
_exptl_crystal_grow.atmosphere      ? 
_exptl_crystal_grow.crystal_id      1 
_exptl_crystal_grow.details         ? 
_exptl_crystal_grow.method          'VAPOR DIFFUSION, HANGING DROP' 
_exptl_crystal_grow.method_ref      ? 
_exptl_crystal_grow.pH              ? 
_exptl_crystal_grow.pressure        ? 
_exptl_crystal_grow.pressure_esd    ? 
_exptl_crystal_grow.seeding         ? 
_exptl_crystal_grow.seeding_ref     ? 
_exptl_crystal_grow.temp_details    ? 
_exptl_crystal_grow.temp_esd        ? 
_exptl_crystal_grow.time            ? 
_exptl_crystal_grow.pdbx_details    '4 M potassium formate, 0.1 M Bis-Tris propane, pH 9, 2% w/v PEG2000 MME' 
_exptl_crystal_grow.pdbx_pH_range   ? 
_exptl_crystal_grow.temp            298 
# 
_diffrn.ambient_environment              ? 
_diffrn.ambient_temp                     100 
_diffrn.ambient_temp_details             ? 
_diffrn.ambient_temp_esd                 ? 
_diffrn.crystal_id                       1 
_diffrn.crystal_support                  ? 
_diffrn.crystal_treatment                ? 
_diffrn.details                          ? 
_diffrn.id                               1 
_diffrn.ambient_pressure                 ? 
_diffrn.ambient_pressure_esd             ? 
_diffrn.ambient_pressure_gt              ? 
_diffrn.ambient_pressure_lt              ? 
_diffrn.ambient_temp_gt                  ? 
_diffrn.ambient_temp_lt                  ? 
_diffrn.pdbx_serial_crystal_experiment   N 
# 
_diffrn_detector.details                      ? 
_diffrn_detector.detector                     CCD 
_diffrn_detector.diffrn_id                    1 
_diffrn_detector.type                         'ADSC QUANTUM 315' 
_diffrn_detector.area_resol_mean              ? 
_diffrn_detector.dtime                        ? 
_diffrn_detector.pdbx_frames_total            ? 
_diffrn_detector.pdbx_collection_time_total   ? 
_diffrn_detector.pdbx_collection_date         2023-10-18 
_diffrn_detector.pdbx_frequency               ? 
_diffrn_detector.id                           ? 
_diffrn_detector.number_of_axes               ? 
# 
_diffrn_radiation.collimation                      ? 
_diffrn_radiation.diffrn_id                        1 
_diffrn_radiation.filter_edge                      ? 
_diffrn_radiation.inhomogeneity                    ? 
_diffrn_radiation.monochromator                    ? 
_diffrn_radiation.polarisn_norm                    ? 
_diffrn_radiation.polarisn_ratio                   ? 
_diffrn_radiation.probe                            ? 
_diffrn_radiation.type                             ? 
_diffrn_radiation.xray_symbol                      ? 
_diffrn_radiation.wavelength_id                    1 
_diffrn_radiation.pdbx_monochromatic_or_laue_m_l   M 
_diffrn_radiation.pdbx_wavelength_list             ? 
_diffrn_radiation.pdbx_wavelength                  ? 
_diffrn_radiation.pdbx_diffrn_protocol             'SINGLE WAVELENGTH' 
_diffrn_radiation.pdbx_analyzer                    ? 
_diffrn_radiation.pdbx_scattering_type             x-ray 
# 
_diffrn_radiation_wavelength.id           1 
_diffrn_radiation_wavelength.wavelength   0.97 
_diffrn_radiation_wavelength.wt           1.0 
# 
_diffrn_source.current                     ? 
_diffrn_source.details                     ? 
_diffrn_source.diffrn_id                   1 
_diffrn_source.power                       ? 
_diffrn_source.size                        ? 
_diffrn_source.source                      SYNCHROTRON 
_diffrn_source.target                      ? 
_diffrn_source.type                        'ALS BEAMLINE 5.0.1' 
_diffrn_source.voltage                     ? 
_diffrn_source.take-off_angle              ? 
_diffrn_source.pdbx_wavelength_list        0.97 
_diffrn_source.pdbx_wavelength             ? 
_diffrn_source.pdbx_synchrotron_beamline   5.0.1 
_diffrn_source.pdbx_synchrotron_site       ALS 
# 
_reflns.B_iso_Wilson_estimate                          20.73 
_reflns.entry_id                                       9D5D 
_reflns.data_reduction_details                         ? 
_reflns.data_reduction_method                          ? 
_reflns.d_resolution_high                              1.83 
_reflns.d_resolution_low                               37.93 
_reflns.details                                        ? 
_reflns.limit_h_max                                    ? 
_reflns.limit_h_min                                    ? 
_reflns.limit_k_max                                    ? 
_reflns.limit_k_min                                    ? 
_reflns.limit_l_max                                    ? 
_reflns.limit_l_min                                    ? 
_reflns.number_all                                     ? 
_reflns.number_obs                                     13614 
_reflns.observed_criterion                             ? 
_reflns.observed_criterion_F_max                       ? 
_reflns.observed_criterion_F_min                       ? 
_reflns.observed_criterion_I_max                       ? 
_reflns.observed_criterion_I_min                       ? 
_reflns.observed_criterion_sigma_F                     ? 
_reflns.observed_criterion_sigma_I                     ? 
_reflns.percent_possible_obs                           99.21 
_reflns.R_free_details                                 ? 
_reflns.Rmerge_F_all                                   ? 
_reflns.Rmerge_F_obs                                   ? 
_reflns.Friedel_coverage                               ? 
_reflns.number_gt                                      ? 
_reflns.threshold_expression                           ? 
_reflns.pdbx_redundancy                                20.8 
_reflns.pdbx_netI_over_av_sigmaI                       ? 
_reflns.pdbx_netI_over_sigmaI                          15.3 
_reflns.pdbx_res_netI_over_av_sigmaI_2                 ? 
_reflns.pdbx_res_netI_over_sigmaI_2                    ? 
_reflns.pdbx_chi_squared                               ? 
_reflns.pdbx_scaling_rejects                           ? 
_reflns.pdbx_d_res_high_opt                            ? 
_reflns.pdbx_d_res_low_opt                             ? 
_reflns.pdbx_d_res_opt_method                          ? 
_reflns.phase_calculation_details                      ? 
_reflns.pdbx_Rrim_I_all                                0.155 
_reflns.pdbx_Rpim_I_all                                0.032 
_reflns.pdbx_d_opt                                     ? 
_reflns.pdbx_number_measured_all                       ? 
_reflns.pdbx_diffrn_id                                 1 
_reflns.pdbx_ordinal                                   1 
_reflns.pdbx_CC_half                                   0.998 
_reflns.pdbx_CC_star                                   ? 
_reflns.pdbx_R_split                                   ? 
_reflns.pdbx_Rmerge_I_obs                              0.151 
_reflns.pdbx_Rmerge_I_all                              ? 
_reflns.pdbx_Rsym_value                                ? 
_reflns.pdbx_CC_split_method                           ? 
_reflns.pdbx_aniso_diffraction_limit_axis_1_ortho[1]   ? 
_reflns.pdbx_aniso_diffraction_limit_axis_1_ortho[2]   ? 
_reflns.pdbx_aniso_diffraction_limit_axis_1_ortho[3]   ? 
_reflns.pdbx_aniso_diffraction_limit_axis_2_ortho[1]   ? 
_reflns.pdbx_aniso_diffraction_limit_axis_2_ortho[2]   ? 
_reflns.pdbx_aniso_diffraction_limit_axis_2_ortho[3]   ? 
_reflns.pdbx_aniso_diffraction_limit_axis_3_ortho[1]   ? 
_reflns.pdbx_aniso_diffraction_limit_axis_3_ortho[2]   ? 
_reflns.pdbx_aniso_diffraction_limit_axis_3_ortho[3]   ? 
_reflns.pdbx_aniso_diffraction_limit_1                 ? 
_reflns.pdbx_aniso_diffraction_limit_2                 ? 
_reflns.pdbx_aniso_diffraction_limit_3                 ? 
_reflns.pdbx_aniso_B_tensor_eigenvector_1_ortho[1]     ? 
_reflns.pdbx_aniso_B_tensor_eigenvector_1_ortho[2]     ? 
_reflns.pdbx_aniso_B_tensor_eigenvector_1_ortho[3]     ? 
_reflns.pdbx_aniso_B_tensor_eigenvector_2_ortho[1]     ? 
_reflns.pdbx_aniso_B_tensor_eigenvector_2_ortho[2]     ? 
_reflns.pdbx_aniso_B_tensor_eigenvector_2_ortho[3]     ? 
_reflns.pdbx_aniso_B_tensor_eigenvector_3_ortho[1]     ? 
_reflns.pdbx_aniso_B_tensor_eigenvector_3_ortho[2]     ? 
_reflns.pdbx_aniso_B_tensor_eigenvector_3_ortho[3]     ? 
_reflns.pdbx_aniso_B_tensor_eigenvalue_1               ? 
_reflns.pdbx_aniso_B_tensor_eigenvalue_2               ? 
_reflns.pdbx_aniso_B_tensor_eigenvalue_3               ? 
_reflns.pdbx_orthogonalization_convention              ? 
_reflns.pdbx_percent_possible_ellipsoidal              ? 
_reflns.pdbx_percent_possible_spherical                ? 
_reflns.pdbx_percent_possible_ellipsoidal_anomalous    ? 
_reflns.pdbx_percent_possible_spherical_anomalous      ? 
_reflns.pdbx_redundancy_anomalous                      ? 
_reflns.pdbx_CC_half_anomalous                         ? 
_reflns.pdbx_absDiff_over_sigma_anomalous              ? 
_reflns.pdbx_percent_possible_anomalous                ? 
_reflns.pdbx_observed_signal_threshold                 ? 
_reflns.pdbx_signal_type                               ? 
_reflns.pdbx_signal_details                            ? 
_reflns.pdbx_signal_software_id                        ? 
# 
_reflns_shell.d_res_high                                    1.83 
_reflns_shell.d_res_low                                     1.9 
_reflns_shell.meanI_over_sigI_all                           ? 
_reflns_shell.meanI_over_sigI_obs                           2.8 
_reflns_shell.number_measured_all                           ? 
_reflns_shell.number_measured_obs                           ? 
_reflns_shell.number_possible                               ? 
_reflns_shell.number_unique_all                             ? 
_reflns_shell.number_unique_obs                             1248 
_reflns_shell.percent_possible_obs                          ? 
_reflns_shell.Rmerge_F_all                                  ? 
_reflns_shell.Rmerge_F_obs                                  ? 
_reflns_shell.meanI_over_sigI_gt                            ? 
_reflns_shell.meanI_over_uI_all                             ? 
_reflns_shell.meanI_over_uI_gt                              ? 
_reflns_shell.number_measured_gt                            ? 
_reflns_shell.number_unique_gt                              ? 
_reflns_shell.percent_possible_gt                           ? 
_reflns_shell.Rmerge_F_gt                                   ? 
_reflns_shell.Rmerge_I_gt                                   ? 
_reflns_shell.pdbx_redundancy                               9.3 
_reflns_shell.pdbx_chi_squared                              ? 
_reflns_shell.pdbx_netI_over_sigmaI_all                     ? 
_reflns_shell.pdbx_netI_over_sigmaI_obs                     ? 
_reflns_shell.pdbx_Rrim_I_all                               0.730 
_reflns_shell.pdbx_Rpim_I_all                               0.231 
_reflns_shell.pdbx_rejects                                  ? 
_reflns_shell.pdbx_ordinal                                  1 
_reflns_shell.pdbx_diffrn_id                                1 
_reflns_shell.pdbx_CC_half                                  0.841 
_reflns_shell.pdbx_CC_star                                  ? 
_reflns_shell.pdbx_R_split                                  ? 
_reflns_shell.percent_possible_all                          93.06 
_reflns_shell.Rmerge_I_all                                  ? 
_reflns_shell.Rmerge_I_obs                                  0.689 
_reflns_shell.pdbx_Rsym_value                               ? 
_reflns_shell.pdbx_percent_possible_ellipsoidal             ? 
_reflns_shell.pdbx_percent_possible_spherical               ? 
_reflns_shell.pdbx_percent_possible_ellipsoidal_anomalous   ? 
_reflns_shell.pdbx_percent_possible_spherical_anomalous     ? 
_reflns_shell.pdbx_redundancy_anomalous                     ? 
_reflns_shell.pdbx_CC_half_anomalous                        ? 
_reflns_shell.pdbx_absDiff_over_sigma_anomalous             ? 
_reflns_shell.pdbx_percent_possible_anomalous               ? 
# 
_refine.aniso_B[1][1]                            ? 
_refine.aniso_B[1][2]                            ? 
_refine.aniso_B[1][3]                            ? 
_refine.aniso_B[2][2]                            ? 
_refine.aniso_B[2][3]                            ? 
_refine.aniso_B[3][3]                            ? 
_refine.B_iso_max                                ? 
_refine.B_iso_mean                               21.93 
_refine.B_iso_min                                ? 
_refine.correlation_coeff_Fo_to_Fc               ? 
_refine.correlation_coeff_Fo_to_Fc_free          ? 
_refine.details                                  ? 
_refine.diff_density_max                         ? 
_refine.diff_density_max_esd                     ? 
_refine.diff_density_min                         ? 
_refine.diff_density_min_esd                     ? 
_refine.diff_density_rms                         ? 
_refine.diff_density_rms_esd                     ? 
_refine.entry_id                                 9D5D 
_refine.pdbx_refine_id                           'X-RAY DIFFRACTION' 
_refine.ls_abs_structure_details                 ? 
_refine.ls_abs_structure_Flack                   ? 
_refine.ls_abs_structure_Flack_esd               ? 
_refine.ls_abs_structure_Rogers                  ? 
_refine.ls_abs_structure_Rogers_esd              ? 
_refine.ls_d_res_high                            1.83 
_refine.ls_d_res_low                             37.93 
_refine.ls_extinction_coef                       ? 
_refine.ls_extinction_coef_esd                   ? 
_refine.ls_extinction_expression                 ? 
_refine.ls_extinction_method                     ? 
_refine.ls_goodness_of_fit_all                   ? 
_refine.ls_goodness_of_fit_all_esd               ? 
_refine.ls_goodness_of_fit_obs                   ? 
_refine.ls_goodness_of_fit_obs_esd               ? 
_refine.ls_hydrogen_treatment                    ? 
_refine.ls_matrix_type                           ? 
_refine.ls_number_constraints                    ? 
_refine.ls_number_parameters                     ? 
_refine.ls_number_reflns_all                     ? 
_refine.ls_number_reflns_obs                     13614 
_refine.ls_number_reflns_R_free                  1362 
_refine.ls_number_reflns_R_work                  12252 
_refine.ls_number_restraints                     ? 
_refine.ls_percent_reflns_obs                    99.21 
_refine.ls_percent_reflns_R_free                 10.00 
_refine.ls_R_factor_all                          ? 
_refine.ls_R_factor_obs                          0.1900 
_refine.ls_R_factor_R_free                       0.2229 
_refine.ls_R_factor_R_free_error                 ? 
_refine.ls_R_factor_R_free_error_details         ? 
_refine.ls_R_factor_R_work                       0.1864 
_refine.ls_R_Fsqd_factor_obs                     ? 
_refine.ls_R_I_factor_obs                        ? 
_refine.ls_redundancy_reflns_all                 ? 
_refine.ls_redundancy_reflns_obs                 ? 
_refine.ls_restrained_S_all                      ? 
_refine.ls_restrained_S_obs                      ? 
_refine.ls_shift_over_esd_max                    ? 
_refine.ls_shift_over_esd_mean                   ? 
_refine.ls_structure_factor_coef                 ? 
_refine.ls_weighting_details                     ? 
_refine.ls_weighting_scheme                      ? 
_refine.ls_wR_factor_all                         ? 
_refine.ls_wR_factor_obs                         ? 
_refine.ls_wR_factor_R_free                      ? 
_refine.ls_wR_factor_R_work                      ? 
_refine.occupancy_max                            ? 
_refine.occupancy_min                            ? 
_refine.solvent_model_details                    'FLAT BULK SOLVENT MODEL' 
_refine.solvent_model_param_bsol                 ? 
_refine.solvent_model_param_ksol                 ? 
_refine.pdbx_R_complete                          ? 
_refine.ls_R_factor_gt                           ? 
_refine.ls_goodness_of_fit_gt                    ? 
_refine.ls_goodness_of_fit_ref                   ? 
_refine.ls_shift_over_su_max                     ? 
_refine.ls_shift_over_su_max_lt                  ? 
_refine.ls_shift_over_su_mean                    ? 
_refine.ls_shift_over_su_mean_lt                 ? 
_refine.pdbx_ls_sigma_I                          ? 
_refine.pdbx_ls_sigma_F                          1.35 
_refine.pdbx_ls_sigma_Fsqd                       ? 
_refine.pdbx_data_cutoff_high_absF               ? 
_refine.pdbx_data_cutoff_high_rms_absF           ? 
_refine.pdbx_data_cutoff_low_absF                ? 
_refine.pdbx_isotropic_thermal_model             ? 
_refine.pdbx_ls_cross_valid_method               'FREE R-VALUE' 
_refine.pdbx_method_to_determine_struct          'MOLECULAR REPLACEMENT' 
_refine.pdbx_starting_model                      ? 
_refine.pdbx_stereochemistry_target_values       'GeoStd + Monomer Library + CDL v1.2' 
_refine.pdbx_R_Free_selection_details            ? 
_refine.pdbx_stereochem_target_val_spec_case     ? 
_refine.pdbx_overall_ESU_R                       ? 
_refine.pdbx_overall_ESU_R_Free                  ? 
_refine.pdbx_solvent_vdw_probe_radii             1.1000 
_refine.pdbx_solvent_ion_probe_radii             ? 
_refine.pdbx_solvent_shrinkage_radii             0.9000 
_refine.pdbx_real_space_R                        ? 
_refine.pdbx_density_correlation                 ? 
_refine.pdbx_pd_number_of_powder_patterns        ? 
_refine.pdbx_pd_number_of_points                 ? 
_refine.pdbx_pd_meas_number_of_points            ? 
_refine.pdbx_pd_proc_ls_prof_R_factor            ? 
_refine.pdbx_pd_proc_ls_prof_wR_factor           ? 
_refine.pdbx_pd_Marquardt_correlation_coeff      ? 
_refine.pdbx_pd_Fsqrd_R_factor                   ? 
_refine.pdbx_pd_ls_matrix_band_width             ? 
_refine.pdbx_overall_phase_error                 20.2669 
_refine.pdbx_overall_SU_R_free_Cruickshank_DPI   ? 
_refine.pdbx_overall_SU_R_free_Blow_DPI          ? 
_refine.pdbx_overall_SU_R_Blow_DPI               ? 
_refine.pdbx_TLS_residual_ADP_flag               ? 
_refine.pdbx_diffrn_id                           1 
_refine.overall_SU_B                             ? 
_refine.overall_SU_ML                            0.1935 
_refine.overall_SU_R_Cruickshank_DPI             ? 
_refine.overall_SU_R_free                        ? 
_refine.overall_FOM_free_R_set                   ? 
_refine.overall_FOM_work_R_set                   ? 
_refine.pdbx_average_fsc_overall                 ? 
_refine.pdbx_average_fsc_work                    ? 
_refine.pdbx_average_fsc_free                    ? 
# 
_refine_hist.pdbx_refine_id                   'X-RAY DIFFRACTION' 
_refine_hist.cycle_id                         LAST 
_refine_hist.details                          ? 
_refine_hist.d_res_high                       1.83 
_refine_hist.d_res_low                        37.93 
_refine_hist.number_atoms_solvent             156 
_refine_hist.number_atoms_total               1410 
_refine_hist.number_reflns_all                ? 
_refine_hist.number_reflns_obs                ? 
_refine_hist.number_reflns_R_free             ? 
_refine_hist.number_reflns_R_work             ? 
_refine_hist.R_factor_all                     ? 
_refine_hist.R_factor_obs                     ? 
_refine_hist.R_factor_R_free                  ? 
_refine_hist.R_factor_R_work                  ? 
_refine_hist.pdbx_number_residues_total       ? 
_refine_hist.pdbx_B_iso_mean_ligand           ? 
_refine_hist.pdbx_B_iso_mean_solvent          ? 
_refine_hist.pdbx_number_atoms_protein        1254 
_refine_hist.pdbx_number_atoms_nucleic_acid   0 
_refine_hist.pdbx_number_atoms_ligand         0 
_refine_hist.pdbx_number_atoms_lipid          ? 
_refine_hist.pdbx_number_atoms_carb           ? 
_refine_hist.pdbx_pseudo_atom_details         ? 
# 
loop_
_refine_ls_restr.pdbx_refine_id 
_refine_ls_restr.criterion 
_refine_ls_restr.dev_ideal 
_refine_ls_restr.dev_ideal_target 
_refine_ls_restr.number 
_refine_ls_restr.rejects 
_refine_ls_restr.type 
_refine_ls_restr.weight 
_refine_ls_restr.pdbx_restraint_function 
'X-RAY DIFFRACTION' ? 0.0083  ? 1286 ? f_bond_d           ? ? 
'X-RAY DIFFRACTION' ? 1.0674  ? 1745 ? f_angle_d          ? ? 
'X-RAY DIFFRACTION' ? 0.0732  ? 190  ? f_chiral_restr     ? ? 
'X-RAY DIFFRACTION' ? 0.0056  ? 224  ? f_plane_restr      ? ? 
'X-RAY DIFFRACTION' ? 17.0777 ? 468  ? f_dihedral_angle_d ? ? 
# 
loop_
_refine_ls_shell.pdbx_refine_id 
_refine_ls_shell.d_res_high 
_refine_ls_shell.d_res_low 
_refine_ls_shell.number_reflns_all 
_refine_ls_shell.number_reflns_obs 
_refine_ls_shell.number_reflns_R_free 
_refine_ls_shell.number_reflns_R_work 
_refine_ls_shell.percent_reflns_obs 
_refine_ls_shell.percent_reflns_R_free 
_refine_ls_shell.R_factor_all 
_refine_ls_shell.R_factor_obs 
_refine_ls_shell.R_factor_R_free_error 
_refine_ls_shell.R_factor_R_work 
_refine_ls_shell.redundancy_reflns_all 
_refine_ls_shell.redundancy_reflns_obs 
_refine_ls_shell.wR_factor_all 
_refine_ls_shell.wR_factor_obs 
_refine_ls_shell.wR_factor_R_free 
_refine_ls_shell.wR_factor_R_work 
_refine_ls_shell.pdbx_R_complete 
_refine_ls_shell.pdbx_total_number_of_bins_used 
_refine_ls_shell.pdbx_phase_error 
_refine_ls_shell.pdbx_fsc_work 
_refine_ls_shell.pdbx_fsc_free 
_refine_ls_shell.R_factor_R_free 
'X-RAY DIFFRACTION' 1.83 1.90  . . 125 1123 93.06  . . . . 0.2604 . . . . . . . . . . . 0.3009 
'X-RAY DIFFRACTION' 1.90 1.97  . . 132 1188 98.88  . . . . 0.2015 . . . . . . . . . . . 0.2470 
'X-RAY DIFFRACTION' 1.97 2.06  . . 133 1195 100.00 . . . . 0.1831 . . . . . . . . . . . 0.2187 
'X-RAY DIFFRACTION' 2.06 2.17  . . 135 1219 100.00 . . . . 0.1780 . . . . . . . . . . . 0.2322 
'X-RAY DIFFRACTION' 2.17 2.31  . . 134 1205 100.00 . . . . 0.1947 . . . . . . . . . . . 0.2760 
'X-RAY DIFFRACTION' 2.31 2.48  . . 137 1231 100.00 . . . . 0.1984 . . . . . . . . . . . 0.2657 
'X-RAY DIFFRACTION' 2.48 2.73  . . 135 1221 100.00 . . . . 0.2067 . . . . . . . . . . . 0.2562 
'X-RAY DIFFRACTION' 2.73 3.13  . . 139 1243 100.00 . . . . 0.1904 . . . . . . . . . . . 0.2417 
'X-RAY DIFFRACTION' 3.13 3.94  . . 140 1269 100.00 . . . . 0.1626 . . . . . . . . . . . 0.1896 
'X-RAY DIFFRACTION' 3.94 37.93 . . 152 1358 100.00 . . . . 0.1793 . . . . . . . . . . . 0.1804 
# 
_struct.entry_id                     9D5D 
_struct.title                        'Crystal Structure of Blood Coagulation Factor VIII C2 Domain Mutant L2251A/L2252A' 
_struct.pdbx_model_details           ? 
_struct.pdbx_formula_weight          ? 
_struct.pdbx_formula_weight_method   ? 
_struct.pdbx_model_type_details      ? 
_struct.pdbx_CASP_flag               N 
# 
_struct_keywords.entry_id        9D5D 
_struct_keywords.text            
'Blood coagulation factor VIII, lipid binding protein, factor VIII C2 domain mutant, BLOOD CLOTTING' 
_struct_keywords.pdbx_keywords   'BLOOD CLOTTING' 
# 
loop_
_struct_asym.id 
_struct_asym.pdbx_blank_PDB_chainid_flag 
_struct_asym.pdbx_modified 
_struct_asym.entity_id 
_struct_asym.details 
A N N 1 ? 
B N N 2 ? 
# 
_struct_ref.id                         1 
_struct_ref.db_name                    UNP 
_struct_ref.db_code                    FA8_HUMAN 
_struct_ref.pdbx_db_accession          P00451 
_struct_ref.pdbx_db_isoform            ? 
_struct_ref.entity_id                  1 
_struct_ref.pdbx_seq_one_letter_code   
;NSCSMPLGMESKAISDAQITASSYFTNMFATWSPSKARLHLQGRSNAWRPQVNNPKEWLQVDFQKTMKVTGVTTQGVKSL
LTSMYVKEFLISSSQDGHQWTLFFQNGKVKVFQGNQDSFTPVVNSLDPPLLTRYLRIHPQSWVHQIALRMEVLGCEAQDL
Y
;
_struct_ref.pdbx_align_begin           2191 
# 
_struct_ref_seq.align_id                      1 
_struct_ref_seq.ref_id                        1 
_struct_ref_seq.pdbx_PDB_id_code              9D5D 
_struct_ref_seq.pdbx_strand_id                M 
_struct_ref_seq.seq_align_beg                 4 
_struct_ref_seq.pdbx_seq_align_beg_ins_code   ? 
_struct_ref_seq.seq_align_end                 164 
_struct_ref_seq.pdbx_seq_align_end_ins_code   ? 
_struct_ref_seq.pdbx_db_accession             P00451 
_struct_ref_seq.db_align_beg                  2191 
_struct_ref_seq.pdbx_db_align_beg_ins_code    ? 
_struct_ref_seq.db_align_end                  2351 
_struct_ref_seq.pdbx_db_align_end_ins_code    ? 
_struct_ref_seq.pdbx_auth_seq_align_beg       2172 
_struct_ref_seq.pdbx_auth_seq_align_end       2332 
# 
loop_
_struct_ref_seq_dif.align_id 
_struct_ref_seq_dif.pdbx_pdb_id_code 
_struct_ref_seq_dif.mon_id 
_struct_ref_seq_dif.pdbx_pdb_strand_id 
_struct_ref_seq_dif.seq_num 
_struct_ref_seq_dif.pdbx_pdb_ins_code 
_struct_ref_seq_dif.pdbx_seq_db_name 
_struct_ref_seq_dif.pdbx_seq_db_accession_code 
_struct_ref_seq_dif.db_mon_id 
_struct_ref_seq_dif.pdbx_seq_db_seq_num 
_struct_ref_seq_dif.details 
_struct_ref_seq_dif.pdbx_auth_seq_num 
_struct_ref_seq_dif.pdbx_ordinal 
1 9D5D GLY M 1  ? UNP P00451 ?   ?    'expression tag'      2169 1 
1 9D5D HIS M 2  ? UNP P00451 ?   ?    'expression tag'      2170 2 
1 9D5D MET M 3  ? UNP P00451 ?   ?    'expression tag'      2171 3 
1 9D5D ALA M 83 ? UNP P00451 LEU 2270 'engineered mutation' 2251 4 
1 9D5D ALA M 84 ? UNP P00451 LEU 2271 'engineered mutation' 2252 5 
# 
_pdbx_struct_assembly.id                   1 
_pdbx_struct_assembly.details              author_and_software_defined_assembly 
_pdbx_struct_assembly.method_details       PISA 
_pdbx_struct_assembly.oligomeric_details   monomeric 
_pdbx_struct_assembly.oligomeric_count     1 
# 
loop_
_pdbx_struct_assembly_prop.biol_id 
_pdbx_struct_assembly_prop.type 
_pdbx_struct_assembly_prop.value 
_pdbx_struct_assembly_prop.details 
1 'ABSA (A^2)' 0    ? 
1 MORE         0    ? 
1 'SSA (A^2)'  7960 ? 
# 
_pdbx_struct_assembly_gen.assembly_id       1 
_pdbx_struct_assembly_gen.oper_expression   1 
_pdbx_struct_assembly_gen.asym_id_list      A,B 
# 
_pdbx_struct_assembly_auth_evidence.id                     1 
_pdbx_struct_assembly_auth_evidence.assembly_id            1 
_pdbx_struct_assembly_auth_evidence.experimental_support   'mass spectrometry' 
_pdbx_struct_assembly_auth_evidence.details                ? 
# 
_pdbx_struct_oper_list.id                   1 
_pdbx_struct_oper_list.type                 'identity operation' 
_pdbx_struct_oper_list.name                 1_555 
_pdbx_struct_oper_list.symmetry_operation   x,y,z 
_pdbx_struct_oper_list.matrix[1][1]         1.0000000000 
_pdbx_struct_oper_list.matrix[1][2]         0.0000000000 
_pdbx_struct_oper_list.matrix[1][3]         0.0000000000 
_pdbx_struct_oper_list.vector[1]            0.0000000000 
_pdbx_struct_oper_list.matrix[2][1]         0.0000000000 
_pdbx_struct_oper_list.matrix[2][2]         1.0000000000 
_pdbx_struct_oper_list.matrix[2][3]         0.0000000000 
_pdbx_struct_oper_list.vector[2]            0.0000000000 
_pdbx_struct_oper_list.matrix[3][1]         0.0000000000 
_pdbx_struct_oper_list.matrix[3][2]         0.0000000000 
_pdbx_struct_oper_list.matrix[3][3]         1.0000000000 
_pdbx_struct_oper_list.vector[3]            0.0000000000 
# 
loop_
_struct_conf.conf_type_id 
_struct_conf.id 
_struct_conf.pdbx_PDB_helix_id 
_struct_conf.beg_label_comp_id 
_struct_conf.beg_label_asym_id 
_struct_conf.beg_label_seq_id 
_struct_conf.pdbx_beg_PDB_ins_code 
_struct_conf.end_label_comp_id 
_struct_conf.end_label_asym_id 
_struct_conf.end_label_seq_id 
_struct_conf.pdbx_end_PDB_ins_code 
_struct_conf.beg_auth_comp_id 
_struct_conf.beg_auth_asym_id 
_struct_conf.beg_auth_seq_id 
_struct_conf.end_auth_comp_id 
_struct_conf.end_auth_asym_id 
_struct_conf.end_auth_seq_id 
_struct_conf.pdbx_PDB_helix_class 
_struct_conf.details 
_struct_conf.pdbx_PDB_helix_length 
HELX_P HELX_P1 AA1 SER A 18 ? ALA A 20 ? SER M 2186 ALA M 2188 5 ? 3 
HELX_P HELX_P2 AA2 SER A 36 ? ALA A 40 ? SER M 2204 ALA M 2208 5 ? 5 
# 
_struct_conf_type.id          HELX_P 
_struct_conf_type.criteria    ? 
_struct_conf_type.reference   ? 
# 
_struct_conn.id                            disulf1 
_struct_conn.conn_type_id                  disulf 
_struct_conn.pdbx_leaving_atom_flag        ? 
_struct_conn.pdbx_PDB_id                   ? 
_struct_conn.ptnr1_label_asym_id           A 
_struct_conn.ptnr1_label_comp_id           CYS 
_struct_conn.ptnr1_label_seq_id            6 
_struct_conn.ptnr1_label_atom_id           SG 
_struct_conn.pdbx_ptnr1_label_alt_id       ? 
_struct_conn.pdbx_ptnr1_PDB_ins_code       ? 
_struct_conn.pdbx_ptnr1_standard_comp_id   ? 
_struct_conn.ptnr1_symmetry                1_555 
_struct_conn.ptnr2_label_asym_id           A 
_struct_conn.ptnr2_label_comp_id           CYS 
_struct_conn.ptnr2_label_seq_id            158 
_struct_conn.ptnr2_label_atom_id           SG 
_struct_conn.pdbx_ptnr2_label_alt_id       ? 
_struct_conn.pdbx_ptnr2_PDB_ins_code       ? 
_struct_conn.ptnr1_auth_asym_id            M 
_struct_conn.ptnr1_auth_comp_id            CYS 
_struct_conn.ptnr1_auth_seq_id             2174 
_struct_conn.ptnr2_auth_asym_id            M 
_struct_conn.ptnr2_auth_comp_id            CYS 
_struct_conn.ptnr2_auth_seq_id             2326 
_struct_conn.ptnr2_symmetry                1_555 
_struct_conn.pdbx_ptnr3_label_atom_id      ? 
_struct_conn.pdbx_ptnr3_label_seq_id       ? 
_struct_conn.pdbx_ptnr3_label_comp_id      ? 
_struct_conn.pdbx_ptnr3_label_asym_id      ? 
_struct_conn.pdbx_ptnr3_label_alt_id       ? 
_struct_conn.pdbx_ptnr3_PDB_ins_code       ? 
_struct_conn.details                       ? 
_struct_conn.pdbx_dist_value               2.043 
_struct_conn.pdbx_value_order              ? 
_struct_conn.pdbx_role                     ? 
# 
_struct_conn_type.id          disulf 
_struct_conn_type.criteria    ? 
_struct_conn_type.reference   ? 
# 
_pdbx_modification_feature.ordinal                            1 
_pdbx_modification_feature.label_comp_id                      CYS 
_pdbx_modification_feature.label_asym_id                      A 
_pdbx_modification_feature.label_seq_id                       6 
_pdbx_modification_feature.label_alt_id                       ? 
_pdbx_modification_feature.modified_residue_label_comp_id     CYS 
_pdbx_modification_feature.modified_residue_label_asym_id     A 
_pdbx_modification_feature.modified_residue_label_seq_id      158 
_pdbx_modification_feature.modified_residue_label_alt_id      ? 
_pdbx_modification_feature.auth_comp_id                       CYS 
_pdbx_modification_feature.auth_asym_id                       M 
_pdbx_modification_feature.auth_seq_id                        2174 
_pdbx_modification_feature.PDB_ins_code                       ? 
_pdbx_modification_feature.symmetry                           1_555 
_pdbx_modification_feature.modified_residue_auth_comp_id      CYS 
_pdbx_modification_feature.modified_residue_auth_asym_id      M 
_pdbx_modification_feature.modified_residue_auth_seq_id       2326 
_pdbx_modification_feature.modified_residue_PDB_ins_code      ? 
_pdbx_modification_feature.modified_residue_symmetry          1_555 
_pdbx_modification_feature.comp_id_linking_atom               SG 
_pdbx_modification_feature.modified_residue_id_linking_atom   SG 
_pdbx_modification_feature.modified_residue_id                . 
_pdbx_modification_feature.ref_pcm_id                         . 
_pdbx_modification_feature.ref_comp_id                        . 
_pdbx_modification_feature.type                               None 
_pdbx_modification_feature.category                           'Disulfide bridge' 
# 
_struct_mon_prot_cis.pdbx_id                1 
_struct_mon_prot_cis.label_comp_id          ASP 
_struct_mon_prot_cis.label_seq_id           130 
_struct_mon_prot_cis.label_asym_id          A 
_struct_mon_prot_cis.label_alt_id           . 
_struct_mon_prot_cis.pdbx_PDB_ins_code      ? 
_struct_mon_prot_cis.auth_comp_id           ASP 
_struct_mon_prot_cis.auth_seq_id            2298 
_struct_mon_prot_cis.auth_asym_id           M 
_struct_mon_prot_cis.pdbx_label_comp_id_2   PRO 
_struct_mon_prot_cis.pdbx_label_seq_id_2    131 
_struct_mon_prot_cis.pdbx_label_asym_id_2   A 
_struct_mon_prot_cis.pdbx_PDB_ins_code_2    ? 
_struct_mon_prot_cis.pdbx_auth_comp_id_2    PRO 
_struct_mon_prot_cis.pdbx_auth_seq_id_2     2299 
_struct_mon_prot_cis.pdbx_auth_asym_id_2    M 
_struct_mon_prot_cis.pdbx_PDB_model_num     1 
_struct_mon_prot_cis.pdbx_omega_angle       12.30 
# 
loop_
_struct_sheet.id 
_struct_sheet.type 
_struct_sheet.number_strands 
_struct_sheet.details 
AA1 ? 9 ? 
AA2 ? 2 ? 
# 
loop_
_struct_sheet_order.sheet_id 
_struct_sheet_order.range_id_1 
_struct_sheet_order.range_id_2 
_struct_sheet_order.offset 
_struct_sheet_order.sense 
AA1 1 9 ? anti-parallel 
AA1 2 3 ? anti-parallel 
AA1 3 8 ? anti-parallel 
AA1 3 9 ? anti-parallel 
AA1 4 5 ? anti-parallel 
AA1 5 6 ? anti-parallel 
AA1 5 7 ? anti-parallel 
AA1 5 8 ? anti-parallel 
AA2 1 2 ? anti-parallel 
# 
loop_
_struct_sheet_range.sheet_id 
_struct_sheet_range.id 
_struct_sheet_range.beg_label_comp_id 
_struct_sheet_range.beg_label_asym_id 
_struct_sheet_range.beg_label_seq_id 
_struct_sheet_range.pdbx_beg_PDB_ins_code 
_struct_sheet_range.end_label_comp_id 
_struct_sheet_range.end_label_asym_id 
_struct_sheet_range.end_label_seq_id 
_struct_sheet_range.pdbx_end_PDB_ins_code 
_struct_sheet_range.beg_auth_comp_id 
_struct_sheet_range.beg_auth_asym_id 
_struct_sheet_range.beg_auth_seq_id 
_struct_sheet_range.end_auth_comp_id 
_struct_sheet_range.end_auth_asym_id 
_struct_sheet_range.end_auth_seq_id 
AA1 1 MET A 8   ? PRO A 9   ? MET M 2176 PRO M 2177 
AA1 2 ILE A 22  ? ALA A 24  ? ILE M 2190 ALA M 2192 
AA1 3 LEU A 62  ? GLN A 78  ? LEU M 2230 GLN M 2246 
AA1 4 VAL A 80  ? SER A 82  ? VAL M 2248 SER M 2250 
AA1 5 THR A 85  ? SER A 97  ? THR M 2253 SER M 2265 
AA1 6 TRP A 103 ? LEU A 105 ? TRP M 2271 LEU M 2273 
AA1 7 PHE A 115 ? GLN A 116 ? PHE M 2283 GLN M 2284 
AA1 8 VAL A 125 ? VAL A 146 ? VAL M 2293 VAL M 2314 
AA1 9 ARG A 152 ? GLU A 159 ? ARG M 2320 GLU M 2327 
AA2 1 PHE A 107 ? GLN A 108 ? PHE M 2275 GLN M 2276 
AA2 2 LYS A 111 ? VAL A 112 ? LYS M 2279 VAL M 2280 
# 
loop_
_pdbx_struct_sheet_hbond.sheet_id 
_pdbx_struct_sheet_hbond.range_id_1 
_pdbx_struct_sheet_hbond.range_id_2 
_pdbx_struct_sheet_hbond.range_1_label_atom_id 
_pdbx_struct_sheet_hbond.range_1_label_comp_id 
_pdbx_struct_sheet_hbond.range_1_label_asym_id 
_pdbx_struct_sheet_hbond.range_1_label_seq_id 
_pdbx_struct_sheet_hbond.range_1_PDB_ins_code 
_pdbx_struct_sheet_hbond.range_1_auth_atom_id 
_pdbx_struct_sheet_hbond.range_1_auth_comp_id 
_pdbx_struct_sheet_hbond.range_1_auth_asym_id 
_pdbx_struct_sheet_hbond.range_1_auth_seq_id 
_pdbx_struct_sheet_hbond.range_2_label_atom_id 
_pdbx_struct_sheet_hbond.range_2_label_comp_id 
_pdbx_struct_sheet_hbond.range_2_label_asym_id 
_pdbx_struct_sheet_hbond.range_2_label_seq_id 
_pdbx_struct_sheet_hbond.range_2_PDB_ins_code 
_pdbx_struct_sheet_hbond.range_2_auth_atom_id 
_pdbx_struct_sheet_hbond.range_2_auth_comp_id 
_pdbx_struct_sheet_hbond.range_2_auth_asym_id 
_pdbx_struct_sheet_hbond.range_2_auth_seq_id 
AA1 1 9 N MET A 8   ? N MET M 2176 O GLY A 157 ? O GLY M 2325 
AA1 2 3 N THR A 23  ? N THR M 2191 O GLN A 63  ? O GLN M 2231 
AA1 3 8 N VAL A 72  ? N VAL M 2240 O LEU A 133 ? O LEU M 2301 
AA1 3 9 N THR A 76  ? N THR M 2244 O GLU A 154 ? O GLU M 2322 
AA1 4 5 N VAL A 80  ? N VAL M 2248 O MET A 87  ? O MET M 2255 
AA1 5 6 N SER A 96  ? N SER M 2264 O THR A 104 ? O THR M 2272 
AA1 5 7 N PHE A 92  ? N PHE M 2260 O PHE A 115 ? O PHE M 2283 
AA1 5 8 N LEU A 93  ? N LEU M 2261 O HIS A 141 ? O HIS M 2309 
AA2 1 2 N GLN A 108 ? N GLN M 2276 O LYS A 111 ? O LYS M 2279 
# 
_pdbx_entry_details.entry_id                   9D5D 
_pdbx_entry_details.compound_details           ? 
_pdbx_entry_details.source_details             ? 
_pdbx_entry_details.nonpolymer_details         ? 
_pdbx_entry_details.sequence_details           ? 
_pdbx_entry_details.has_ligand_of_interest     ? 
_pdbx_entry_details.has_protein_modification   Y 
# 
loop_
_pdbx_validate_close_contact.id 
_pdbx_validate_close_contact.PDB_model_num 
_pdbx_validate_close_contact.auth_atom_id_1 
_pdbx_validate_close_contact.auth_asym_id_1 
_pdbx_validate_close_contact.auth_comp_id_1 
_pdbx_validate_close_contact.auth_seq_id_1 
_pdbx_validate_close_contact.PDB_ins_code_1 
_pdbx_validate_close_contact.label_alt_id_1 
_pdbx_validate_close_contact.auth_atom_id_2 
_pdbx_validate_close_contact.auth_asym_id_2 
_pdbx_validate_close_contact.auth_comp_id_2 
_pdbx_validate_close_contact.auth_seq_id_2 
_pdbx_validate_close_contact.PDB_ins_code_2 
_pdbx_validate_close_contact.label_alt_id_2 
_pdbx_validate_close_contact.dist 
1 1 O M HOH 2421 ? ? O M HOH 2475 ? ? 1.85 
2 1 O M HOH 2427 ? ? O M HOH 2493 ? ? 2.04 
3 1 O M HOH 2401 ? ? O M HOH 2534 ? ? 2.06 
4 1 O M HOH 2424 ? ? O M HOH 2541 ? ? 2.10 
# 
loop_
_pdbx_validate_symm_contact.id 
_pdbx_validate_symm_contact.PDB_model_num 
_pdbx_validate_symm_contact.auth_atom_id_1 
_pdbx_validate_symm_contact.auth_asym_id_1 
_pdbx_validate_symm_contact.auth_comp_id_1 
_pdbx_validate_symm_contact.auth_seq_id_1 
_pdbx_validate_symm_contact.PDB_ins_code_1 
_pdbx_validate_symm_contact.label_alt_id_1 
_pdbx_validate_symm_contact.site_symmetry_1 
_pdbx_validate_symm_contact.auth_atom_id_2 
_pdbx_validate_symm_contact.auth_asym_id_2 
_pdbx_validate_symm_contact.auth_comp_id_2 
_pdbx_validate_symm_contact.auth_seq_id_2 
_pdbx_validate_symm_contact.PDB_ins_code_2 
_pdbx_validate_symm_contact.label_alt_id_2 
_pdbx_validate_symm_contact.site_symmetry_2 
_pdbx_validate_symm_contact.dist 
1 1 O M HOH 2519 ? ? 1_555 O M HOH 2528 ? ? 4_565 1.93 
2 1 O M HOH 2529 ? ? 1_555 O M HOH 2550 ? ? 4_565 2.18 
# 
loop_
_pdbx_validate_torsion.id 
_pdbx_validate_torsion.PDB_model_num 
_pdbx_validate_torsion.auth_comp_id 
_pdbx_validate_torsion.auth_asym_id 
_pdbx_validate_torsion.auth_seq_id 
_pdbx_validate_torsion.PDB_ins_code 
_pdbx_validate_torsion.label_alt_id 
_pdbx_validate_torsion.phi 
_pdbx_validate_torsion.psi 
1 1 ASN M 2217 ? ? -90.27 48.06   
2 1 ALA M 2251 ? ? 57.59  -115.38 
3 1 HIS M 2315 ? ? 69.29  -61.95  
# 
loop_
_space_group_symop.id 
_space_group_symop.operation_xyz 
1 x,y,z               
2 -y+1/2,x+1/2,z+3/4  
3 y+1/2,-x+1/2,z+1/4  
4 x+1/2,-y+1/2,-z+1/4 
5 -x+1/2,y+1/2,-z+3/4 
6 -x,-y,z+1/2         
7 y,x,-z              
8 -y,-x,-z+1/2        
# 
loop_
_pdbx_unobs_or_zero_occ_residues.id 
_pdbx_unobs_or_zero_occ_residues.PDB_model_num 
_pdbx_unobs_or_zero_occ_residues.polymer_flag 
_pdbx_unobs_or_zero_occ_residues.occupancy_flag 
_pdbx_unobs_or_zero_occ_residues.auth_asym_id 
_pdbx_unobs_or_zero_occ_residues.auth_comp_id 
_pdbx_unobs_or_zero_occ_residues.auth_seq_id 
_pdbx_unobs_or_zero_occ_residues.PDB_ins_code 
_pdbx_unobs_or_zero_occ_residues.label_asym_id 
_pdbx_unobs_or_zero_occ_residues.label_comp_id 
_pdbx_unobs_or_zero_occ_residues.label_seq_id 
1 1 Y 1 M GLY 2169 ? A GLY 1   
2 1 Y 1 M HIS 2170 ? A HIS 2   
3 1 Y 1 M MET 2171 ? A MET 3   
4 1 Y 1 M ASP 2330 ? A ASP 162 
5 1 Y 1 M LEU 2331 ? A LEU 163 
6 1 Y 1 M TYR 2332 ? A TYR 164 
# 
loop_
_chem_comp_atom.comp_id 
_chem_comp_atom.atom_id 
_chem_comp_atom.type_symbol 
_chem_comp_atom.pdbx_aromatic_flag 
_chem_comp_atom.pdbx_stereo_config 
_chem_comp_atom.pdbx_ordinal 
ALA N    N N N 1   
ALA CA   C N S 2   
ALA C    C N N 3   
ALA O    O N N 4   
ALA CB   C N N 5   
ALA OXT  O N N 6   
ALA H    H N N 7   
ALA H2   H N N 8   
ALA HA   H N N 9   
ALA HB1  H N N 10  
ALA HB2  H N N 11  
ALA HB3  H N N 12  
ALA HXT  H N N 13  
ARG N    N N N 14  
ARG CA   C N S 15  
ARG C    C N N 16  
ARG O    O N N 17  
ARG CB   C N N 18  
ARG CG   C N N 19  
ARG CD   C N N 20  
ARG NE   N N N 21  
ARG CZ   C N N 22  
ARG NH1  N N N 23  
ARG NH2  N N N 24  
ARG OXT  O N N 25  
ARG H    H N N 26  
ARG H2   H N N 27  
ARG HA   H N N 28  
ARG HB2  H N N 29  
ARG HB3  H N N 30  
ARG HG2  H N N 31  
ARG HG3  H N N 32  
ARG HD2  H N N 33  
ARG HD3  H N N 34  
ARG HE   H N N 35  
ARG HH11 H N N 36  
ARG HH12 H N N 37  
ARG HH21 H N N 38  
ARG HH22 H N N 39  
ARG HXT  H N N 40  
ASN N    N N N 41  
ASN CA   C N S 42  
ASN C    C N N 43  
ASN O    O N N 44  
ASN CB   C N N 45  
ASN CG   C N N 46  
ASN OD1  O N N 47  
ASN ND2  N N N 48  
ASN OXT  O N N 49  
ASN H    H N N 50  
ASN H2   H N N 51  
ASN HA   H N N 52  
ASN HB2  H N N 53  
ASN HB3  H N N 54  
ASN HD21 H N N 55  
ASN HD22 H N N 56  
ASN HXT  H N N 57  
ASP N    N N N 58  
ASP CA   C N S 59  
ASP C    C N N 60  
ASP O    O N N 61  
ASP CB   C N N 62  
ASP CG   C N N 63  
ASP OD1  O N N 64  
ASP OD2  O N N 65  
ASP OXT  O N N 66  
ASP H    H N N 67  
ASP H2   H N N 68  
ASP HA   H N N 69  
ASP HB2  H N N 70  
ASP HB3  H N N 71  
ASP HD2  H N N 72  
ASP HXT  H N N 73  
CYS N    N N N 74  
CYS CA   C N R 75  
CYS C    C N N 76  
CYS O    O N N 77  
CYS CB   C N N 78  
CYS SG   S N N 79  
CYS OXT  O N N 80  
CYS H    H N N 81  
CYS H2   H N N 82  
CYS HA   H N N 83  
CYS HB2  H N N 84  
CYS HB3  H N N 85  
CYS HG   H N N 86  
CYS HXT  H N N 87  
GLN N    N N N 88  
GLN CA   C N S 89  
GLN C    C N N 90  
GLN O    O N N 91  
GLN CB   C N N 92  
GLN CG   C N N 93  
GLN CD   C N N 94  
GLN OE1  O N N 95  
GLN NE2  N N N 96  
GLN OXT  O N N 97  
GLN H    H N N 98  
GLN H2   H N N 99  
GLN HA   H N N 100 
GLN HB2  H N N 101 
GLN HB3  H N N 102 
GLN HG2  H N N 103 
GLN HG3  H N N 104 
GLN HE21 H N N 105 
GLN HE22 H N N 106 
GLN HXT  H N N 107 
GLU N    N N N 108 
GLU CA   C N S 109 
GLU C    C N N 110 
GLU O    O N N 111 
GLU CB   C N N 112 
GLU CG   C N N 113 
GLU CD   C N N 114 
GLU OE1  O N N 115 
GLU OE2  O N N 116 
GLU OXT  O N N 117 
GLU H    H N N 118 
GLU H2   H N N 119 
GLU HA   H N N 120 
GLU HB2  H N N 121 
GLU HB3  H N N 122 
GLU HG2  H N N 123 
GLU HG3  H N N 124 
GLU HE2  H N N 125 
GLU HXT  H N N 126 
GLY N    N N N 127 
GLY CA   C N N 128 
GLY C    C N N 129 
GLY O    O N N 130 
GLY OXT  O N N 131 
GLY H    H N N 132 
GLY H2   H N N 133 
GLY HA2  H N N 134 
GLY HA3  H N N 135 
GLY HXT  H N N 136 
HIS N    N N N 137 
HIS CA   C N S 138 
HIS C    C N N 139 
HIS O    O N N 140 
HIS CB   C N N 141 
HIS CG   C Y N 142 
HIS ND1  N Y N 143 
HIS CD2  C Y N 144 
HIS CE1  C Y N 145 
HIS NE2  N Y N 146 
HIS OXT  O N N 147 
HIS H    H N N 148 
HIS H2   H N N 149 
HIS HA   H N N 150 
HIS HB2  H N N 151 
HIS HB3  H N N 152 
HIS HD1  H N N 153 
HIS HD2  H N N 154 
HIS HE1  H N N 155 
HIS HE2  H N N 156 
HIS HXT  H N N 157 
HOH O    O N N 158 
HOH H1   H N N 159 
HOH H2   H N N 160 
ILE N    N N N 161 
ILE CA   C N S 162 
ILE C    C N N 163 
ILE O    O N N 164 
ILE CB   C N S 165 
ILE CG1  C N N 166 
ILE CG2  C N N 167 
ILE CD1  C N N 168 
ILE OXT  O N N 169 
ILE H    H N N 170 
ILE H2   H N N 171 
ILE HA   H N N 172 
ILE HB   H N N 173 
ILE HG12 H N N 174 
ILE HG13 H N N 175 
ILE HG21 H N N 176 
ILE HG22 H N N 177 
ILE HG23 H N N 178 
ILE HD11 H N N 179 
ILE HD12 H N N 180 
ILE HD13 H N N 181 
ILE HXT  H N N 182 
LEU N    N N N 183 
LEU CA   C N S 184 
LEU C    C N N 185 
LEU O    O N N 186 
LEU CB   C N N 187 
LEU CG   C N N 188 
LEU CD1  C N N 189 
LEU CD2  C N N 190 
LEU OXT  O N N 191 
LEU H    H N N 192 
LEU H2   H N N 193 
LEU HA   H N N 194 
LEU HB2  H N N 195 
LEU HB3  H N N 196 
LEU HG   H N N 197 
LEU HD11 H N N 198 
LEU HD12 H N N 199 
LEU HD13 H N N 200 
LEU HD21 H N N 201 
LEU HD22 H N N 202 
LEU HD23 H N N 203 
LEU HXT  H N N 204 
LYS N    N N N 205 
LYS CA   C N S 206 
LYS C    C N N 207 
LYS O    O N N 208 
LYS CB   C N N 209 
LYS CG   C N N 210 
LYS CD   C N N 211 
LYS CE   C N N 212 
LYS NZ   N N N 213 
LYS OXT  O N N 214 
LYS H    H N N 215 
LYS H2   H N N 216 
LYS HA   H N N 217 
LYS HB2  H N N 218 
LYS HB3  H N N 219 
LYS HG2  H N N 220 
LYS HG3  H N N 221 
LYS HD2  H N N 222 
LYS HD3  H N N 223 
LYS HE2  H N N 224 
LYS HE3  H N N 225 
LYS HZ1  H N N 226 
LYS HZ2  H N N 227 
LYS HZ3  H N N 228 
LYS HXT  H N N 229 
MET N    N N N 230 
MET CA   C N S 231 
MET C    C N N 232 
MET O    O N N 233 
MET CB   C N N 234 
MET CG   C N N 235 
MET SD   S N N 236 
MET CE   C N N 237 
MET OXT  O N N 238 
MET H    H N N 239 
MET H2   H N N 240 
MET HA   H N N 241 
MET HB2  H N N 242 
MET HB3  H N N 243 
MET HG2  H N N 244 
MET HG3  H N N 245 
MET HE1  H N N 246 
MET HE2  H N N 247 
MET HE3  H N N 248 
MET HXT  H N N 249 
PHE N    N N N 250 
PHE CA   C N S 251 
PHE C    C N N 252 
PHE O    O N N 253 
PHE CB   C N N 254 
PHE CG   C Y N 255 
PHE CD1  C Y N 256 
PHE CD2  C Y N 257 
PHE CE1  C Y N 258 
PHE CE2  C Y N 259 
PHE CZ   C Y N 260 
PHE OXT  O N N 261 
PHE H    H N N 262 
PHE H2   H N N 263 
PHE HA   H N N 264 
PHE HB2  H N N 265 
PHE HB3  H N N 266 
PHE HD1  H N N 267 
PHE HD2  H N N 268 
PHE HE1  H N N 269 
PHE HE2  H N N 270 
PHE HZ   H N N 271 
PHE HXT  H N N 272 
PRO N    N N N 273 
PRO CA   C N S 274 
PRO C    C N N 275 
PRO O    O N N 276 
PRO CB   C N N 277 
PRO CG   C N N 278 
PRO CD   C N N 279 
PRO OXT  O N N 280 
PRO H    H N N 281 
PRO HA   H N N 282 
PRO HB2  H N N 283 
PRO HB3  H N N 284 
PRO HG2  H N N 285 
PRO HG3  H N N 286 
PRO HD2  H N N 287 
PRO HD3  H N N 288 
PRO HXT  H N N 289 
SER N    N N N 290 
SER CA   C N S 291 
SER C    C N N 292 
SER O    O N N 293 
SER CB   C N N 294 
SER OG   O N N 295 
SER OXT  O N N 296 
SER H    H N N 297 
SER H2   H N N 298 
SER HA   H N N 299 
SER HB2  H N N 300 
SER HB3  H N N 301 
SER HG   H N N 302 
SER HXT  H N N 303 
THR N    N N N 304 
THR CA   C N S 305 
THR C    C N N 306 
THR O    O N N 307 
THR CB   C N R 308 
THR OG1  O N N 309 
THR CG2  C N N 310 
THR OXT  O N N 311 
THR H    H N N 312 
THR H2   H N N 313 
THR HA   H N N 314 
THR HB   H N N 315 
THR HG1  H N N 316 
THR HG21 H N N 317 
THR HG22 H N N 318 
THR HG23 H N N 319 
THR HXT  H N N 320 
TRP N    N N N 321 
TRP CA   C N S 322 
TRP C    C N N 323 
TRP O    O N N 324 
TRP CB   C N N 325 
TRP CG   C Y N 326 
TRP CD1  C Y N 327 
TRP CD2  C Y N 328 
TRP NE1  N Y N 329 
TRP CE2  C Y N 330 
TRP CE3  C Y N 331 
TRP CZ2  C Y N 332 
TRP CZ3  C Y N 333 
TRP CH2  C Y N 334 
TRP OXT  O N N 335 
TRP H    H N N 336 
TRP H2   H N N 337 
TRP HA   H N N 338 
TRP HB2  H N N 339 
TRP HB3  H N N 340 
TRP HD1  H N N 341 
TRP HE1  H N N 342 
TRP HE3  H N N 343 
TRP HZ2  H N N 344 
TRP HZ3  H N N 345 
TRP HH2  H N N 346 
TRP HXT  H N N 347 
TYR N    N N N 348 
TYR CA   C N S 349 
TYR C    C N N 350 
TYR O    O N N 351 
TYR CB   C N N 352 
TYR CG   C Y N 353 
TYR CD1  C Y N 354 
TYR CD2  C Y N 355 
TYR CE1  C Y N 356 
TYR CE2  C Y N 357 
TYR CZ   C Y N 358 
TYR OH   O N N 359 
TYR OXT  O N N 360 
TYR H    H N N 361 
TYR H2   H N N 362 
TYR HA   H N N 363 
TYR HB2  H N N 364 
TYR HB3  H N N 365 
TYR HD1  H N N 366 
TYR HD2  H N N 367 
TYR HE1  H N N 368 
TYR HE2  H N N 369 
TYR HH   H N N 370 
TYR HXT  H N N 371 
VAL N    N N N 372 
VAL CA   C N S 373 
VAL C    C N N 374 
VAL O    O N N 375 
VAL CB   C N N 376 
VAL CG1  C N N 377 
VAL CG2  C N N 378 
VAL OXT  O N N 379 
VAL H    H N N 380 
VAL H2   H N N 381 
VAL HA   H N N 382 
VAL HB   H N N 383 
VAL HG11 H N N 384 
VAL HG12 H N N 385 
VAL HG13 H N N 386 
VAL HG21 H N N 387 
VAL HG22 H N N 388 
VAL HG23 H N N 389 
VAL HXT  H N N 390 
# 
loop_
_chem_comp_bond.comp_id 
_chem_comp_bond.atom_id_1 
_chem_comp_bond.atom_id_2 
_chem_comp_bond.value_order 
_chem_comp_bond.pdbx_aromatic_flag 
_chem_comp_bond.pdbx_stereo_config 
_chem_comp_bond.pdbx_ordinal 
ALA N   CA   sing N N 1   
ALA N   H    sing N N 2   
ALA N   H2   sing N N 3   
ALA CA  C    sing N N 4   
ALA CA  CB   sing N N 5   
ALA CA  HA   sing N N 6   
ALA C   O    doub N N 7   
ALA C   OXT  sing N N 8   
ALA CB  HB1  sing N N 9   
ALA CB  HB2  sing N N 10  
ALA CB  HB3  sing N N 11  
ALA OXT HXT  sing N N 12  
ARG N   CA   sing N N 13  
ARG N   H    sing N N 14  
ARG N   H2   sing N N 15  
ARG CA  C    sing N N 16  
ARG CA  CB   sing N N 17  
ARG CA  HA   sing N N 18  
ARG C   O    doub N N 19  
ARG C   OXT  sing N N 20  
ARG CB  CG   sing N N 21  
ARG CB  HB2  sing N N 22  
ARG CB  HB3  sing N N 23  
ARG CG  CD   sing N N 24  
ARG CG  HG2  sing N N 25  
ARG CG  HG3  sing N N 26  
ARG CD  NE   sing N N 27  
ARG CD  HD2  sing N N 28  
ARG CD  HD3  sing N N 29  
ARG NE  CZ   sing N N 30  
ARG NE  HE   sing N N 31  
ARG CZ  NH1  sing N N 32  
ARG CZ  NH2  doub N N 33  
ARG NH1 HH11 sing N N 34  
ARG NH1 HH12 sing N N 35  
ARG NH2 HH21 sing N N 36  
ARG NH2 HH22 sing N N 37  
ARG OXT HXT  sing N N 38  
ASN N   CA   sing N N 39  
ASN N   H    sing N N 40  
ASN N   H2   sing N N 41  
ASN CA  C    sing N N 42  
ASN CA  CB   sing N N 43  
ASN CA  HA   sing N N 44  
ASN C   O    doub N N 45  
ASN C   OXT  sing N N 46  
ASN CB  CG   sing N N 47  
ASN CB  HB2  sing N N 48  
ASN CB  HB3  sing N N 49  
ASN CG  OD1  doub N N 50  
ASN CG  ND2  sing N N 51  
ASN ND2 HD21 sing N N 52  
ASN ND2 HD22 sing N N 53  
ASN OXT HXT  sing N N 54  
ASP N   CA   sing N N 55  
ASP N   H    sing N N 56  
ASP N   H2   sing N N 57  
ASP CA  C    sing N N 58  
ASP CA  CB   sing N N 59  
ASP CA  HA   sing N N 60  
ASP C   O    doub N N 61  
ASP C   OXT  sing N N 62  
ASP CB  CG   sing N N 63  
ASP CB  HB2  sing N N 64  
ASP CB  HB3  sing N N 65  
ASP CG  OD1  doub N N 66  
ASP CG  OD2  sing N N 67  
ASP OD2 HD2  sing N N 68  
ASP OXT HXT  sing N N 69  
CYS N   CA   sing N N 70  
CYS N   H    sing N N 71  
CYS N   H2   sing N N 72  
CYS CA  C    sing N N 73  
CYS CA  CB   sing N N 74  
CYS CA  HA   sing N N 75  
CYS C   O    doub N N 76  
CYS C   OXT  sing N N 77  
CYS CB  SG   sing N N 78  
CYS CB  HB2  sing N N 79  
CYS CB  HB3  sing N N 80  
CYS SG  HG   sing N N 81  
CYS OXT HXT  sing N N 82  
GLN N   CA   sing N N 83  
GLN N   H    sing N N 84  
GLN N   H2   sing N N 85  
GLN CA  C    sing N N 86  
GLN CA  CB   sing N N 87  
GLN CA  HA   sing N N 88  
GLN C   O    doub N N 89  
GLN C   OXT  sing N N 90  
GLN CB  CG   sing N N 91  
GLN CB  HB2  sing N N 92  
GLN CB  HB3  sing N N 93  
GLN CG  CD   sing N N 94  
GLN CG  HG2  sing N N 95  
GLN CG  HG3  sing N N 96  
GLN CD  OE1  doub N N 97  
GLN CD  NE2  sing N N 98  
GLN NE2 HE21 sing N N 99  
GLN NE2 HE22 sing N N 100 
GLN OXT HXT  sing N N 101 
GLU N   CA   sing N N 102 
GLU N   H    sing N N 103 
GLU N   H2   sing N N 104 
GLU CA  C    sing N N 105 
GLU CA  CB   sing N N 106 
GLU CA  HA   sing N N 107 
GLU C   O    doub N N 108 
GLU C   OXT  sing N N 109 
GLU CB  CG   sing N N 110 
GLU CB  HB2  sing N N 111 
GLU CB  HB3  sing N N 112 
GLU CG  CD   sing N N 113 
GLU CG  HG2  sing N N 114 
GLU CG  HG3  sing N N 115 
GLU CD  OE1  doub N N 116 
GLU CD  OE2  sing N N 117 
GLU OE2 HE2  sing N N 118 
GLU OXT HXT  sing N N 119 
GLY N   CA   sing N N 120 
GLY N   H    sing N N 121 
GLY N   H2   sing N N 122 
GLY CA  C    sing N N 123 
GLY CA  HA2  sing N N 124 
GLY CA  HA3  sing N N 125 
GLY C   O    doub N N 126 
GLY C   OXT  sing N N 127 
GLY OXT HXT  sing N N 128 
HIS N   CA   sing N N 129 
HIS N   H    sing N N 130 
HIS N   H2   sing N N 131 
HIS CA  C    sing N N 132 
HIS CA  CB   sing N N 133 
HIS CA  HA   sing N N 134 
HIS C   O    doub N N 135 
HIS C   OXT  sing N N 136 
HIS CB  CG   sing N N 137 
HIS CB  HB2  sing N N 138 
HIS CB  HB3  sing N N 139 
HIS CG  ND1  sing Y N 140 
HIS CG  CD2  doub Y N 141 
HIS ND1 CE1  doub Y N 142 
HIS ND1 HD1  sing N N 143 
HIS CD2 NE2  sing Y N 144 
HIS CD2 HD2  sing N N 145 
HIS CE1 NE2  sing Y N 146 
HIS CE1 HE1  sing N N 147 
HIS NE2 HE2  sing N N 148 
HIS OXT HXT  sing N N 149 
HOH O   H1   sing N N 150 
HOH O   H2   sing N N 151 
ILE N   CA   sing N N 152 
ILE N   H    sing N N 153 
ILE N   H2   sing N N 154 
ILE CA  C    sing N N 155 
ILE CA  CB   sing N N 156 
ILE CA  HA   sing N N 157 
ILE C   O    doub N N 158 
ILE C   OXT  sing N N 159 
ILE CB  CG1  sing N N 160 
ILE CB  CG2  sing N N 161 
ILE CB  HB   sing N N 162 
ILE CG1 CD1  sing N N 163 
ILE CG1 HG12 sing N N 164 
ILE CG1 HG13 sing N N 165 
ILE CG2 HG21 sing N N 166 
ILE CG2 HG22 sing N N 167 
ILE CG2 HG23 sing N N 168 
ILE CD1 HD11 sing N N 169 
ILE CD1 HD12 sing N N 170 
ILE CD1 HD13 sing N N 171 
ILE OXT HXT  sing N N 172 
LEU N   CA   sing N N 173 
LEU N   H    sing N N 174 
LEU N   H2   sing N N 175 
LEU CA  C    sing N N 176 
LEU CA  CB   sing N N 177 
LEU CA  HA   sing N N 178 
LEU C   O    doub N N 179 
LEU C   OXT  sing N N 180 
LEU CB  CG   sing N N 181 
LEU CB  HB2  sing N N 182 
LEU CB  HB3  sing N N 183 
LEU CG  CD1  sing N N 184 
LEU CG  CD2  sing N N 185 
LEU CG  HG   sing N N 186 
LEU CD1 HD11 sing N N 187 
LEU CD1 HD12 sing N N 188 
LEU CD1 HD13 sing N N 189 
LEU CD2 HD21 sing N N 190 
LEU CD2 HD22 sing N N 191 
LEU CD2 HD23 sing N N 192 
LEU OXT HXT  sing N N 193 
LYS N   CA   sing N N 194 
LYS N   H    sing N N 195 
LYS N   H2   sing N N 196 
LYS CA  C    sing N N 197 
LYS CA  CB   sing N N 198 
LYS CA  HA   sing N N 199 
LYS C   O    doub N N 200 
LYS C   OXT  sing N N 201 
LYS CB  CG   sing N N 202 
LYS CB  HB2  sing N N 203 
LYS CB  HB3  sing N N 204 
LYS CG  CD   sing N N 205 
LYS CG  HG2  sing N N 206 
LYS CG  HG3  sing N N 207 
LYS CD  CE   sing N N 208 
LYS CD  HD2  sing N N 209 
LYS CD  HD3  sing N N 210 
LYS CE  NZ   sing N N 211 
LYS CE  HE2  sing N N 212 
LYS CE  HE3  sing N N 213 
LYS NZ  HZ1  sing N N 214 
LYS NZ  HZ2  sing N N 215 
LYS NZ  HZ3  sing N N 216 
LYS OXT HXT  sing N N 217 
MET N   CA   sing N N 218 
MET N   H    sing N N 219 
MET N   H2   sing N N 220 
MET CA  C    sing N N 221 
MET CA  CB   sing N N 222 
MET CA  HA   sing N N 223 
MET C   O    doub N N 224 
MET C   OXT  sing N N 225 
MET CB  CG   sing N N 226 
MET CB  HB2  sing N N 227 
MET CB  HB3  sing N N 228 
MET CG  SD   sing N N 229 
MET CG  HG2  sing N N 230 
MET CG  HG3  sing N N 231 
MET SD  CE   sing N N 232 
MET CE  HE1  sing N N 233 
MET CE  HE2  sing N N 234 
MET CE  HE3  sing N N 235 
MET OXT HXT  sing N N 236 
PHE N   CA   sing N N 237 
PHE N   H    sing N N 238 
PHE N   H2   sing N N 239 
PHE CA  C    sing N N 240 
PHE CA  CB   sing N N 241 
PHE CA  HA   sing N N 242 
PHE C   O    doub N N 243 
PHE C   OXT  sing N N 244 
PHE CB  CG   sing N N 245 
PHE CB  HB2  sing N N 246 
PHE CB  HB3  sing N N 247 
PHE CG  CD1  doub Y N 248 
PHE CG  CD2  sing Y N 249 
PHE CD1 CE1  sing Y N 250 
PHE CD1 HD1  sing N N 251 
PHE CD2 CE2  doub Y N 252 
PHE CD2 HD2  sing N N 253 
PHE CE1 CZ   doub Y N 254 
PHE CE1 HE1  sing N N 255 
PHE CE2 CZ   sing Y N 256 
PHE CE2 HE2  sing N N 257 
PHE CZ  HZ   sing N N 258 
PHE OXT HXT  sing N N 259 
PRO N   CA   sing N N 260 
PRO N   CD   sing N N 261 
PRO N   H    sing N N 262 
PRO CA  C    sing N N 263 
PRO CA  CB   sing N N 264 
PRO CA  HA   sing N N 265 
PRO C   O    doub N N 266 
PRO C   OXT  sing N N 267 
PRO CB  CG   sing N N 268 
PRO CB  HB2  sing N N 269 
PRO CB  HB3  sing N N 270 
PRO CG  CD   sing N N 271 
PRO CG  HG2  sing N N 272 
PRO CG  HG3  sing N N 273 
PRO CD  HD2  sing N N 274 
PRO CD  HD3  sing N N 275 
PRO OXT HXT  sing N N 276 
SER N   CA   sing N N 277 
SER N   H    sing N N 278 
SER N   H2   sing N N 279 
SER CA  C    sing N N 280 
SER CA  CB   sing N N 281 
SER CA  HA   sing N N 282 
SER C   O    doub N N 283 
SER C   OXT  sing N N 284 
SER CB  OG   sing N N 285 
SER CB  HB2  sing N N 286 
SER CB  HB3  sing N N 287 
SER OG  HG   sing N N 288 
SER OXT HXT  sing N N 289 
THR N   CA   sing N N 290 
THR N   H    sing N N 291 
THR N   H2   sing N N 292 
THR CA  C    sing N N 293 
THR CA  CB   sing N N 294 
THR CA  HA   sing N N 295 
THR C   O    doub N N 296 
THR C   OXT  sing N N 297 
THR CB  OG1  sing N N 298 
THR CB  CG2  sing N N 299 
THR CB  HB   sing N N 300 
THR OG1 HG1  sing N N 301 
THR CG2 HG21 sing N N 302 
THR CG2 HG22 sing N N 303 
THR CG2 HG23 sing N N 304 
THR OXT HXT  sing N N 305 
TRP N   CA   sing N N 306 
TRP N   H    sing N N 307 
TRP N   H2   sing N N 308 
TRP CA  C    sing N N 309 
TRP CA  CB   sing N N 310 
TRP CA  HA   sing N N 311 
TRP C   O    doub N N 312 
TRP C   OXT  sing N N 313 
TRP CB  CG   sing N N 314 
TRP CB  HB2  sing N N 315 
TRP CB  HB3  sing N N 316 
TRP CG  CD1  doub Y N 317 
TRP CG  CD2  sing Y N 318 
TRP CD1 NE1  sing Y N 319 
TRP CD1 HD1  sing N N 320 
TRP CD2 CE2  doub Y N 321 
TRP CD2 CE3  sing Y N 322 
TRP NE1 CE2  sing Y N 323 
TRP NE1 HE1  sing N N 324 
TRP CE2 CZ2  sing Y N 325 
TRP CE3 CZ3  doub Y N 326 
TRP CE3 HE3  sing N N 327 
TRP CZ2 CH2  doub Y N 328 
TRP CZ2 HZ2  sing N N 329 
TRP CZ3 CH2  sing Y N 330 
TRP CZ3 HZ3  sing N N 331 
TRP CH2 HH2  sing N N 332 
TRP OXT HXT  sing N N 333 
TYR N   CA   sing N N 334 
TYR N   H    sing N N 335 
TYR N   H2   sing N N 336 
TYR CA  C    sing N N 337 
TYR CA  CB   sing N N 338 
TYR CA  HA   sing N N 339 
TYR C   O    doub N N 340 
TYR C   OXT  sing N N 341 
TYR CB  CG   sing N N 342 
TYR CB  HB2  sing N N 343 
TYR CB  HB3  sing N N 344 
TYR CG  CD1  doub Y N 345 
TYR CG  CD2  sing Y N 346 
TYR CD1 CE1  sing Y N 347 
TYR CD1 HD1  sing N N 348 
TYR CD2 CE2  doub Y N 349 
TYR CD2 HD2  sing N N 350 
TYR CE1 CZ   doub Y N 351 
TYR CE1 HE1  sing N N 352 
TYR CE2 CZ   sing Y N 353 
TYR CE2 HE2  sing N N 354 
TYR CZ  OH   sing N N 355 
TYR OH  HH   sing N N 356 
TYR OXT HXT  sing N N 357 
VAL N   CA   sing N N 358 
VAL N   H    sing N N 359 
VAL N   H2   sing N N 360 
VAL CA  C    sing N N 361 
VAL CA  CB   sing N N 362 
VAL CA  HA   sing N N 363 
VAL C   O    doub N N 364 
VAL C   OXT  sing N N 365 
VAL CB  CG1  sing N N 366 
VAL CB  CG2  sing N N 367 
VAL CB  HB   sing N N 368 
VAL CG1 HG11 sing N N 369 
VAL CG1 HG12 sing N N 370 
VAL CG1 HG13 sing N N 371 
VAL CG2 HG21 sing N N 372 
VAL CG2 HG22 sing N N 373 
VAL CG2 HG23 sing N N 374 
VAL OXT HXT  sing N N 375 
# 
loop_
_pdbx_audit_support.funding_organization 
_pdbx_audit_support.country 
_pdbx_audit_support.grant_number 
_pdbx_audit_support.ordinal 
'National Institutes of Health/National Heart, Lung, and Blood Institute (NIH/NHLBI)' 'United States' 'R15 HL135658' 1 
'National Institutes of Health/National Heart, Lung, and Blood Institute (NIH/NHLBI)' 'United States' 'U54 HL141981' 2 
# 
_pdbx_initial_refinement_model.id               1 
_pdbx_initial_refinement_model.entity_id_list   ? 
_pdbx_initial_refinement_model.type             'experimental model' 
_pdbx_initial_refinement_model.source_name      PDB 
_pdbx_initial_refinement_model.accession_code   1D7P 
_pdbx_initial_refinement_model.details          ? 
# 
_space_group.crystal_system   tetragonal 
_space_group.IT_number        96 
_space_group.name_H-M_alt     'P 43 21 2' 
_space_group.name_Hall        'P 4nw 2abw' 
_space_group.id               1 
# 
_atom_sites.entry_id                    9D5D 
_atom_sites.Cartn_transf_matrix[1][1]   ? 
_atom_sites.Cartn_transf_matrix[1][2]   ? 
_atom_sites.Cartn_transf_matrix[1][3]   ? 
_atom_sites.Cartn_transf_matrix[2][1]   ? 
_atom_sites.Cartn_transf_matrix[2][2]   ? 
_atom_sites.Cartn_transf_matrix[2][3]   ? 
_atom_sites.Cartn_transf_matrix[3][1]   ? 
_atom_sites.Cartn_transf_matrix[3][2]   ? 
_atom_sites.Cartn_transf_matrix[3][3]   ? 
_atom_sites.Cartn_transf_vector[1]      ? 
_atom_sites.Cartn_transf_vector[2]      ? 
_atom_sites.Cartn_transf_vector[3]      ? 
_atom_sites.Cartn_transform_axes        ? 
_atom_sites.fract_transf_matrix[1][1]   -0.01749168 
_atom_sites.fract_transf_matrix[1][2]   0.00961211 
_atom_sites.fract_transf_matrix[1][3]   -0.00149955 
_atom_sites.fract_transf_matrix[2][1]   -0.00663290 
_atom_sites.fract_transf_matrix[2][2]   -0.01404034 
_atom_sites.fract_transf_matrix[2][3]   -0.01262830 
_atom_sites.fract_transf_matrix[3][1]   -0.00305038 
_atom_sites.fract_transf_matrix[3][2]   -0.00451744 
_atom_sites.fract_transf_matrix[3][3]   0.00662474 
_atom_sites.fract_transf_vector[1]      1.247472 
_atom_sites.fract_transf_vector[2]      0.609929 
_atom_sites.fract_transf_vector[3]      0.055261 
_atom_sites.solution_primary            ? 
_atom_sites.solution_secondary          ? 
_atom_sites.solution_hydrogens          ? 
_atom_sites.special_details             ? 
# 
loop_
_atom_type.symbol 
_atom_type.scat_dispersion_real 
_atom_type.scat_dispersion_imag 
_atom_type.scat_Cromer_Mann_a1 
_atom_type.scat_Cromer_Mann_a2 
_atom_type.scat_Cromer_Mann_a3 
_atom_type.scat_Cromer_Mann_a4 
_atom_type.scat_Cromer_Mann_b1 
_atom_type.scat_Cromer_Mann_b2 
_atom_type.scat_Cromer_Mann_b3 
_atom_type.scat_Cromer_Mann_b4 
_atom_type.scat_Cromer_Mann_c 
_atom_type.scat_source 
_atom_type.scat_dispersion_source 
C ? ? 3.54356 2.42580 ? ? 25.62398 1.50364  ? ? 0.0 
;2-Gaussian fit: Grosse-Kunstleve RW, Sauter NK, Adams PD: Newsletter of the IUCr Commission on Crystallographic Computing 2004, 3, 22-31.
;
? 
N ? ? 4.01032 2.96436 ? ? 19.97189 1.75589  ? ? 0.0 
;2-Gaussian fit: Grosse-Kunstleve RW, Sauter NK, Adams PD: Newsletter of the IUCr Commission on Crystallographic Computing 2004, 3, 22-31.
;
? 
O ? ? 4.49882 3.47563 ? ? 15.80542 1.70748  ? ? 0.0 
;2-Gaussian fit: Grosse-Kunstleve RW, Sauter NK, Adams PD: Newsletter of the IUCr Commission on Crystallographic Computing 2004, 3, 22-31.
;
? 
S ? ? 9.55732 6.39887 ? ? 1.23737  29.19336 ? ? 0.0 
;2-Gaussian fit: Grosse-Kunstleve RW, Sauter NK, Adams PD: Newsletter of the IUCr Commission on Crystallographic Computing 2004, 3, 22-31.
;
? 
# 
loop_
_atom_site.group_PDB 
_atom_site.id 
_atom_site.type_symbol 
_atom_site.label_atom_id 
_atom_site.label_alt_id 
_atom_site.label_comp_id 
_atom_site.label_asym_id 
_atom_site.label_entity_id 
_atom_site.label_seq_id 
_atom_site.pdbx_PDB_ins_code 
_atom_site.Cartn_x 
_atom_site.Cartn_y 
_atom_site.Cartn_z 
_atom_site.occupancy 
_atom_site.B_iso_or_equiv 
_atom_site.pdbx_formal_charge 
_atom_site.auth_seq_id 
_atom_site.auth_comp_id 
_atom_site.auth_asym_id 
_atom_site.auth_atom_id 
_atom_site.pdbx_PDB_model_num 
ATOM   1    N N   . ASN A 1 4   ? 2.07973   13.36118  18.05817  1.000 60.85000 ? 2172 ASN M N   1 
ATOM   2    C CA  . ASN A 1 4   ? 1.42310   13.95070  16.89650  1.000 65.40000 ? 2172 ASN M CA  1 
ATOM   3    C C   . ASN A 1 4   ? 2.45728   14.42085  15.86864  1.000 63.26000 ? 2172 ASN M C   1 
ATOM   4    O O   . ASN A 1 4   ? 2.11263   14.76805  14.73329  1.000 63.37000 ? 2172 ASN M O   1 
ATOM   5    C CB  . ASN A 1 4   ? 0.51599   15.11682  17.32062  1.000 63.16000 ? 2172 ASN M CB  1 
ATOM   6    C CG  . ASN A 1 4   ? 1.28920   16.39864  17.59890  1.000 66.14000 ? 2172 ASN M CG  1 
ATOM   7    O OD1 . ASN A 1 4   ? 1.97705   16.52011  18.61617  1.000 67.41000 ? 2172 ASN M OD1 1 
ATOM   8    N ND2 . ASN A 1 4   ? 1.17469   17.36506  16.69393  1.000 67.03000 ? 2172 ASN M ND2 1 
ATOM   9    N N   . SER A 1 5   ? 3.73061   14.41421  16.26912  1.000 59.87000 ? 2173 SER M N   1 
ATOM   10   C CA  . SER A 1 5   ? 4.82645   14.86674  15.42340  1.000 56.06000 ? 2173 SER M CA  1 
ATOM   11   C C   . SER A 1 5   ? 5.38038   13.75668  14.52653  1.000 52.99000 ? 2173 SER M C   1 
ATOM   12   O O   . SER A 1 5   ? 6.47338   13.91184  13.97011  1.000 56.75000 ? 2173 SER M O   1 
ATOM   13   C CB  . SER A 1 5   ? 5.94399   15.45934  16.29027  1.000 56.57000 ? 2173 SER M CB  1 
ATOM   14   O OG  . SER A 1 5   ? 6.97763   16.02389  15.50006  1.000 58.24000 ? 2173 SER M OG  1 
ATOM   15   N N   . CYS A 1 6   ? 4.65689   12.64641  14.36740  1.000 43.39000 ? 2174 CYS M N   1 
ATOM   16   C CA  . CYS A 1 6   ? 5.13282   11.51796  13.56841  1.000 31.90000 ? 2174 CYS M CA  1 
ATOM   17   C C   . CYS A 1 6   ? 4.02068   11.05817  12.62235  1.000 32.79000 ? 2174 CYS M C   1 
ATOM   18   O O   . CYS A 1 6   ? 3.54169   9.92520   12.66911  1.000 29.14000 ? 2174 CYS M O   1 
ATOM   19   C CB  . CYS A 1 6   ? 5.62042   10.38205  14.46744  1.000 33.90000 ? 2174 CYS M CB  1 
ATOM   20   S SG  . CYS A 1 6   ? 6.49297   9.03251   13.60449  1.000 33.03000 ? 2174 CYS M SG  1 
ATOM   21   N N   . SER A 1 7   ? 3.60952   11.96509  11.73964  1.000 30.54000 ? 2175 SER M N   1 
ATOM   22   C CA  . SER A 1 7   ? 2.55665   11.67286  10.77586  1.000 30.68000 ? 2175 SER M CA  1 
ATOM   23   C C   . SER A 1 7   ? 2.88591   12.25238  9.40863   1.000 25.47000 ? 2175 SER M C   1 
ATOM   24   O O   . SER A 1 7   ? 1.98185   12.55869  8.62366   1.000 31.12000 ? 2175 SER M O   1 
ATOM   25   C CB  . SER A 1 7   ? 1.20749   12.20693  11.25049  1.000 30.66000 ? 2175 SER M CB  1 
ATOM   26   O OG  . SER A 1 7   ? 0.58594   11.27248  12.11029  1.000 38.05000 ? 2175 SER M OG  1 
ATOM   27   N N   . MET A 1 8   ? 4.16784   12.38105  9.09468   1.000 23.22000 ? 2176 MET M N   1 
ATOM   28   C CA  . MET A 1 8   ? 4.50850   12.97363  7.81154   1.000 22.80000 ? 2176 MET M CA  1 
ATOM   29   C C   . MET A 1 8   ? 4.53484   11.90570  6.71860   1.000 20.30000 ? 2176 MET M C   1 
ATOM   30   O O   . MET A 1 8   ? 4.89822   10.75456  6.98026   1.000 18.19000 ? 2176 MET M O   1 
ATOM   31   C CB  . MET A 1 8   ? 5.85245   13.66150  7.88934   1.000 29.52000 ? 2176 MET M CB  1 
ATOM   32   C CG  . MET A 1 8   ? 5.92378   14.61592  9.05085   1.000 38.54000 ? 2176 MET M CG  1 
ATOM   33   S SD  . MET A 1 8   ? 7.61988   14.96836  9.51790   1.000 62.61000 ? 2176 MET M SD  1 
ATOM   34   C CE  . MET A 1 8   ? 8.45745   14.72201  7.95237   1.000 36.19000 ? 2176 MET M CE  1 
ATOM   35   N N   . PRO A 1 9   ? 4.16552   12.25610  5.49120   1.000 21.02000 ? 2177 PRO M N   1 
ATOM   36   C CA  . PRO A 1 9   ? 4.31612   11.29842  4.38951   1.000 16.95000 ? 2177 PRO M CA  1 
ATOM   37   C C   . PRO A 1 9   ? 5.77715   10.92565  4.20457   1.000 16.94000 ? 2177 PRO M C   1 
ATOM   38   O O   . PRO A 1 9   ? 6.66814   11.77870  4.24471   1.000 19.07000 ? 2177 PRO M O   1 
ATOM   39   C CB  . PRO A 1 9   ? 3.74307   12.04470  3.17766   1.000 19.86000 ? 2177 PRO M CB  1 
ATOM   40   C CG  . PRO A 1 9   ? 3.49631   13.46090  3.62831   1.000 23.94000 ? 2177 PRO M CG  1 
ATOM   41   C CD  . PRO A 1 9   ? 3.37151   13.43885  5.11628   1.000 21.25000 ? 2177 PRO M CD  1 
ATOM   42   N N   . LEU A 1 10  ? 6.02049   9.62404   4.06101   1.000 13.29000 ? 2178 LEU M N   1 
ATOM   43   C CA  . LEU A 1 10  ? 7.37340   9.10849   3.92836   1.000 13.47000 ? 2178 LEU M CA  1 
ATOM   44   C C   . LEU A 1 10  ? 7.85878   9.03589   2.48620   1.000 15.60000 ? 2178 LEU M C   1 
ATOM   45   O O   . LEU A 1 10  ? 9.02658   8.69401   2.26243   1.000 20.00000 ? 2178 LEU M O   1 
ATOM   46   C CB  . LEU A 1 10  ? 7.47892   7.71617   4.58410   1.000 14.19000 ? 2178 LEU M CB  1 
ATOM   47   C CG  . LEU A 1 10  ? 7.17488   7.71042   6.07836   1.000 14.30000 ? 2178 LEU M CG  1 
ATOM   48   C CD1 . LEU A 1 10  ? 7.39718   6.31953   6.64898   1.000 18.77000 ? 2178 LEU M CD1 1 
ATOM   49   C CD2 . LEU A 1 10  ? 8.02840   8.76282   6.80568   1.000 19.98000 ? 2178 LEU M CD2 1 
ATOM   50   N N   . GLY A 1 11  ? 7.02757   9.36214   1.49973   1.000 15.52000 ? 2179 GLY M N   1 
ATOM   51   C CA  . GLY A 1 11  ? 7.59690   9.56078   0.17629   1.000 17.14000 ? 2179 GLY M CA  1 
ATOM   52   C C   . GLY A 1 11  ? 7.00328   8.81503   -1.00314  1.000 15.66000 ? 2179 GLY M C   1 
ATOM   53   O O   . GLY A 1 11  ? 7.62314   8.76242   -2.07061  1.000 18.53000 ? 2179 GLY M O   1 
ATOM   54   N N   . MET A 1 12  ? 5.81524   8.23699   -0.84748  1.000 15.52000 ? 2180 MET M N   1 
ATOM   55   C CA  . MET A 1 12  ? 5.16953   7.62073   -2.00403  1.000 16.29000 ? 2180 MET M CA  1 
ATOM   56   C C   . MET A 1 12  ? 4.73752   8.68763   -3.00611  1.000 15.13000 ? 2180 MET M C   1 
ATOM   57   O O   . MET A 1 12  ? 5.07260   8.61417   -4.19562  1.000 16.37000 ? 2180 MET M O   1 
ATOM   58   C CB  . MET A 1 12  ? 3.97850   6.76885   -1.55345  1.000 13.82000 ? 2180 MET M CB  1 
ATOM   59   C CG  . MET A 1 12  ? 4.34259   5.68469   -0.55039  1.000 16.72000 ? 2180 MET M CG  1 
ATOM   60   S SD  . MET A 1 12  ? 5.34233   4.38874   -1.29882  1.000 19.12000 ? 2180 MET M SD  1 
ATOM   61   C CE  . MET A 1 12  ? 4.11316   3.46476   -2.22679  1.000 18.17000 ? 2180 MET M CE  1 
ATOM   62   N N   . GLU A 1 13  ? 4.02809   9.71270   -2.53535  1.000 13.89000 ? 2181 GLU M N   1 
ATOM   63   C CA  . GLU A 1 13  ? 3.56565   10.75088  -3.44671  1.000 15.66000 ? 2181 GLU M CA  1 
ATOM   64   C C   . GLU A 1 13  ? 4.71823   11.61382  -3.93853  1.000 19.79000 ? 2181 GLU M C   1 
ATOM   65   O O   . GLU A 1 13  ? 4.75731   11.99866  -5.11758  1.000 21.63000 ? 2181 GLU M O   1 
ATOM   66   C CB  . GLU A 1 13  ? 2.51049   11.61550  -2.77447  1.000 16.85000 ? 2181 GLU M CB  1 
ATOM   67   C CG  . GLU A 1 13  ? 1.88355   12.58345  -3.76543  1.000 20.63000 ? 2181 GLU M CG  1 
ATOM   68   C CD  . GLU A 1 13  ? 0.74010   13.39850  -3.18189  1.000 22.81000 ? 2181 GLU M CD  1 
ATOM   69   O OE1 . GLU A 1 13  ? 0.25456   13.07963  -2.07150  1.000 22.13000 ? 2181 GLU M OE1 1 
ATOM   70   O OE2 . GLU A 1 13  ? 0.32179   14.36395  -3.85964  1.000 24.66000 ? 2181 GLU M OE2 1 
ATOM   71   N N   . SER A 1 14  ? 5.67407   11.90969  -3.06097  1.000 19.76000 ? 2182 SER M N   1 
ATOM   72   C CA  . SER A 1 14  ? 6.77089   12.81175  -3.39898  1.000 22.47000 ? 2182 SER M CA  1 
ATOM   73   C C   . SER A 1 14  ? 7.88823   12.14336  -4.17943  1.000 21.50000 ? 2182 SER M C   1 
ATOM   74   O O   . SER A 1 14  ? 8.75834   12.85299  -4.69478  1.000 23.09000 ? 2182 SER M O   1 
ATOM   75   C CB  . SER A 1 14  ? 7.36227   13.42551  -2.13188  1.000 25.82000 ? 2182 SER M CB  1 
ATOM   76   O OG  . SER A 1 14  ? 8.28625   12.53970  -1.51664  1.000 21.31000 ? 2182 SER M OG  1 
ATOM   77   N N   . LYS A 1 15  ? 7.89066   10.81188  -4.25358  1.000 18.91000 ? 2183 LYS M N   1 
ATOM   78   C CA  . LYS A 1 15  ? 8.92233   9.99504   -4.87945  1.000 15.78000 ? 2183 LYS M CA  1 
ATOM   79   C C   . LYS A 1 15  ? 10.24171  10.01001  -4.11668  1.000 17.93000 ? 2183 LYS M C   1 
ATOM   80   O O   . LYS A 1 15  ? 11.27482  9.62614   -4.66680  1.000 20.76000 ? 2183 LYS M O   1 
ATOM   81   C CB  . LYS A 1 15  ? 9.14436   10.40219  -6.34106  1.000 25.32000 ? 2183 LYS M CB  1 
ATOM   82   C CG  . LYS A 1 15  ? 7.85302   10.41737  -7.14416  1.000 24.82000 ? 2183 LYS M CG  1 
ATOM   83   C CD  . LYS A 1 15  ? 8.12619   10.59120  -8.61571  1.000 31.14000 ? 2183 LYS M CD  1 
ATOM   84   C CE  . LYS A 1 15  ? 7.87852   9.29998   -9.37196  1.000 34.59000 ? 2183 LYS M CE  1 
ATOM   85   N NZ  . LYS A 1 15  ? 8.16593   9.50822   -10.82902 1.000 41.08000 ? 2183 LYS M NZ  1 
ATOM   86   N N   . ALA A 1 16  ? 10.24515  10.44271  -2.85139  1.000 19.99000 ? 2184 ALA M N   1 
ATOM   87   C CA  . ALA A 1 16  ? 11.41004  10.19389  -2.00424  1.000 19.38000 ? 2184 ALA M CA  1 
ATOM   88   C C   . ALA A 1 16  ? 11.59525  8.70647   -1.76645  1.000 19.05000 ? 2184 ALA M C   1 
ATOM   89   O O   . ALA A 1 16  ? 12.71114  8.24593   -1.50452  1.000 20.38000 ? 2184 ALA M O   1 
ATOM   90   C CB  . ALA A 1 16  ? 11.27106  10.92995  -0.67017  1.000 21.13000 ? 2184 ALA M CB  1 
ATOM   91   N N   . ILE A 1 17  ? 10.50560  7.94991   -1.82061  1.000 16.46000 ? 2185 ILE M N   1 
ATOM   92   C CA  . ILE A 1 17  ? 10.56658  6.50246   -1.95982  1.000 15.63000 ? 2185 ILE M CA  1 
ATOM   93   C C   . ILE A 1 17  ? 10.68045  6.20944   -3.45788  1.000 17.42000 ? 2185 ILE M C   1 
ATOM   94   O O   . ILE A 1 17  ? 9.74898   6.46925   -4.22113  1.000 15.53000 ? 2185 ILE M O   1 
ATOM   95   C CB  . ILE A 1 17  ? 9.33494   5.83898   -1.33601  1.000 16.06000 ? 2185 ILE M CB  1 
ATOM   96   C CG1 . ILE A 1 17  ? 9.38057   5.99145   0.19015   1.000 15.36000 ? 2185 ILE M CG1 1 
ATOM   97   C CG2 . ILE A 1 17  ? 9.24034   4.36556   -1.73551  1.000 16.97000 ? 2185 ILE M CG2 1 
ATOM   98   C CD1 . ILE A 1 17  ? 8.04176   5.80007   0.88582   1.000 18.02000 ? 2185 ILE M CD1 1 
ATOM   99   N N   . SER A 1 18  ? 11.83803  5.71687   -3.88753  1.000 15.65000 ? 2186 SER M N   1 
ATOM   100  C CA  . SER A 1 18  ? 12.10153  5.52866   -5.31126  1.000 18.04000 ? 2186 SER M CA  1 
ATOM   101  C C   . SER A 1 18  ? 11.35006  4.31963   -5.87049  1.000 19.00000 ? 2186 SER M C   1 
ATOM   102  O O   . SER A 1 18  ? 10.89879  3.43183   -5.13615  1.000 15.08000 ? 2186 SER M O   1 
ATOM   103  C CB  . SER A 1 18  ? 13.60437  5.37170   -5.56158  1.000 22.14000 ? 2186 SER M CB  1 
ATOM   104  O OG  . SER A 1 18  ? 14.05724  4.09274   -5.14775  1.000 24.02000 ? 2186 SER M OG  1 
ATOM   105  N N   . ASP A 1 19  ? 11.21303  4.30127   -7.20613  1.000 17.71000 ? 2187 ASP M N   1 
ATOM   106  C CA  . ASP A 1 19  ? 10.50781  3.20546   -7.87275  1.000 16.66000 ? 2187 ASP M CA  1 
ATOM   107  C C   . ASP A 1 19  ? 11.08361  1.85130   -7.47950  1.000 17.98000 ? 2187 ASP M C   1 
ATOM   108  O O   . ASP A 1 19  ? 10.33562  0.88532   -7.28216  1.000 18.02000 ? 2187 ASP M O   1 
ATOM   109  C CB  . ASP A 1 19  ? 10.56115  3.38181   -9.39330  1.000 21.11000 ? 2187 ASP M CB  1 
ATOM   110  C CG  . ASP A 1 19  ? 9.79704   4.61002   -9.87886  1.000 24.07000 ? 2187 ASP M CG  1 
ATOM   111  O OD1 . ASP A 1 19  ? 8.88101   5.10861   -9.18496  1.000 18.54000 ? 2187 ASP M OD1 1 
ATOM   112  O OD2 . ASP A 1 19  ? 10.12268  5.09064   -10.98366 1.000 26.79000 ? 2187 ASP M OD2 1 
ATOM   113  N N   . ALA A 1 20  ? 12.41259  1.76805   -7.31153  1.000 17.95000 ? 2188 ALA M N   1 
ATOM   114  C CA  . ALA A 1 20  ? 13.03448  0.48260   -6.98877  1.000 20.69000 ? 2188 ALA M CA  1 
ATOM   115  C C   . ALA A 1 20  ? 12.56731  -0.06345  -5.64021  1.000 16.09000 ? 2188 ALA M C   1 
ATOM   116  O O   . ALA A 1 20  ? 12.59638  -1.27695  -5.41574  1.000 20.46000 ? 2188 ALA M O   1 
ATOM   117  C CB  . ALA A 1 20  ? 14.55828  0.61627   -6.98204  1.000 24.61000 ? 2188 ALA M CB  1 
ATOM   118  N N   . GLN A 1 21  ? 12.12292  0.80858   -4.74385  1.000 18.23000 ? 2189 GLN M N   1 
ATOM   119  C CA  . GLN A 1 21  ? 11.74978  0.40475   -3.39359  1.000 15.94000 ? 2189 GLN M CA  1 
ATOM   120  C C   . GLN A 1 21  ? 10.36660  -0.23438  -3.30210  1.000 15.51000 ? 2189 GLN M C   1 
ATOM   121  O O   . GLN A 1 21  ? 10.02734  -0.76527  -2.24044  1.000 14.98000 ? 2189 GLN M O   1 
ATOM   122  C CB  . GLN A 1 21  ? 11.81753  1.61940   -2.45771  1.000 14.31000 ? 2189 GLN M CB  1 
ATOM   123  C CG  . GLN A 1 21  ? 13.23882  2.17698   -2.31531  1.000 17.76000 ? 2189 GLN M CG  1 
ATOM   124  C CD  . GLN A 1 21  ? 13.31096  3.46435   -1.51172  1.000 21.27000 ? 2189 GLN M CD  1 
ATOM   125  O OE1 . GLN A 1 21  ? 13.66608  4.52164   -2.04007  1.000 20.62000 ? 2189 GLN M OE1 1 
ATOM   126  N NE2 . GLN A 1 21  ? 12.96547  3.38681   -0.23443  1.000 16.09000 ? 2189 GLN M NE2 1 
ATOM   127  N N   . ILE A 1 22  ? 9.55715   -0.17865  -4.35424  1.000 13.94000 ? 2190 ILE M N   1 
ATOM   128  C CA  . ILE A 1 22  ? 8.18462   -0.67370  -4.31759  1.000 13.52000 ? 2190 ILE M CA  1 
ATOM   129  C C   . ILE A 1 22  ? 8.10812   -1.90743  -5.20705  1.000 16.34000 ? 2190 ILE M C   1 
ATOM   130  O O   . ILE A 1 22  ? 8.44764   -1.84565  -6.39553  1.000 14.94000 ? 2190 ILE M O   1 
ATOM   131  C CB  . ILE A 1 22  ? 7.19183   0.41054   -4.76705  1.000 16.92000 ? 2190 ILE M CB  1 
ATOM   132  C CG1 . ILE A 1 22  ? 7.50730   1.72932   -4.06438  1.000 16.68000 ? 2190 ILE M CG1 1 
ATOM   133  C CG2 . ILE A 1 22  ? 5.75925   0.01135   -4.42980  1.000 15.42000 ? 2190 ILE M CG2 1 
ATOM   134  C CD1 . ILE A 1 22  ? 6.81605   2.93724   -4.66232  1.000 17.82000 ? 2190 ILE M CD1 1 
ATOM   135  N N   . THR A 1 23  ? 7.67646   -3.03213  -4.63170  1.000 12.44000 ? 2191 THR M N   1 
ATOM   136  C CA  . THR A 1 23  ? 7.60275   -4.29664  -5.35051  1.000 15.08000 ? 2191 THR M CA  1 
ATOM   137  C C   . THR A 1 23  ? 6.25638   -4.94437  -5.06275  1.000 14.73000 ? 2191 THR M C   1 
ATOM   138  O O   . THR A 1 23  ? 5.48620   -4.46963  -4.22083  1.000 14.71000 ? 2191 THR M O   1 
ATOM   139  C CB  . THR A 1 23  ? 8.76011   -5.22836  -4.96213  1.000 17.55000 ? 2191 THR M CB  1 
ATOM   140  O OG1 . THR A 1 23  ? 8.76396   -5.42472  -3.54286  1.000 18.97000 ? 2191 THR M OG1 1 
ATOM   141  C CG2 . THR A 1 23  ? 10.10697  -4.62910  -5.39279  1.000 19.43000 ? 2191 THR M CG2 1 
ATOM   142  N N   . ALA A 1 24  ? 5.96188   -6.02741  -5.78019  1.000 14.51000 ? 2192 ALA M N   1 
ATOM   143  C CA  . ALA A 1 24  ? 4.68422   -6.69917  -5.59373  1.000 14.01000 ? 2192 ALA M CA  1 
ATOM   144  C C   . ALA A 1 24  ? 4.79203   -8.16445  -5.99290  1.000 17.58000 ? 2192 ALA M C   1 
ATOM   145  O O   . ALA A 1 24  ? 5.72685   -8.57630  -6.68375  1.000 15.82000 ? 2192 ALA M O   1 
ATOM   146  C CB  . ALA A 1 24  ? 3.56677   -6.02390  -6.39630  1.000 11.92000 ? 2192 ALA M CB  1 
ATOM   147  N N   . SER A 1 25  ? 3.80779   -8.94347  -5.53857  1.000 14.81000 ? 2193 SER M N   1 
ATOM   148  C CA  . SER A 1 25  ? 3.70427   -10.34326 -5.93600  1.000 15.73000 ? 2193 SER M CA  1 
ATOM   149  C C   . SER A 1 25  ? 3.64420   -10.48442 -7.44815  1.000 17.31000 ? 2193 SER M C   1 
ATOM   150  O O   . SER A 1 25  ? 4.19250   -11.44196 -8.00921  1.000 18.60000 ? 2193 SER M O   1 
ATOM   151  C CB  . SER A 1 25  ? 2.45971   -10.96808 -5.30084  1.000 17.56000 ? 2193 SER M CB  1 
ATOM   152  O OG  . SER A 1 25  ? 1.33174   -10.13671 -5.54079  1.000 16.92000 ? 2193 SER M OG  1 
ATOM   153  N N   . SER A 1 26  ? 2.96440   -9.55414  -8.11747  1.000 16.26000 ? 2194 SER M N   1 
ATOM   154  C CA  . SER A 1 26  ? 2.77057   -9.56785  -9.56157  1.000 16.52000 ? 2194 SER M CA  1 
ATOM   155  C C   . SER A 1 26  ? 2.22535   -8.20408  -9.95620  1.000 18.47000 ? 2194 SER M C   1 
ATOM   156  O O   . SER A 1 26  ? 1.90963   -7.37293  -9.10099  1.000 15.57000 ? 2194 SER M O   1 
ATOM   157  C CB  . SER A 1 26  ? 1.82261   -10.68213 -9.99773  1.000 20.33000 ? 2194 SER M CB  1 
ATOM   158  O OG  . SER A 1 26  ? 0.48593   -10.33858 -9.68871  1.000 17.45000 ? 2194 SER M OG  1 
ATOM   159  N N   . TYR A 1 27  ? 2.10742   -7.97478  -11.26181 1.000 15.87000 ? 2195 TYR M N   1 
ATOM   160  C CA  . TYR A 1 27  ? 1.50694   -6.72366  -11.69395 1.000 15.84000 ? 2195 TYR M CA  1 
ATOM   161  C C   . TYR A 1 27  ? 1.07235   -6.85981  -13.14333 1.000 19.35000 ? 2195 TYR M C   1 
ATOM   162  O O   . TYR A 1 27  ? 1.68390   -7.59721  -13.92531 1.000 20.50000 ? 2195 TYR M O   1 
ATOM   163  C CB  . TYR A 1 27  ? 2.44973   -5.52829  -11.50532 1.000 18.41000 ? 2195 TYR M CB  1 
ATOM   164  C CG  . TYR A 1 27  ? 3.77544   -5.61676  -12.22690 1.000 21.27000 ? 2195 TYR M CG  1 
ATOM   165  C CD1 . TYR A 1 27  ? 4.86288   -6.27675  -11.65695 1.000 24.75000 ? 2195 TYR M CD1 1 
ATOM   166  C CD2 . TYR A 1 27  ? 3.94449   -5.01878  -13.46235 1.000 24.00000 ? 2195 TYR M CD2 1 
ATOM   167  C CE1 . TYR A 1 27  ? 6.08595   -6.35228  -12.32632 1.000 25.36000 ? 2195 TYR M CE1 1 
ATOM   168  C CE2 . TYR A 1 27  ? 5.16119   -5.09218  -14.13709 1.000 27.60000 ? 2195 TYR M CE2 1 
ATOM   169  C CZ  . TYR A 1 27  ? 6.22573   -5.75717  -13.55906 1.000 27.82000 ? 2195 TYR M CZ  1 
ATOM   170  O OH  . TYR A 1 27  ? 7.43241   -5.82169  -14.23366 1.000 36.72000 ? 2195 TYR M OH  1 
ATOM   171  N N   . PHE A 1 28  ? -0.00483  -6.15870  -13.47592 1.000 16.26000 ? 2196 PHE M N   1 
ATOM   172  C CA  . PHE A 1 28  ? -0.66311  -6.28620  -14.76987 1.000 21.34000 ? 2196 PHE M CA  1 
ATOM   173  C C   . PHE A 1 28  ? -0.02098  -5.35058  -15.79553 1.000 22.12000 ? 2196 PHE M C   1 
ATOM   174  O O   . PHE A 1 28  ? 0.08491   -4.13866  -15.57562 1.000 18.81000 ? 2196 PHE M O   1 
ATOM   175  C CB  . PHE A 1 28  ? -2.15710  -5.99423  -14.59824 1.000 23.12000 ? 2196 PHE M CB  1 
ATOM   176  C CG  . PHE A 1 28  ? -2.91346  -5.85354  -15.88527 1.000 25.75000 ? 2196 PHE M CG  1 
ATOM   177  C CD1 . PHE A 1 28  ? -2.64964  -6.68347  -16.96816 1.000 30.74000 ? 2196 PHE M CD1 1 
ATOM   178  C CD2 . PHE A 1 28  ? -3.90787  -4.89966  -16.00350 1.000 25.16000 ? 2196 PHE M CD2 1 
ATOM   179  C CE1 . PHE A 1 28  ? -3.34625  -6.54014  -18.16113 1.000 31.08000 ? 2196 PHE M CE1 1 
ATOM   180  C CE2 . PHE A 1 28  ? -4.61321  -4.75578  -17.18457 1.000 29.43000 ? 2196 PHE M CE2 1 
ATOM   181  C CZ  . PHE A 1 28  ? -4.32492  -5.57668  -18.26816 1.000 30.91000 ? 2196 PHE M CZ  1 
ATOM   182  N N   . THR A 1 29  ? 0.41595   -5.91569  -16.91985 1.000 23.10000 ? 2197 THR M N   1 
ATOM   183  C CA  . THR A 1 29  ? 1.09834   -5.11554  -17.92222 1.000 24.61000 ? 2197 THR M CA  1 
ATOM   184  C C   . THR A 1 29  ? 0.71609   -5.60660  -19.30721 1.000 25.80000 ? 2197 THR M C   1 
ATOM   185  O O   . THR A 1 29  ? 0.54952   -6.80870  -19.51728 1.000 29.01000 ? 2197 THR M O   1 
ATOM   186  C CB  . THR A 1 29  ? 2.62606   -5.16910  -17.73316 1.000 29.60000 ? 2197 THR M CB  1 
ATOM   187  O OG1 . THR A 1 29  ? 3.26494   -4.36913  -18.73625 1.000 35.88000 ? 2197 THR M OG1 1 
ATOM   188  C CG2 . THR A 1 29  ? 3.13204   -6.59734  -17.82790 1.000 28.15000 ? 2197 THR M CG2 1 
ATOM   189  N N   . ASN A 1 30  ? 0.53945   -4.67582  -20.23661 1.000 25.81000 ? 2198 ASN M N   1 
ATOM   190  C CA  . ASN A 1 30  ? 0.35300   -5.03446  -21.64186 1.000 28.80000 ? 2198 ASN M CA  1 
ATOM   191  C C   . ASN A 1 30  ? 1.04162   -3.97444  -22.49265 1.000 30.71000 ? 2198 ASN M C   1 
ATOM   192  O O   . ASN A 1 30  ? 1.89890   -3.22095  -22.01663 1.000 26.59000 ? 2198 ASN M O   1 
ATOM   193  C CB  . ASN A 1 30  ? -1.13738  -5.23718  -21.98720 1.000 23.46000 ? 2198 ASN M CB  1 
ATOM   194  C CG  . ASN A 1 30  ? -1.96442  -3.95013  -21.94880 1.000 25.89000 ? 2198 ASN M CG  1 
ATOM   195  O OD1 . ASN A 1 30  ? -1.44388  -2.83317  -21.98215 1.000 27.13000 ? 2198 ASN M OD1 1 
ATOM   196  N ND2 . ASN A 1 30  ? -3.28542  -4.11918  -21.87849 1.000 24.73000 ? 2198 ASN M ND2 1 
ATOM   197  N N   . MET A 1 31  ? 0.65936   -3.90085  -23.76843 1.000 29.47000 ? 2199 MET M N   1 
ATOM   198  C CA  . MET A 1 31  ? 1.35191   -3.00892  -24.68799 1.000 29.88000 ? 2199 MET M CA  1 
ATOM   199  C C   . MET A 1 31  ? 1.12430   -1.54272  -24.35372 1.000 30.53000 ? 2199 MET M C   1 
ATOM   200  O O   . MET A 1 31  ? 1.95838   -0.69409  -24.69245 1.000 30.89000 ? 2199 MET M O   1 
ATOM   201  C CB  . MET A 1 31  ? 0.89670   -3.28706  -26.11290 1.000 33.78000 ? 2199 MET M CB  1 
ATOM   202  C CG  . MET A 1 31  ? 1.98903   -3.81020  -27.00525 1.000 41.40000 ? 2199 MET M CG  1 
ATOM   203  S SD  . MET A 1 31  ? 1.32877   -3.94508  -28.67034 1.000 56.94000 ? 2199 MET M SD  1 
ATOM   204  C CE  . MET A 1 31  ? 0.12693   -5.25187  -28.44688 1.000 35.69000 ? 2199 MET M CE  1 
ATOM   205  N N   . PHE A 1 32  ? 0.00548   -1.22664  -23.70542 1.000 26.71000 ? 2200 PHE M N   1 
ATOM   206  C CA  . PHE A 1 32  ? -0.40436  0.14863   -23.48339 1.000 27.88000 ? 2200 PHE M CA  1 
ATOM   207  C C   . PHE A 1 32  ? -0.41746  0.55724   -22.01939 1.000 29.09000 ? 2200 PHE M C   1 
ATOM   208  O O   . PHE A 1 32  ? -0.59313  1.74662   -21.72954 1.000 29.69000 ? 2200 PHE M O   1 
ATOM   209  C CB  . PHE A 1 32  ? -1.80620  0.38134   -24.07249 1.000 30.36000 ? 2200 PHE M CB  1 
ATOM   210  C CG  . PHE A 1 32  ? -1.88062  0.19060   -25.56159 1.000 31.27000 ? 2200 PHE M CG  1 
ATOM   211  C CD1 . PHE A 1 32  ? -1.86092  -1.08073  -26.11901 1.000 29.29000 ? 2200 PHE M CD1 1 
ATOM   212  C CD2 . PHE A 1 32  ? -1.97819  1.28112   -26.40264 1.000 31.45000 ? 2200 PHE M CD2 1 
ATOM   213  C CE1 . PHE A 1 32  ? -1.92464  -1.25284  -27.49338 1.000 33.57000 ? 2200 PHE M CE1 1 
ATOM   214  C CE2 . PHE A 1 32  ? -2.04770  1.11307   -27.77690 1.000 36.69000 ? 2200 PHE M CE2 1 
ATOM   215  C CZ  . PHE A 1 32  ? -2.02028  -0.15431  -28.31900 1.000 33.27000 ? 2200 PHE M CZ  1 
ATOM   216  N N   . ALA A 1 33  ? -0.24802  -0.38621  -21.10065 1.000 23.87000 ? 2201 ALA M N   1 
ATOM   217  C CA  . ALA A 1 33  ? -0.42053  -0.12886  -19.68112 1.000 24.84000 ? 2201 ALA M CA  1 
ATOM   218  C C   . ALA A 1 33  ? 0.61938   -0.90885  -18.89890 1.000 22.73000 ? 2201 ALA M C   1 
ATOM   219  O O   . ALA A 1 33  ? 0.91848   -2.05386  -19.23634 1.000 23.18000 ? 2201 ALA M O   1 
ATOM   220  C CB  . ALA A 1 33  ? -1.82037  -0.53511  -19.21058 1.000 22.31000 ? 2201 ALA M CB  1 
ATOM   221  N N   . THR A 1 34  ? 1.16602   -0.28825  -17.85363 1.000 20.88000 ? 2202 THR M N   1 
ATOM   222  C CA  . THR A 1 34  ? 2.01401   -0.97981  -16.88192 1.000 18.13000 ? 2202 THR M CA  1 
ATOM   223  C C   . THR A 1 34  ? 1.50820   -0.56581  -15.50903 1.000 19.82000 ? 2202 THR M C   1 
ATOM   224  O O   . THR A 1 34  ? 1.82589   0.52718   -15.03831 1.000 18.09000 ? 2202 THR M O   1 
ATOM   225  C CB  . THR A 1 34  ? 3.49303   -0.63129  -17.04457 1.000 24.65000 ? 2202 THR M CB  1 
ATOM   226  O OG1 . THR A 1 34  ? 3.82108   -0.54088  -18.43636 1.000 30.90000 ? 2202 THR M OG1 1 
ATOM   227  C CG2 . THR A 1 34  ? 4.35649   -1.69979  -16.40046 1.000 25.40000 ? 2202 THR M CG2 1 
ATOM   228  N N   . TRP A 1 35  ? 0.69722   -1.41713  -14.88307 1.000 16.45000 ? 2203 TRP M N   1 
ATOM   229  C CA  . TRP A 1 35  ? 0.14819   -1.10507  -13.56593 1.000 16.99000 ? 2203 TRP M CA  1 
ATOM   230  C C   . TRP A 1 35  ? 1.13322   -1.56694  -12.49362 1.000 14.14000 ? 2203 TRP M C   1 
ATOM   231  O O   . TRP A 1 35  ? 0.82971   -2.39414  -11.63957 1.000 14.88000 ? 2203 TRP M O   1 
ATOM   232  C CB  . TRP A 1 35  ? -1.21976  -1.75860  -13.38401 1.000 16.99000 ? 2203 TRP M CB  1 
ATOM   233  C CG  . TRP A 1 35  ? -2.29413  -1.33123  -14.36945 1.000 17.41000 ? 2203 TRP M CG  1 
ATOM   234  C CD1 . TRP A 1 35  ? -2.57029  -1.89966  -15.59259 1.000 17.62000 ? 2203 TRP M CD1 1 
ATOM   235  C CD2 . TRP A 1 35  ? -3.24035  -0.27195  -14.20066 1.000 15.20000 ? 2203 TRP M CD2 1 
ATOM   236  N NE1 . TRP A 1 35  ? -3.62622  -1.25274  -16.18674 1.000 15.36000 ? 2203 TRP M NE1 1 
ATOM   237  C CE2 . TRP A 1 35  ? -4.06089  -0.25420  -15.35373 1.000 17.74000 ? 2203 TRP M CE2 1 
ATOM   238  C CE3 . TRP A 1 35  ? -3.48194  0.66060   -13.18648 1.000 17.12000 ? 2203 TRP M CE3 1 
ATOM   239  C CZ2 . TRP A 1 35  ? -5.10124  0.66323   -15.51667 1.000 19.94000 ? 2203 TRP M CZ2 1 
ATOM   240  C CZ3 . TRP A 1 35  ? -4.51559  1.56938   -13.34965 1.000 16.70000 ? 2203 TRP M CZ3 1 
ATOM   241  C CH2 . TRP A 1 35  ? -5.31500  1.56307   -14.50292 1.000 17.42000 ? 2203 TRP M CH2 1 
ATOM   242  N N   . SER A 1 36  ? 2.35003   -1.02118  -12.57776 1.000 16.31000 ? 2204 SER M N   1 
ATOM   243  C CA  . SER A 1 36  ? 3.47614   -1.55658  -11.83381 1.000 16.35000 ? 2204 SER M CA  1 
ATOM   244  C C   . SER A 1 36  ? 3.40885   -1.14443  -10.36905 1.000 15.17000 ? 2204 SER M C   1 
ATOM   245  O O   . SER A 1 36  ? 2.69737   -0.20920  -10.00970 1.000 15.02000 ? 2204 SER M O   1 
ATOM   246  C CB  . SER A 1 36  ? 4.78843   -1.07752  -12.45818 1.000 21.35000 ? 2204 SER M CB  1 
ATOM   247  O OG  . SER A 1 36  ? 4.77361   0.31642   -12.67996 1.000 26.29000 ? 2204 SER M OG  1 
ATOM   248  N N   . PRO A 1 37  ? 4.13849   -1.83974  -9.49583  1.000 15.97000 ? 2205 PRO M N   1 
ATOM   249  C CA  . PRO A 1 37  ? 4.14710   -1.44036  -8.07734  1.000 15.70000 ? 2205 PRO M CA  1 
ATOM   250  C C   . PRO A 1 37  ? 4.50932   0.02192   -7.86783  1.000 16.76000 ? 2205 PRO M C   1 
ATOM   251  O O   . PRO A 1 37  ? 3.91935   0.68763   -7.00955  1.000 15.09000 ? 2205 PRO M O   1 
ATOM   252  C CB  . PRO A 1 37  ? 5.18004   -2.39448  -7.46239  1.000 15.96000 ? 2205 PRO M CB  1 
ATOM   253  C CG  . PRO A 1 37  ? 5.16834   -3.58918  -8.37698  1.000 17.17000 ? 2205 PRO M CG  1 
ATOM   254  C CD  . PRO A 1 37  ? 4.89475   -3.07769  -9.74183  1.000 18.97000 ? 2205 PRO M CD  1 
ATOM   255  N N   . SER A 1 38  ? 5.41794   0.56621   -8.67762  1.000 16.38000 ? 2206 SER M N   1 
ATOM   256  C CA  . SER A 1 38  ? 5.83352   1.95105   -8.49246  1.000 19.82000 ? 2206 SER M CA  1 
ATOM   257  C C   . SER A 1 38  ? 4.78916   2.96335   -8.96163  1.000 17.77000 ? 2206 SER M C   1 
ATOM   258  O O   . SER A 1 38  ? 5.01449   4.17854   -8.81917  1.000 18.62000 ? 2206 SER M O   1 
ATOM   259  C CB  . SER A 1 38  ? 7.16266   2.18626   -9.20801  1.000 20.28000 ? 2206 SER M CB  1 
ATOM   260  O OG  . SER A 1 38  ? 7.01320   2.04005   -10.60418 1.000 22.47000 ? 2206 SER M OG  1 
ATOM   261  N N   . LYS A 1 39  ? 3.65953   2.50770   -9.50369  1.000 14.01000 ? 2207 LYS M N   1 
ATOM   262  C CA  . LYS A 1 39  ? 2.52740   3.38502   -9.76084  1.000 13.62000 ? 2207 LYS M CA  1 
ATOM   263  C C   . LYS A 1 39  ? 1.61461   3.54630   -8.55731  1.000 12.98000 ? 2207 LYS M C   1 
ATOM   264  O O   . LYS A 1 39  ? 0.67213   4.34378   -8.62878  1.000 14.06000 ? 2207 LYS M O   1 
ATOM   265  C CB  . LYS A 1 39  ? 1.68100   2.84991   -10.92598 1.000 17.24000 ? 2207 LYS M CB  1 
ATOM   266  C CG  . LYS A 1 39  ? 2.42820   2.74134   -12.23586 1.000 18.27000 ? 2207 LYS M CG  1 
ATOM   267  C CD  . LYS A 1 39  ? 2.53491   4.09832   -12.92416 1.000 18.30000 ? 2207 LYS M CD  1 
ATOM   268  C CE  . LYS A 1 39  ? 3.06293   3.95501   -14.35606 1.000 21.97000 ? 2207 LYS M CE  1 
ATOM   269  N NZ  . LYS A 1 39  ? 2.01343   3.45613   -15.30899 1.000 24.95000 ? 2207 LYS M NZ  1 
ATOM   270  N N   . ALA A 1 40  ? 1.87525   2.83234   -7.45822  1.000 14.54000 ? 2208 ALA M N   1 
ATOM   271  C CA  . ALA A 1 40  ? 0.99466   2.82865   -6.28631  1.000 13.11000 ? 2208 ALA M CA  1 
ATOM   272  C C   . ALA A 1 40  ? 1.22440   4.06615   -5.41178  1.000 13.74000 ? 2208 ALA M C   1 
ATOM   273  O O   . ALA A 1 40  ? 1.44444   3.99094   -4.20273  1.000 15.77000 ? 2208 ALA M O   1 
ATOM   274  C CB  . ALA A 1 40  ? 1.19142   1.54334   -5.48840  1.000 12.50000 ? 2208 ALA M CB  1 
ATOM   275  N N   . ARG A 1 41  ? 1.11726   5.23314   -6.03803  1.000 14.67000 ? 2209 ARG M N   1 
ATOM   276  C CA  . ARG A 1 41  ? 1.45878   6.48057   -5.37591  1.000 14.12000 ? 2209 ARG M CA  1 
ATOM   277  C C   . ARG A 1 41  ? 0.24218   7.38259   -5.27698  1.000 13.29000 ? 2209 ARG M C   1 
ATOM   278  O O   . ARG A 1 41  ? -0.42348  7.64200   -6.28718  1.000 14.18000 ? 2209 ARG M O   1 
ATOM   279  C CB  . ARG A 1 41  ? 2.57801   7.19161   -6.11876  1.000 13.53000 ? 2209 ARG M CB  1 
ATOM   280  C CG  . ARG A 1 41  ? 3.85905   6.37589   -6.21594  1.000 15.36000 ? 2209 ARG M CG  1 
ATOM   281  C CD  . ARG A 1 41  ? 4.91785   7.17471   -6.99928  1.000 13.67000 ? 2209 ARG M CD  1 
ATOM   282  N NE  . ARG A 1 41  ? 6.14304   6.39956   -7.19940  1.000 18.46000 ? 2209 ARG M NE  1 
ATOM   283  C CZ  . ARG A 1 41  ? 7.12763   6.29531   -6.31209  1.000 18.24000 ? 2209 ARG M CZ  1 
ATOM   284  N NH1 . ARG A 1 41  ? 7.04109   6.91435   -5.13857  1.000 12.80000 ? 2209 ARG M NH1 1 
ATOM   285  N NH2 . ARG A 1 41  ? 8.20514   5.57396   -6.60699  1.000 15.65000 ? 2209 ARG M NH2 1 
ATOM   286  N N   . LEU A 1 42  ? -0.04295  7.84514   -4.05815  1.000 12.86000 ? 2210 LEU M N   1 
ATOM   287  C CA  . LEU A 1 42  ? -1.21939  8.66050   -3.79521  1.000 12.23000 ? 2210 LEU M CA  1 
ATOM   288  C C   . LEU A 1 42  ? -1.33122  9.78923   -4.81231  1.000 14.61000 ? 2210 LEU M C   1 
ATOM   289  O O   . LEU A 1 42  ? -0.35489  10.49245  -5.08627  1.000 15.42000 ? 2210 LEU M O   1 
ATOM   290  C CB  . LEU A 1 42  ? -1.15577  9.22836   -2.37896  1.000 14.10000 ? 2210 LEU M CB  1 
ATOM   291  C CG  . LEU A 1 42  ? -2.51881  9.40048   -1.71334  1.000 16.77000 ? 2210 LEU M CG  1 
ATOM   292  C CD1 . LEU A 1 42  ? -3.03872  8.03315   -1.27675  1.000 13.50000 ? 2210 LEU M CD1 1 
ATOM   293  C CD2 . LEU A 1 42  ? -2.43836  10.33064  -0.52014  1.000 17.37000 ? 2210 LEU M CD2 1 
ATOM   294  N N   . HIS A 1 43  ? -2.52242  9.91405   -5.40000  1.000 15.11000 ? 2211 HIS M N   1 
ATOM   295  C CA  . HIS A 1 43  ? -2.93350  10.96757  -6.33164  1.000 17.01000 ? 2211 HIS M CA  1 
ATOM   296  C C   . HIS A 1 43  ? -2.18379  10.93765  -7.66054  1.000 17.03000 ? 2211 HIS M C   1 
ATOM   297  O O   . HIS A 1 43  ? -2.29270  11.89434  -8.45303  1.000 19.23000 ? 2211 HIS M O   1 
ATOM   298  C CB  . HIS A 1 43  ? -2.82601  12.35694  -5.68697  1.000 18.42000 ? 2211 HIS M CB  1 
ATOM   299  C CG  . HIS A 1 43  ? -3.69000  12.51485  -4.47362  1.000 19.26000 ? 2211 HIS M CG  1 
ATOM   300  N ND1 . HIS A 1 43  ? -5.06804  12.43536  -4.52522  1.000 21.96000 ? 2211 HIS M ND1 1 
ATOM   301  C CD2 . HIS A 1 43  ? -3.37311  12.71766  -3.17284  1.000 19.16000 ? 2211 HIS M CD2 1 
ATOM   302  C CE1 . HIS A 1 43  ? -5.55969  12.59850  -3.31039  1.000 20.18000 ? 2211 HIS M CE1 1 
ATOM   303  N NE2 . HIS A 1 43  ? -4.55473  12.77758  -2.47301  1.000 20.49000 ? 2211 HIS M NE2 1 
ATOM   304  N N   . LEU A 1 44  ? -1.45016  9.86979   -7.95380  1.000 15.68000 ? 2212 LEU M N   1 
ATOM   305  C CA  . LEU A 1 44  ? -0.88108  9.73096   -9.28863  1.000 17.85000 ? 2212 LEU M CA  1 
ATOM   306  C C   . LEU A 1 44  ? -1.98796  9.72004   -10.34186 1.000 20.70000 ? 2212 LEU M C   1 
ATOM   307  O O   . LEU A 1 44  ? -3.03004  9.08379   -10.16646 1.000 18.60000 ? 2212 LEU M O   1 
ATOM   308  C CB  . LEU A 1 44  ? -0.05751  8.44361   -9.38193  1.000 16.39000 ? 2212 LEU M CB  1 
ATOM   309  C CG  . LEU A 1 44  ? 0.83130   8.28079   -10.60920 1.000 19.36000 ? 2212 LEU M CG  1 
ATOM   310  C CD1 . LEU A 1 44  ? 1.90387   9.34707   -10.58610 1.000 23.16000 ? 2212 LEU M CD1 1 
ATOM   311  C CD2 . LEU A 1 44  ? 1.46201   6.88844   -10.62075 1.000 18.78000 ? 2212 LEU M CD2 1 
ATOM   312  N N   . GLN A 1 45  ? -1.76636  10.44821  -11.43584 1.000 22.33000 ? 2213 GLN M N   1 
ATOM   313  C CA  . GLN A 1 45  ? -2.70306  10.49017  -12.54690 1.000 20.50000 ? 2213 GLN M CA  1 
ATOM   314  C C   . GLN A 1 45  ? -2.05061  9.85054   -13.76655 1.000 23.82000 ? 2213 GLN M C   1 
ATOM   315  O O   . GLN A 1 45  ? -0.82402  9.75063   -13.85912 1.000 21.59000 ? 2213 GLN M O   1 
ATOM   316  C CB  . GLN A 1 45  ? -3.14710  11.92838  -12.85714 1.000 24.84000 ? 2213 GLN M CB  1 
ATOM   317  C CG  . GLN A 1 45  ? -3.54034  12.79173  -11.63882 1.000 25.13000 ? 2213 GLN M CG  1 
ATOM   318  C CD  . GLN A 1 45  ? -4.85372  12.36252  -10.97578 1.000 33.96000 ? 2213 GLN M CD  1 
ATOM   319  O OE1 . GLN A 1 45  ? -5.72715  11.78773  -11.62615 1.000 38.82000 ? 2213 GLN M OE1 1 
ATOM   320  N NE2 . GLN A 1 45  ? -4.99506  12.65009  -9.67279  1.000 31.70000 ? 2213 GLN M NE2 1 
ATOM   321  N N   . GLY A 1 46  ? -2.87702  9.37978   -14.68565 1.000 24.02000 ? 2214 GLY M N   1 
ATOM   322  C CA  . GLY A 1 46  ? -2.37597  8.81789   -15.92330 1.000 24.80000 ? 2214 GLY M CA  1 
ATOM   323  C C   . GLY A 1 46  ? -3.23019  7.65126   -16.38695 1.000 24.11000 ? 2214 GLY M C   1 
ATOM   324  O O   . GLY A 1 46  ? -4.32465  7.41400   -15.88590 1.000 24.74000 ? 2214 GLY M O   1 
ATOM   325  N N   . ARG A 1 47  ? -2.68131  6.91837   -17.35659 1.000 23.78000 ? 2215 ARG M N   1 
ATOM   326  C CA  . ARG A 1 47  ? -3.38619  5.81525   -18.00732 1.000 30.07000 ? 2215 ARG M CA  1 
ATOM   327  C C   . ARG A 1 47  ? -3.40576  4.54939   -17.15071 1.000 29.06000 ? 2215 ARG M C   1 
ATOM   328  O O   . ARG A 1 47  ? -4.45517  3.90985   -17.00425 1.000 31.32000 ? 2215 ARG M O   1 
ATOM   329  C CB  . ARG A 1 47  ? -2.74502  5.54461   -19.37294 1.000 33.32000 ? 2215 ARG M CB  1 
ATOM   330  C CG  . ARG A 1 47  ? -3.03840  4.18221   -19.97215 1.000 37.61000 ? 2215 ARG M CG  1 
ATOM   331  C CD  . ARG A 1 47  ? -4.36077  4.13814   -20.72635 1.000 36.70000 ? 2215 ARG M CD  1 
ATOM   332  N NE  . ARG A 1 47  ? -4.47184  2.90510   -21.50175 1.000 35.26000 ? 2215 ARG M NE  1 
ATOM   333  C CZ  . ARG A 1 47  ? -4.71255  1.70386   -20.97486 1.000 39.89000 ? 2215 ARG M CZ  1 
ATOM   334  N NH1 . ARG A 1 47  ? -4.89270  1.55915   -19.65428 1.000 31.96000 ? 2215 ARG M NH1 1 
ATOM   335  N NH2 . ARG A 1 47  ? -4.78240  0.63835   -21.77114 1.000 33.86000 ? 2215 ARG M NH2 1 
ATOM   336  N N   . SER A 1 48  ? -2.26260  4.16000   -16.59072 1.000 25.04000 ? 2216 SER M N   1 
ATOM   337  C CA  . SER A 1 48  ? -2.25005  3.01156   -15.68976 1.000 19.36000 ? 2216 SER M CA  1 
ATOM   338  C C   . SER A 1 48  ? -1.66354  3.45063   -14.35107 1.000 19.23000 ? 2216 SER M C   1 
ATOM   339  O O   . SER A 1 48  ? -0.59513  2.98371   -13.93665 1.000 20.70000 ? 2216 SER M O   1 
ATOM   340  C CB  . SER A 1 48  ? -1.47145  1.83967   -16.29354 1.000 20.22000 ? 2216 SER M CB  1 
ATOM   341  O OG  . SER A 1 48  ? -0.30701  2.28682   -16.97278 1.000 24.69000 ? 2216 SER M OG  1 
ATOM   342  N N   . ASN A 1 49  ? -2.36564  4.36159   -13.68280 1.000 17.41000 ? 2217 ASN M N   1 
ATOM   343  C CA  . ASN A 1 49  ? -1.87059  5.11180   -12.52630 1.000 17.07000 ? 2217 ASN M CA  1 
ATOM   344  C C   . ASN A 1 49  ? -2.16302  4.41157   -11.20112 1.000 17.71000 ? 2217 ASN M C   1 
ATOM   345  O O   . ASN A 1 49  ? -2.65145  5.04001   -10.25805 1.000 16.90000 ? 2217 ASN M O   1 
ATOM   346  C CB  . ASN A 1 49  ? -2.48547  6.50660   -12.53687 1.000 15.68000 ? 2217 ASN M CB  1 
ATOM   347  C CG  . ASN A 1 49  ? -4.01282  6.47565   -12.52440 1.000 19.76000 ? 2217 ASN M CG  1 
ATOM   348  O OD1 . ASN A 1 49  ? -4.64293  5.66884   -13.21578 1.000 17.67000 ? 2217 ASN M OD1 1 
ATOM   349  N ND2 . ASN A 1 49  ? -4.61299  7.34402   -11.71650 1.000 20.58000 ? 2217 ASN M ND2 1 
ATOM   350  N N   . ALA A 1 50  ? -1.86626  3.11708   -11.10804 1.000 15.12000 ? 2218 ALA M N   1 
ATOM   351  C CA  . ALA A 1 50  ? -1.96166  2.41195   -9.83017  1.000 14.97000 ? 2218 ALA M CA  1 
ATOM   352  C C   . ALA A 1 50  ? -1.23326  1.08319   -9.94632  1.000 13.81000 ? 2218 ALA M C   1 
ATOM   353  O O   . ALA A 1 50  ? -0.94788  0.61071   -11.04489 1.000 15.03000 ? 2218 ALA M O   1 
ATOM   354  C CB  . ALA A 1 50  ? -3.42977  2.18423   -9.42084  1.000 13.28000 ? 2218 ALA M CB  1 
ATOM   355  N N   . TRP A 1 51  ? -0.93097  0.47090   -8.80145  1.000 13.54000 ? 2219 TRP M N   1 
ATOM   356  C CA  . TRP A 1 51  ? -0.56913  -0.93332  -8.83611  1.000 12.77000 ? 2219 TRP M CA  1 
ATOM   357  C C   . TRP A 1 51  ? -1.81647  -1.77923  -9.02510  1.000 13.81000 ? 2219 TRP M C   1 
ATOM   358  O O   . TRP A 1 51  ? -2.81302  -1.59838  -8.32076  1.000 15.54000 ? 2219 TRP M O   1 
ATOM   359  C CB  . TRP A 1 51  ? 0.13841   -1.37684  -7.55921  1.000 11.89000 ? 2219 TRP M CB  1 
ATOM   360  C CG  . TRP A 1 51  ? 0.27329   -2.88982  -7.51223  1.000 12.24000 ? 2219 TRP M CG  1 
ATOM   361  C CD1 . TRP A 1 51  ? 1.04488   -3.67290  -8.34491  1.000 13.12000 ? 2219 TRP M CD1 1 
ATOM   362  C CD2 . TRP A 1 51  ? -0.35957  -3.79416  -6.59437  1.000 12.39000 ? 2219 TRP M CD2 1 
ATOM   363  N NE1 . TRP A 1 51  ? 0.93012   -4.99449  -7.98971  1.000 13.94000 ? 2219 TRP M NE1 1 
ATOM   364  C CE2 . TRP A 1 51  ? 0.06986   -5.10120  -6.92790  1.000 12.07000 ? 2219 TRP M CE2 1 
ATOM   365  C CE3 . TRP A 1 51  ? -1.25947  -3.63349  -5.53165  1.000 12.87000 ? 2219 TRP M CE3 1 
ATOM   366  C CZ2 . TRP A 1 51  ? -0.35544  -6.23555  -6.22153  1.000 13.97000 ? 2219 TRP M CZ2 1 
ATOM   367  C CZ3 . TRP A 1 51  ? -1.67309  -4.75813  -4.83270  1.000 15.72000 ? 2219 TRP M CZ3 1 
ATOM   368  C CH2 . TRP A 1 51  ? -1.22434  -6.04593  -5.18826  1.000 14.58000 ? 2219 TRP M CH2 1 
ATOM   369  N N   . ARG A 1 52  ? -1.74235  -2.73801  -9.94909  1.000 13.56000 ? 2220 ARG M N   1 
ATOM   370  C CA  . ARG A 1 52  ? -2.73002  -3.80114  -10.03454 1.000 14.27000 ? 2220 ARG M CA  1 
ATOM   371  C C   . ARG A 1 52  ? -1.97732  -5.12577  -10.18072 1.000 12.00000 ? 2220 ARG M C   1 
ATOM   372  O O   . ARG A 1 52  ? -1.07161  -5.21568  -11.01768 1.000 16.79000 ? 2220 ARG M O   1 
ATOM   373  C CB  . ARG A 1 52  ? -3.67649  -3.60414  -11.22568 1.000 15.97000 ? 2220 ARG M CB  1 
ATOM   374  C CG  . ARG A 1 52  ? -4.54501  -2.36371  -11.13586 1.000 16.90000 ? 2220 ARG M CG  1 
ATOM   375  C CD  . ARG A 1 52  ? -5.38395  -2.18620  -12.39825 1.000 18.25000 ? 2220 ARG M CD  1 
ATOM   376  N NE  . ARG A 1 52  ? -6.14955  -3.37800  -12.74891 1.000 20.47000 ? 2220 ARG M NE  1 
ATOM   377  C CZ  . ARG A 1 52  ? -6.85596  -3.49537  -13.87035 1.000 25.10000 ? 2220 ARG M CZ  1 
ATOM   378  N NH1 . ARG A 1 52  ? -6.88817  -2.49388  -14.74978 1.000 20.67000 ? 2220 ARG M NH1 1 
ATOM   379  N NH2 . ARG A 1 52  ? -7.52802  -4.60732  -14.11960 1.000 24.53000 ? 2220 ARG M NH2 1 
ATOM   380  N N   . PRO A 1 53  ? -2.34690  -6.15960  -9.42676  1.000 13.42000 ? 2221 PRO M N   1 
ATOM   381  C CA  . PRO A 1 53  ? -1.72512  -7.47220  -9.62373  1.000 15.65000 ? 2221 PRO M CA  1 
ATOM   382  C C   . PRO A 1 53  ? -2.13261  -8.05646  -10.96475 1.000 17.82000 ? 2221 PRO M C   1 
ATOM   383  O O   . PRO A 1 53  ? -3.08669  -7.60614  -11.60462 1.000 18.60000 ? 2221 PRO M O   1 
ATOM   384  C CB  . PRO A 1 53  ? -2.27321  -8.31120  -8.46169  1.000 14.93000 ? 2221 PRO M CB  1 
ATOM   385  C CG  . PRO A 1 53  ? -3.59719  -7.67274  -8.13220  1.000 15.80000 ? 2221 PRO M CG  1 
ATOM   386  C CD  . PRO A 1 53  ? -3.39497  -6.18575  -8.39391  1.000 13.51000 ? 2221 PRO M CD  1 
ATOM   387  N N   . GLN A 1 54  ? -1.37188  -9.06755  -11.39717 1.000 19.37000 ? 2222 GLN M N   1 
ATOM   388  C CA  . GLN A 1 54  ? -1.65706  -9.70911  -12.67692 1.000 22.18000 ? 2222 GLN M CA  1 
ATOM   389  C C   . GLN A 1 54  ? -3.00430  -10.41533 -12.64701 1.000 23.43000 ? 2222 GLN M C   1 
ATOM   390  O O   . GLN A 1 54  ? -3.74142  -10.39570 -13.63995 1.000 26.05000 ? 2222 GLN M O   1 
ATOM   391  C CB  . GLN A 1 54  ? -0.54123  -10.69877 -13.02964 1.000 26.55000 ? 2222 GLN M CB  1 
ATOM   392  C CG  . GLN A 1 54  ? -0.44184  -11.04772 -14.50387 1.000 34.39000 ? 2222 GLN M CG  1 
ATOM   393  C CD  . GLN A 1 54  ? 0.89171   -11.69803 -14.84740 1.000 41.53000 ? 2222 GLN M CD  1 
ATOM   394  O OE1 . GLN A 1 54  ? 1.85559   -11.01655 -15.22221 1.000 42.64000 ? 2222 GLN M OE1 1 
ATOM   395  N NE2 . GLN A 1 54  ? 0.95500   -13.01809 -14.71738 1.000 47.43000 ? 2222 GLN M NE2 1 
ATOM   396  N N   . VAL A 1 55  ? -3.33156  -11.05008 -11.52373 1.000 21.10000 ? 2223 VAL M N   1 
ATOM   397  C CA  . VAL A 1 55  ? -4.62463  -11.68403 -11.28880 1.000 20.98000 ? 2223 VAL M CA  1 
ATOM   398  C C   . VAL A 1 55  ? -5.12886  -11.20532 -9.93322  1.000 21.17000 ? 2223 VAL M C   1 
ATOM   399  O O   . VAL A 1 55  ? -4.33969  -10.87324 -9.04166  1.000 22.40000 ? 2223 VAL M O   1 
ATOM   400  C CB  . VAL A 1 55  ? -4.53707  -13.23055 -11.33182 1.000 20.87000 ? 2223 VAL M CB  1 
ATOM   401  C CG1 . VAL A 1 55  ? -4.06385  -13.71085 -12.69629 1.000 22.47000 ? 2223 VAL M CG1 1 
ATOM   402  C CG2 . VAL A 1 55  ? -3.61851  -13.74972 -10.23855 1.000 26.11000 ? 2223 VAL M CG2 1 
ATOM   403  N N   . ASN A 1 56  ? -6.45323  -11.15560 -9.78263  1.000 21.80000 ? 2224 ASN M N   1 
ATOM   404  C CA  . ASN A 1 56  ? -7.09441  -10.69365 -8.55204  1.000 18.84000 ? 2224 ASN M CA  1 
ATOM   405  C C   . ASN A 1 56  ? -7.41329  -11.88675 -7.66190  1.000 26.51000 ? 2224 ASN M C   1 
ATOM   406  O O   . ASN A 1 56  ? -8.29118  -12.69687 -7.98012  1.000 21.98000 ? 2224 ASN M O   1 
ATOM   407  C CB  . ASN A 1 56  ? -8.35940  -9.90240  -8.86560  1.000 20.23000 ? 2224 ASN M CB  1 
ATOM   408  C CG  . ASN A 1 56  ? -8.09463  -8.74654  -9.79051  1.000 21.96000 ? 2224 ASN M CG  1 
ATOM   409  O OD1 . ASN A 1 56  ? -7.49383  -7.74578  -9.39607  1.000 18.05000 ? 2224 ASN M OD1 1 
ATOM   410  N ND2 . ASN A 1 56  ? -8.53856  -8.87162  -11.03333 1.000 26.35000 ? 2224 ASN M ND2 1 
ATOM   411  N N   . ASN A 1 57  ? -6.72867  -11.96758 -6.52896  1.000 18.52000 ? 2225 ASN M N   1 
ATOM   412  C CA  . ASN A 1 57  ? -6.93750  -13.03203 -5.56388  1.000 24.64000 ? 2225 ASN M CA  1 
ATOM   413  C C   . ASN A 1 57  ? -6.35272  -12.57316 -4.23838  1.000 22.84000 ? 2225 ASN M C   1 
ATOM   414  O O   . ASN A 1 57  ? -5.48562  -11.68901 -4.21394  1.000 23.34000 ? 2225 ASN M O   1 
ATOM   415  C CB  . ASN A 1 57  ? -6.28481  -14.34426 -6.03902  1.000 27.23000 ? 2225 ASN M CB  1 
ATOM   416  C CG  . ASN A 1 57  ? -4.77698  -14.30692 -5.95641  1.000 27.84000 ? 2225 ASN M CG  1 
ATOM   417  O OD1 . ASN A 1 57  ? -4.19877  -14.30746 -4.86952  1.000 29.39000 ? 2225 ASN M OD1 1 
ATOM   418  N ND2 . ASN A 1 57  ? -4.12679  -14.29269 -7.10937  1.000 33.27000 ? 2225 ASN M ND2 1 
ATOM   419  N N   . PRO A 1 58  ? -6.80258  -13.14221 -3.11899  1.000 22.22000 ? 2226 PRO M N   1 
ATOM   420  C CA  . PRO A 1 58  ? -6.37572  -12.63984 -1.80805  1.000 21.07000 ? 2226 PRO M CA  1 
ATOM   421  C C   . PRO A 1 58  ? -4.95806  -13.01049 -1.40674  1.000 23.99000 ? 2226 PRO M C   1 
ATOM   422  O O   . PRO A 1 58  ? -4.58770  -12.75112 -0.26033  1.000 28.66000 ? 2226 PRO M O   1 
ATOM   423  C CB  . PRO A 1 58  ? -7.38943  -13.28289 -0.84594  1.000 21.75000 ? 2226 PRO M CB  1 
ATOM   424  C CG  . PRO A 1 58  ? -7.84609  -14.49790 -1.54544  1.000 22.16000 ? 2226 PRO M CG  1 
ATOM   425  C CD  . PRO A 1 58  ? -7.84371  -14.18143 -3.00167  1.000 22.18000 ? 2226 PRO M CD  1 
ATOM   426  N N   . LYS A 1 59  ? -4.15349  -13.60244 -2.29333  1.000 20.73000 ? 2227 LYS M N   1 
ATOM   427  C CA  . LYS A 1 59  ? -2.76300  -13.91744 -1.97924  1.000 27.09000 ? 2227 LYS M CA  1 
ATOM   428  C C   . LYS A 1 59  ? -1.77763  -12.96948 -2.65844  1.000 25.78000 ? 2227 LYS M C   1 
ATOM   429  O O   . LYS A 1 59  ? -0.56603  -13.22445 -2.63572  1.000 23.56000 ? 2227 LYS M O   1 
ATOM   430  C CB  . LYS A 1 59  ? -2.44251  -15.36777 -2.36093  1.000 27.70000 ? 2227 LYS M CB  1 
ATOM   431  C CG  . LYS A 1 59  ? -3.10033  -16.42195 -1.45832  1.000 29.94000 ? 2227 LYS M CG  1 
ATOM   432  C CD  . LYS A 1 59  ? -3.44324  -15.88831 -0.04409  1.000 34.24000 ? 2227 LYS M CD  1 
ATOM   433  C CE  . LYS A 1 59  ? -2.24596  -15.86379 0.92277   1.000 40.47000 ? 2227 LYS M CE  1 
ATOM   434  N NZ  . LYS A 1 59  ? -2.57053  -15.19845 2.23324   1.000 41.38000 ? 2227 LYS M NZ  1 
ATOM   435  N N   . GLU A 1 60  ? -2.26421  -11.89357 -3.25991  1.000 18.21000 ? 2228 GLU M N   1 
ATOM   436  C CA  . GLU A 1 60  ? -1.37979  -10.90420 -3.85763  1.000 19.36000 ? 2228 GLU M CA  1 
ATOM   437  C C   . GLU A 1 60  ? -0.97620  -9.87131  -2.81207  1.000 18.66000 ? 2228 GLU M C   1 
ATOM   438  O O   . GLU A 1 60  ? -1.63153  -9.70779  -1.78113  1.000 15.95000 ? 2228 GLU M O   1 
ATOM   439  C CB  . GLU A 1 60  ? -2.05131  -10.22317 -5.04664  1.000 21.06000 ? 2228 GLU M CB  1 
ATOM   440  C CG  . GLU A 1 60  ? -2.50472  -11.18215 -6.14504  1.000 21.49000 ? 2228 GLU M CG  1 
ATOM   441  C CD  . GLU A 1 60  ? -1.35252  -11.76608 -6.97746  1.000 27.84000 ? 2228 GLU M CD  1 
ATOM   442  O OE1 . GLU A 1 60  ? -0.37452  -11.04318 -7.29163  1.000 21.57000 ? 2228 GLU M OE1 1 
ATOM   443  O OE2 . GLU A 1 60  ? -1.43415  -12.96287 -7.32998  1.000 28.24000 ? 2228 GLU M OE2 1 
ATOM   444  N N   . TRP A 1 61  ? 0.12195   -9.16671  -3.08339  1.000 17.42000 ? 2229 TRP M N   1 
ATOM   445  C CA  . TRP A 1 61  ? 0.59911   -8.19189  -2.10701  1.000 15.37000 ? 2229 TRP M CA  1 
ATOM   446  C C   . TRP A 1 61  ? 1.46757   -7.14059  -2.78898  1.000 13.71000 ? 2229 TRP M C   1 
ATOM   447  O O   . TRP A 1 61  ? 2.06935   -7.38798  -3.83961  1.000 13.22000 ? 2229 TRP M O   1 
ATOM   448  C CB  . TRP A 1 61  ? 1.39160   -8.85458  -0.97023  1.000 15.29000 ? 2229 TRP M CB  1 
ATOM   449  C CG  . TRP A 1 61  ? 2.45620   -9.78126  -1.45640  1.000 19.66000 ? 2229 TRP M CG  1 
ATOM   450  C CD1 . TRP A 1 61  ? 2.36988   -11.13416 -1.55364  1.000 20.64000 ? 2229 TRP M CD1 1 
ATOM   451  C CD2 . TRP A 1 61  ? 3.77024   -9.42451  -1.91084  1.000 18.06000 ? 2229 TRP M CD2 1 
ATOM   452  N NE1 . TRP A 1 61  ? 3.55065   -11.64884 -2.04855  1.000 20.39000 ? 2229 TRP M NE1 1 
ATOM   453  C CE2 . TRP A 1 61  ? 4.42335   -10.61693 -2.27690  1.000 21.75000 ? 2229 TRP M CE2 1 
ATOM   454  C CE3 . TRP A 1 61  ? 4.45366   -8.21289  -2.04940  1.000 16.29000 ? 2229 TRP M CE3 1 
ATOM   455  C CZ2 . TRP A 1 61  ? 5.73095   -10.63354 -2.78041  1.000 20.20000 ? 2229 TRP M CZ2 1 
ATOM   456  C CZ3 . TRP A 1 61  ? 5.75911   -8.22871  -2.54948  1.000 17.56000 ? 2229 TRP M CZ3 1 
ATOM   457  C CH2 . TRP A 1 61  ? 6.38066   -9.43710  -2.90341  1.000 17.79000 ? 2229 TRP M CH2 1 
ATOM   458  N N   . LEU A 1 62  ? 1.51409   -5.96974  -2.15304  1.000 13.50000 ? 2230 LEU M N   1 
ATOM   459  C CA  . LEU A 1 62  ? 2.32651   -4.82550  -2.53327  1.000 12.98000 ? 2230 LEU M CA  1 
ATOM   460  C C   . LEU A 1 62  ? 3.23663   -4.50805  -1.35772  1.000 13.50000 ? 2230 LEU M C   1 
ATOM   461  O O   . LEU A 1 62  ? 2.80353   -4.57672  -0.20278  1.000 13.99000 ? 2230 LEU M O   1 
ATOM   462  C CB  . LEU A 1 62  ? 1.44253   -3.60636  -2.86653  1.000 12.86000 ? 2230 LEU M CB  1 
ATOM   463  C CG  . LEU A 1 62  ? 2.15947   -2.29470  -3.16879  1.000 13.80000 ? 2230 LEU M CG  1 
ATOM   464  C CD1 . LEU A 1 62  ? 2.68806   -2.33139  -4.59117  1.000 13.15000 ? 2230 LEU M CD1 1 
ATOM   465  C CD2 . LEU A 1 62  ? 1.25937   -1.09221  -2.95363  1.000 15.36000 ? 2230 LEU M CD2 1 
ATOM   466  N N   . GLN A 1 63  ? 4.49783   -4.16918  -1.64407  1.000 12.21000 ? 2231 GLN M N   1 
ATOM   467  C CA  . GLN A 1 63  ? 5.51398   -4.03472  -0.60923  1.000 13.00000 ? 2231 GLN M CA  1 
ATOM   468  C C   . GLN A 1 63  ? 6.31507   -2.75267  -0.78804  1.000 14.68000 ? 2231 GLN M C   1 
ATOM   469  O O   . GLN A 1 63  ? 6.71808   -2.42642  -1.90291  1.000 12.64000 ? 2231 GLN M O   1 
ATOM   470  C CB  . GLN A 1 63  ? 6.47911   -5.23668  -0.64517  1.000 14.02000 ? 2231 GLN M CB  1 
ATOM   471  C CG  . GLN A 1 63  ? 7.68955   -5.08674  0.25141   1.000 17.42000 ? 2231 GLN M CG  1 
ATOM   472  C CD  . GLN A 1 63  ? 8.58324   -6.30356  0.20611   1.000 20.91000 ? 2231 GLN M CD  1 
ATOM   473  O OE1 . GLN A 1 63  ? 8.20609   -7.37512  0.67315   1.000 20.78000 ? 2231 GLN M OE1 1 
ATOM   474  N NE2 . GLN A 1 63  ? 9.76793   -6.14533  -0.35908  1.000 23.41000 ? 2231 GLN M NE2 1 
ATOM   475  N N   . VAL A 1 64  ? 6.56242   -2.04140  0.31203   1.000 11.84000 ? 2232 VAL M N   1 
ATOM   476  C CA  . VAL A 1 64  ? 7.47713   -0.90306  0.34266   1.000 13.13000 ? 2232 VAL M CA  1 
ATOM   477  C C   . VAL A 1 64  ? 8.68225   -1.26768  1.19283   1.000 13.11000 ? 2232 VAL M C   1 
ATOM   478  O O   . VAL A 1 64  ? 8.53166   -1.78669  2.30543   1.000 12.50000 ? 2232 VAL M O   1 
ATOM   479  C CB  . VAL A 1 64  ? 6.81054   0.36492   0.89649   1.000 15.22000 ? 2232 VAL M CB  1 
ATOM   480  C CG1 . VAL A 1 64  ? 7.82018   1.50115   0.86060   1.000 14.57000 ? 2232 VAL M CG1 1 
ATOM   481  C CG2 . VAL A 1 64  ? 5.58856   0.71794   0.06173   1.000 13.31000 ? 2232 VAL M CG2 1 
ATOM   482  N N   . ASP A 1 65  ? 9.87332   -0.99667  0.66215   1.000 13.46000 ? 2233 ASP M N   1 
ATOM   483  C CA  . ASP A 1 65  ? 11.15466  -1.20058  1.33324   1.000 14.24000 ? 2233 ASP M CA  1 
ATOM   484  C C   . ASP A 1 65  ? 11.69602  0.19407   1.64905   1.000 16.23000 ? 2233 ASP M C   1 
ATOM   485  O O   . ASP A 1 65  ? 12.09288  0.92850   0.73975   1.000 12.86000 ? 2233 ASP M O   1 
ATOM   486  C CB  . ASP A 1 65  ? 12.08935  -1.98868  0.40778   1.000 16.62000 ? 2233 ASP M CB  1 
ATOM   487  C CG  . ASP A 1 65  ? 13.49025  -2.16711  0.96871   1.000 20.77000 ? 2233 ASP M CG  1 
ATOM   488  O OD1 . ASP A 1 65  ? 13.74887  -1.79212  2.13085   1.000 17.34000 ? 2233 ASP M OD1 1 
ATOM   489  O OD2 . ASP A 1 65  ? 14.34240  -2.69582  0.22614   1.000 24.01000 ? 2233 ASP M OD2 1 
ATOM   490  N N   . PHE A 1 66  ? 11.67659  0.58418   2.92140   1.000 11.78000 ? 2234 PHE M N   1 
ATOM   491  C CA  . PHE A 1 66  ? 12.13491  1.93048   3.25535   1.000 14.86000 ? 2234 PHE M CA  1 
ATOM   492  C C   . PHE A 1 66  ? 13.65098  2.06161   3.20240   1.000 16.14000 ? 2234 PHE M C   1 
ATOM   493  O O   . PHE A 1 66  ? 14.15602  3.18784   3.31586   1.000 17.70000 ? 2234 PHE M O   1 
ATOM   494  C CB  . PHE A 1 66  ? 11.66636  2.34480   4.64950   1.000 15.62000 ? 2234 PHE M CB  1 
ATOM   495  C CG  . PHE A 1 66  ? 10.18026  2.31442   4.82511   1.000 17.06000 ? 2234 PHE M CG  1 
ATOM   496  C CD1 . PHE A 1 66  ? 9.36161   3.11066   4.03541   1.000 17.08000 ? 2234 PHE M CD1 1 
ATOM   497  C CD2 . PHE A 1 66  ? 9.60015   1.50051   5.78748   1.000 20.31000 ? 2234 PHE M CD2 1 
ATOM   498  C CE1 . PHE A 1 66  ? 7.98595   3.08493   4.19381   1.000 17.15000 ? 2234 PHE M CE1 1 
ATOM   499  C CE2 . PHE A 1 66  ? 8.21878   1.47029   5.95703   1.000 16.54000 ? 2234 PHE M CE2 1 
ATOM   500  C CZ  . PHE A 1 66  ? 7.41554   2.26126   5.15400   1.000 17.01000 ? 2234 PHE M CZ  1 
ATOM   501  N N   . GLN A 1 67  ? 14.36811  0.93757   3.04842   1.000 17.65000 ? 2235 GLN M N   1 
ATOM   502  C CA  . GLN A 1 67  ? 15.82769  0.86154   2.99395   1.000 18.01000 ? 2235 GLN M CA  1 
ATOM   503  C C   . GLN A 1 67  ? 16.47208  1.27159   4.31231   1.000 19.65000 ? 2235 GLN M C   1 
ATOM   504  O O   . GLN A 1 67  ? 17.66769  1.58350   4.36457   1.000 18.64000 ? 2235 GLN M O   1 
ATOM   505  C CB  . GLN A 1 67  ? 16.37162  1.68611   1.82794   1.000 20.40000 ? 2235 GLN M CB  1 
ATOM   506  C CG  . GLN A 1 67  ? 15.81607  1.18156   0.50935   1.000 16.98000 ? 2235 GLN M CG  1 
ATOM   507  C CD  . GLN A 1 67  ? 16.51250  1.74839   -0.69745  1.000 26.46000 ? 2235 GLN M CD  1 
ATOM   508  O OE1 . GLN A 1 67  ? 16.92867  2.90611   -0.70704  1.000 28.68000 ? 2235 GLN M OE1 1 
ATOM   509  N NE2 . GLN A 1 67  ? 16.63194  0.93040   -1.74156  1.000 27.48000 ? 2235 GLN M NE2 1 
ATOM   510  N N   . LYS A 1 68  ? 15.68015  1.27208   5.37120   1.000 14.82000 ? 2236 LYS M N   1 
ATOM   511  C CA  . LYS A 1 68  ? 16.08678  1.54541   6.74455   1.000 19.26000 ? 2236 LYS M CA  1 
ATOM   512  C C   . LYS A 1 68  ? 14.84328  1.27840   7.57886   1.000 22.06000 ? 2236 LYS M C   1 
ATOM   513  O O   . LYS A 1 68  ? 13.74263  1.12339   7.03758   1.000 18.19000 ? 2236 LYS M O   1 
ATOM   514  C CB  . LYS A 1 68  ? 16.58314  2.97995   6.93346   1.000 17.57000 ? 2236 LYS M CB  1 
ATOM   515  C CG  . LYS A 1 68  ? 15.53722  4.01462   6.55911   1.000 22.55000 ? 2236 LYS M CG  1 
ATOM   516  C CD  . LYS A 1 68  ? 16.04988  5.43396   6.67394   1.000 23.11000 ? 2236 LYS M CD  1 
ATOM   517  C CE  . LYS A 1 68  ? 15.37150  6.32515   5.65745   1.000 26.72000 ? 2236 LYS M CE  1 
ATOM   518  N NZ  . LYS A 1 68  ? 15.73590  7.74795   5.89543   1.000 38.78000 ? 2236 LYS M NZ  1 
ATOM   519  N N   . THR A 1 69  ? 15.02089  1.21575   8.89608   1.000 16.45000 ? 2237 THR M N   1 
ATOM   520  C CA  . THR A 1 69  ? 13.86220  1.07284   9.76341   1.000 18.46000 ? 2237 THR M CA  1 
ATOM   521  C C   . THR A 1 69  ? 13.23862  2.44979   9.98012   1.000 18.62000 ? 2237 THR M C   1 
ATOM   522  O O   . THR A 1 69  ? 13.94424  3.44058   10.19588  1.000 19.32000 ? 2237 THR M O   1 
ATOM   523  C CB  . THR A 1 69  ? 14.24474  0.38614   11.08356  1.000 20.89000 ? 2237 THR M CB  1 
ATOM   524  O OG1 . THR A 1 69  ? 13.10573  0.34425   11.95503  1.000 26.48000 ? 2237 THR M OG1 1 
ATOM   525  C CG2 . THR A 1 69  ? 15.34985  1.12723   11.77919  1.000 31.60000 ? 2237 THR M CG2 1 
ATOM   526  N N   . MET A 1 70  ? 11.91668  2.52052   9.83664   1.000 16.83000 ? 2238 MET M N   1 
ATOM   527  C CA  . MET A 1 70  ? 11.16219  3.75261   9.99788   1.000 16.95000 ? 2238 MET M CA  1 
ATOM   528  C C   . MET A 1 70  ? 10.06574  3.50929   11.01707  1.000 18.36000 ? 2238 MET M C   1 
ATOM   529  O O   . MET A 1 70  ? 9.67706   2.36988   11.27714  1.000 15.69000 ? 2238 MET M O   1 
ATOM   530  C CB  . MET A 1 70  ? 10.51463  4.23082   8.68419   1.000 14.83000 ? 2238 MET M CB  1 
ATOM   531  C CG  . MET A 1 70  ? 11.47508  4.51171   7.55678   1.000 18.01000 ? 2238 MET M CG  1 
ATOM   532  S SD  . MET A 1 70  ? 12.44601  5.99749   7.83727   1.000 23.79000 ? 2238 MET M SD  1 
ATOM   533  C CE  . MET A 1 70  ? 11.19779  7.27058   7.66704   1.000 20.39000 ? 2238 MET M CE  1 
ATOM   534  N N   . LYS A 1 71  ? 9.55605   4.59759   11.57889  1.000 17.15000 ? 2239 LYS M N   1 
ATOM   535  C CA  . LYS A 1 71  ? 8.38602   4.54311   12.43785  1.000 16.64000 ? 2239 LYS M CA  1 
ATOM   536  C C   . LYS A 1 71  ? 7.15337   4.79592   11.57906  1.000 17.52000 ? 2239 LYS M C   1 
ATOM   537  O O   . LYS A 1 71  ? 7.01949   5.86893   10.98260  1.000 18.11000 ? 2239 LYS M O   1 
ATOM   538  C CB  . LYS A 1 71  ? 8.48034   5.57728   13.56203  1.000 19.84000 ? 2239 LYS M CB  1 
ATOM   539  C CG  . LYS A 1 71  ? 7.34059   5.44445   14.56669  1.000 21.32000 ? 2239 LYS M CG  1 
ATOM   540  C CD  . LYS A 1 71  ? 7.48030   6.39269   15.74512  1.000 27.95000 ? 2239 LYS M CD  1 
ATOM   541  C CE  . LYS A 1 71  ? 6.32220   6.17720   16.72770  1.000 33.10000 ? 2239 LYS M CE  1 
ATOM   542  N NZ  . LYS A 1 71  ? 6.07597   7.35034   17.61631  1.000 38.29000 ? 2239 LYS M NZ  1 
ATOM   543  N N   . VAL A 1 72  ? 6.27548   3.80316   11.47817  1.000 13.71000 ? 2240 VAL M N   1 
ATOM   544  C CA  . VAL A 1 72  ? 5.10032   3.89551   10.61543  1.000 14.52000 ? 2240 VAL M CA  1 
ATOM   545  C C   . VAL A 1 72  ? 3.87621   4.02935   11.51056  1.000 16.71000 ? 2240 VAL M C   1 
ATOM   546  O O   . VAL A 1 72  ? 3.57028   3.12185   12.29191  1.000 16.98000 ? 2240 VAL M O   1 
ATOM   547  C CB  . VAL A 1 72  ? 4.97763   2.67975   9.68587   1.000 15.07000 ? 2240 VAL M CB  1 
ATOM   548  C CG1 . VAL A 1 72  ? 3.70252   2.75368   8.85649   1.000 17.94000 ? 2240 VAL M CG1 1 
ATOM   549  C CG2 . VAL A 1 72  ? 6.22703   2.54004   8.79191   1.000 15.78000 ? 2240 VAL M CG2 1 
ATOM   550  N N   . THR A 1 73  ? 3.18345   5.16059   11.39966  1.000 16.53000 ? 2241 THR M N   1 
ATOM   551  C CA  . THR A 1 73  ? 2.00944   5.45406   12.21304  1.000 16.13000 ? 2241 THR M CA  1 
ATOM   552  C C   . THR A 1 73  ? 0.70313   5.41414   11.43152  1.000 19.43000 ? 2241 THR M C   1 
ATOM   553  O O   . THR A 1 73  ? -0.36935  5.48170   12.04176  1.000 20.76000 ? 2241 THR M O   1 
ATOM   554  C CB  . THR A 1 73  ? 2.15421   6.83259   12.87396  1.000 20.40000 ? 2241 THR M CB  1 
ATOM   555  O OG1 . THR A 1 73  ? 2.31271   7.83330   11.86037  1.000 19.51000 ? 2241 THR M OG1 1 
ATOM   556  C CG2 . THR A 1 73  ? 3.36674   6.85021   13.80559  1.000 21.90000 ? 2241 THR M CG2 1 
ATOM   557  N N   . GLY A 1 74  ? 0.74957   5.31793   10.11302  1.000 17.58000 ? 2242 GLY M N   1 
ATOM   558  C CA  . GLY A 1 74  ? -0.47672  5.21823   9.34959   1.000 17.34000 ? 2242 GLY M CA  1 
ATOM   559  C C   . GLY A 1 74  ? -0.18075  4.78658   7.93538   1.000 14.99000 ? 2242 GLY M C   1 
ATOM   560  O O   . GLY A 1 74  ? 0.94127   4.92593   7.44630   1.000 15.41000 ? 2242 GLY M O   1 
ATOM   561  N N   . VAL A 1 75  ? -1.20425  4.24314   7.28779   1.000 14.73000 ? 2243 VAL M N   1 
ATOM   562  C CA  . VAL A 1 75  ? -1.15255  3.95665   5.86268   1.000 14.35000 ? 2243 VAL M CA  1 
ATOM   563  C C   . VAL A 1 75  ? -2.38741  4.57374   5.22925   1.000 16.00000 ? 2243 VAL M C   1 
ATOM   564  O O   . VAL A 1 75  ? -3.48954  4.51656   5.78612   1.000 16.47000 ? 2243 VAL M O   1 
ATOM   565  C CB  . VAL A 1 75  ? -1.06694  2.44737   5.56055   1.000 14.58000 ? 2243 VAL M CB  1 
ATOM   566  C CG1 . VAL A 1 75  ? 0.24136   1.88297   6.08889   1.000 22.04000 ? 2243 VAL M CG1 1 
ATOM   567  C CG2 . VAL A 1 75  ? -2.23376  1.71020   6.17043   1.000 20.02000 ? 2243 VAL M CG2 1 
ATOM   568  N N   . THR A 1 76  ? -2.19457  5.19146   4.08298   1.000 14.13000 ? 2244 THR M N   1 
ATOM   569  C CA  . THR A 1 76  ? -3.27021  5.83529   3.35204   1.000 15.31000 ? 2244 THR M CA  1 
ATOM   570  C C   . THR A 1 76  ? -3.45248  5.06868   2.05901   1.000 14.53000 ? 2244 THR M C   1 
ATOM   571  O O   . THR A 1 76  ? -2.46675  4.77250   1.38241   1.000 12.91000 ? 2244 THR M O   1 
ATOM   572  C CB  . THR A 1 76  ? -2.92737  7.28856   3.04920   1.000 18.11000 ? 2244 THR M CB  1 
ATOM   573  O OG1 . THR A 1 76  ? -2.51313  7.93140   4.25974   1.000 18.40000 ? 2244 THR M OG1 1 
ATOM   574  C CG2 . THR A 1 76  ? -4.14347  7.99949   2.43790   1.000 13.17000 ? 2244 THR M CG2 1 
ATOM   575  N N   . THR A 1 77  ? -4.68932  4.69549   1.74784   1.000 14.65000 ? 2245 THR M N   1 
ATOM   576  C CA  . THR A 1 77  ? -4.94716  3.96797   0.51919   1.000 15.88000 ? 2245 THR M CA  1 
ATOM   577  C C   . THR A 1 77  ? -5.99512  4.69552   -0.30509  1.000 13.08000 ? 2245 THR M C   1 
ATOM   578  O O   . THR A 1 77  ? -6.79470  5.50481   0.19458   1.000 14.12000 ? 2245 THR M O   1 
ATOM   579  C CB  . THR A 1 77  ? -5.40919  2.50638   0.75759   1.000 17.02000 ? 2245 THR M CB  1 
ATOM   580  O OG1 . THR A 1 77  ? -6.62554  2.48789   1.52004   1.000 16.31000 ? 2245 THR M OG1 1 
ATOM   581  C CG2 . THR A 1 77  ? -4.32745  1.68455   1.46449   1.000 14.79000 ? 2245 THR M CG2 1 
ATOM   582  N N   . GLN A 1 78  ? -5.98047  4.36029   -1.58365  1.000 13.77000 ? 2246 GLN M N   1 
ATOM   583  C CA  . GLN A 1 78  ? -6.81337  4.99037   -2.59163  1.000 13.71000 ? 2246 GLN M CA  1 
ATOM   584  C C   . GLN A 1 78  ? -6.96230  3.97875   -3.72169  1.000 14.35000 ? 2246 GLN M C   1 
ATOM   585  O O   . GLN A 1 78  ? -6.05977  3.17377   -3.96642  1.000 11.55000 ? 2246 GLN M O   1 
ATOM   586  C CB  . GLN A 1 78  ? -6.14050  6.29675   -3.04080  1.000 17.71000 ? 2246 GLN M CB  1 
ATOM   587  C CG  . GLN A 1 78  ? -6.81476  7.11089   -4.10534  1.000 16.02000 ? 2246 GLN M CG  1 
ATOM   588  C CD  . GLN A 1 78  ? -5.94771  8.32594   -4.48205  1.000 18.24000 ? 2246 GLN M CD  1 
ATOM   589  O OE1 . GLN A 1 78  ? -4.72818  8.19660   -4.68082  1.000 16.24000 ? 2246 GLN M OE1 1 
ATOM   590  N NE2 . GLN A 1 78  ? -6.56742  9.48737   -4.58407  1.000 17.21000 ? 2246 GLN M NE2 1 
ATOM   591  N N   . GLY A 1 79  ? -8.11616  3.98642   -4.37468  1.000 12.82000 ? 2247 GLY M N   1 
ATOM   592  C CA  . GLY A 1 79  ? -8.34785  3.14175   -5.52484  1.000 13.90000 ? 2247 GLY M CA  1 
ATOM   593  C C   . GLY A 1 79  ? -7.91331  3.84017   -6.79746  1.000 20.56000 ? 2247 GLY M C   1 
ATOM   594  O O   . GLY A 1 79  ? -7.05922  4.73114   -6.79119  1.000 14.39000 ? 2247 GLY M O   1 
ATOM   595  N N   . VAL A 1 80  ? -8.53503  3.44520   -7.90991  1.000 13.10000 ? 2248 VAL M N   1 
ATOM   596  C CA  . VAL A 1 80  ? -8.20432  4.02790   -9.20695  1.000 17.28000 ? 2248 VAL M CA  1 
ATOM   597  C C   . VAL A 1 80  ? -9.40654  3.87873   -10.12771 1.000 19.43000 ? 2248 VAL M C   1 
ATOM   598  O O   . VAL A 1 80  ? -10.27957 3.03728   -9.91598  1.000 16.41000 ? 2248 VAL M O   1 
ATOM   599  C CB  . VAL A 1 80  ? -6.93546  3.37336   -9.82402  1.000 17.57000 ? 2248 VAL M CB  1 
ATOM   600  C CG1 . VAL A 1 80  ? -7.27940  2.11070   -10.60900 1.000 15.49000 ? 2248 VAL M CG1 1 
ATOM   601  C CG2 . VAL A 1 80  ? -6.17766  4.36498   -10.69217 1.000 15.62000 ? 2248 VAL M CG2 1 
ATOM   602  N N   . LYS A 1 81  ? -9.42563  4.67337   -11.19136 1.000 19.21000 ? 2249 LYS M N   1 
ATOM   603  C CA  . LYS A 1 81  ? -10.45147 4.53669   -12.20757 1.000 23.52000 ? 2249 LYS M CA  1 
ATOM   604  C C   . LYS A 1 81  ? -9.72413  4.18151   -13.47849 1.000 27.41000 ? 2249 LYS M C   1 
ATOM   605  O O   . LYS A 1 81  ? -8.75374  4.83215   -13.80658 1.000 27.42000 ? 2249 LYS M O   1 
ATOM   606  C CB  . LYS A 1 81  ? -11.18382 5.83356   -12.42319 1.000 27.57000 ? 2249 LYS M CB  1 
ATOM   607  C CG  . LYS A 1 81  ? -12.67958 5.69892   -12.54976 1.000 33.62000 ? 2249 LYS M CG  1 
ATOM   608  C CD  . LYS A 1 81  ? -13.36178 6.89781   -11.93628 1.000 38.31000 ? 2249 LYS M CD  1 
ATOM   609  C CE  . LYS A 1 81  ? -14.86052 6.70828   -11.95272 1.000 35.26000 ? 2249 LYS M CE  1 
ATOM   610  N NZ  . LYS A 1 81  ? -15.17917 5.46428   -12.68614 1.000 38.43000 ? 2249 LYS M NZ  1 
ATOM   611  N N   . SER A 1 82  ? -10.13036 3.13123   -14.16417 1.000 23.51000 ? 2250 SER M N   1 
ATOM   612  C CA  . SER A 1 82  ? -9.53584  2.81917   -15.45131 1.000 26.36000 ? 2250 SER M CA  1 
ATOM   613  C C   . SER A 1 82  ? -10.64409 3.19832   -16.39070 1.000 29.26000 ? 2250 SER M C   1 
ATOM   614  O O   . SER A 1 82  ? -11.60896 2.46659   -16.49997 1.000 22.82000 ? 2250 SER M O   1 
ATOM   615  C CB  . SER A 1 82  ? -9.09569  1.39760   -15.60290 1.000 25.39000 ? 2250 SER M CB  1 
ATOM   616  O OG  . SER A 1 82  ? -8.71520  1.07549   -16.91385 1.000 28.12000 ? 2250 SER M OG  1 
ATOM   617  N N   . ALA A 1 83  ? -10.48875 4.34300   -17.03174 1.000 28.95000 ? 2251 ALA M N   1 
ATOM   618  C CA  . ALA A 1 83  ? -11.53755 4.90248   -17.85576 1.000 30.66000 ? 2251 ALA M CA  1 
ATOM   619  C C   . ALA A 1 83  ? -12.77511 5.08511   -16.99829 1.000 29.83000 ? 2251 ALA M C   1 
ATOM   620  O O   . ALA A 1 83  ? -12.75482 5.84991   -16.06987 1.000 33.25000 ? 2251 ALA M O   1 
ATOM   621  C CB  . ALA A 1 83  ? -11.79323 4.10453   -19.13403 1.000 25.72000 ? 2251 ALA M CB  1 
ATOM   622  N N   . ALA A 1 84  ? -13.83354 4.37383   -17.29987 1.000 29.78000 ? 2252 ALA M N   1 
ATOM   623  C CA  . ALA A 1 84  ? -15.02941 4.46647   -16.49105 1.000 32.45000 ? 2252 ALA M CA  1 
ATOM   624  C C   . ALA A 1 84  ? -15.15679 3.44385   -15.35375 1.000 32.18000 ? 2252 ALA M C   1 
ATOM   625  O O   . ALA A 1 84  ? -16.08532 3.51897   -14.57235 1.000 33.01000 ? 2252 ALA M O   1 
ATOM   626  C CB  . ALA A 1 84  ? -16.24082 4.32950   -17.39995 1.000 38.56000 ? 2252 ALA M CB  1 
ATOM   627  N N   . THR A 1 85  ? -14.23760 2.50963   -15.24640 1.000 27.89000 ? 2253 THR M N   1 
ATOM   628  C CA  . THR A 1 85  ? -14.36328 1.43184   -14.26896 1.000 26.56000 ? 2253 THR M CA  1 
ATOM   629  C C   . THR A 1 85  ? -13.68389 1.81510   -12.95664 1.000 23.75000 ? 2253 THR M C   1 
ATOM   630  O O   . THR A 1 85  ? -12.47817 2.06588   -12.93364 1.000 23.26000 ? 2253 THR M O   1 
ATOM   631  C CB  . THR A 1 85  ? -13.75902 0.14048   -14.81951 1.000 28.06000 ? 2253 THR M CB  1 
ATOM   632  O OG1 . THR A 1 85  ? -14.37756 -0.18546  -16.07379 1.000 26.34000 ? 2253 THR M OG1 1 
ATOM   633  C CG2 . THR A 1 85  ? -13.97063 -1.00039  -13.83141 1.000 23.93000 ? 2253 THR M CG2 1 
ATOM   634  N N   . SER A 1 86  ? -14.44957 1.84487   -11.86959 1.000 18.62000 ? 2254 SER M N   1 
ATOM   635  C CA  . SER A 1 86  ? -13.87111 2.06250   -10.54833 1.000 19.88000 ? 2254 SER M CA  1 
ATOM   636  C C   . SER A 1 86  ? -13.31704 0.75878   -9.99213  1.000 17.38000 ? 2254 SER M C   1 
ATOM   637  O O   . SER A 1 86  ? -13.94640 -0.29769  -10.10360 1.000 16.91000 ? 2254 SER M O   1 
ATOM   638  C CB  . SER A 1 86  ? -14.91548 2.62532   -9.58741  1.000 21.59000 ? 2254 SER M CB  1 
ATOM   639  O OG  . SER A 1 86  ? -15.36946 3.88576   -10.04029 1.000 29.50000 ? 2254 SER M OG  1 
ATOM   640  N N   . MET A 1 87  ? -12.13114 0.84217   -9.38273  1.000 17.97000 ? 2255 MET M N   1 
ATOM   641  C CA  . MET A 1 87  ? -11.45175 -0.30601  -8.79743  1.000 14.09000 ? 2255 MET M CA  1 
ATOM   642  C C   . MET A 1 87  ? -10.82783 0.13721   -7.48142  1.000 14.34000 ? 2255 MET M C   1 
ATOM   643  O O   . MET A 1 87  ? -10.10325 1.13679   -7.44389  1.000 16.30000 ? 2255 MET M O   1 
ATOM   644  C CB  . MET A 1 87  ? -10.36539 -0.84790  -9.74028  1.000 17.00000 ? 2255 MET M CB  1 
ATOM   645  C CG  . MET A 1 87  ? -10.83585 -1.11052  -11.16810 1.000 18.70000 ? 2255 MET M CG  1 
ATOM   646  S SD  . MET A 1 87  ? -9.48546  -1.50483  -12.26947 1.000 24.96000 ? 2255 MET M SD  1 
ATOM   647  C CE  . MET A 1 87  ? -10.35615 -1.82560  -13.80597 1.000 30.48000 ? 2255 MET M CE  1 
ATOM   648  N N   . TYR A 1 88  ? -11.10293 -0.59311  -6.40449  1.000 14.07000 ? 2256 TYR M N   1 
ATOM   649  C CA  . TYR A 1 88  ? -10.53426 -0.21037  -5.12537  1.000 11.67000 ? 2256 TYR M CA  1 
ATOM   650  C C   . TYR A 1 88  ? -10.56265 -1.38820  -4.16229  1.000 13.60000 ? 2256 TYR M C   1 
ATOM   651  O O   . TYR A 1 88  ? -11.38243 -2.30011  -4.27582  1.000 11.84000 ? 2256 TYR M O   1 
ATOM   652  C CB  . TYR A 1 88  ? -11.25288 0.99827   -4.50518  1.000 14.71000 ? 2256 TYR M CB  1 
ATOM   653  C CG  . TYR A 1 88  ? -12.76298 0.92361   -4.41355  1.000 14.76000 ? 2256 TYR M CG  1 
ATOM   654  C CD1 . TYR A 1 88  ? -13.56010 1.33848   -5.48317  1.000 17.20000 ? 2256 TYR M CD1 1 
ATOM   655  C CD2 . TYR A 1 88  ? -13.39904 0.48518   -3.24808  1.000 17.62000 ? 2256 TYR M CD2 1 
ATOM   656  C CE1 . TYR A 1 88  ? -14.94726 1.30039   -5.40325  1.000 18.84000 ? 2256 TYR M CE1 1 
ATOM   657  C CE2 . TYR A 1 88  ? -14.79689 0.44702   -3.16406  1.000 19.37000 ? 2256 TYR M CE2 1 
ATOM   658  C CZ  . TYR A 1 88  ? -15.55330 0.85830   -4.25106  1.000 17.52000 ? 2256 TYR M CZ  1 
ATOM   659  O OH  . TYR A 1 88  ? -16.92521 0.83548   -4.19773  1.000 20.79000 ? 2256 TYR M OH  1 
ATOM   660  N N   . VAL A 1 89  ? -9.62822  -1.34803  -3.21901  1.000 11.43000 ? 2257 VAL M N   1 
ATOM   661  C CA  . VAL A 1 89  ? -9.52202  -2.34814  -2.16601  1.000 10.18000 ? 2257 VAL M CA  1 
ATOM   662  C C   . VAL A 1 89  ? -10.38880 -1.90195  -0.99436  1.000 13.37000 ? 2257 VAL M C   1 
ATOM   663  O O   . VAL A 1 89  ? -10.31622 -0.74494  -0.56435  1.000 16.47000 ? 2257 VAL M O   1 
ATOM   664  C CB  . VAL A 1 89  ? -8.05155  -2.53128  -1.73942  1.000 9.66000  ? 2257 VAL M CB  1 
ATOM   665  C CG1 . VAL A 1 89  ? -7.94885  -3.45998  -0.52149  1.000 11.48000 ? 2257 VAL M CG1 1 
ATOM   666  C CG2 . VAL A 1 89  ? -7.22623  -3.07503  -2.90604  1.000 11.91000 ? 2257 VAL M CG2 1 
ATOM   667  N N   . LYS A 1 90  ? -11.22066 -2.81366  -0.48523  1.000 14.11000 ? 2258 LYS M N   1 
ATOM   668  C CA  . LYS A 1 90  ? -12.13192 -2.50589  0.61169   1.000 11.77000 ? 2258 LYS M CA  1 
ATOM   669  C C   . LYS A 1 90  ? -11.57051 -2.91891  1.95995   1.000 14.00000 ? 2258 LYS M C   1 
ATOM   670  O O   . LYS A 1 90  ? -11.82701 -2.25057  2.97617   1.000 18.79000 ? 2258 LYS M O   1 
ATOM   671  C CB  . LYS A 1 90  ? -13.47636 -3.21888  0.40517   1.000 17.07000 ? 2258 LYS M CB  1 
ATOM   672  C CG  . LYS A 1 90  ? -14.41355 -2.60626  -0.64590  1.000 18.65000 ? 2258 LYS M CG  1 
ATOM   673  C CD  . LYS A 1 90  ? -15.87091 -3.10010  -0.46619  1.000 24.11000 ? 2258 LYS M CD  1 
ATOM   674  C CE  . LYS A 1 90  ? -16.04572 -4.60980  -0.74994  1.000 24.16000 ? 2258 LYS M CE  1 
ATOM   675  N NZ  . LYS A 1 90  ? -17.36635 -5.18826  -0.25158  1.000 25.43000 ? 2258 LYS M NZ  1 
ATOM   676  N N   . GLU A 1 91  ? -10.85799 -4.04444  1.99708   1.000 14.71000 ? 2259 GLU M N   1 
ATOM   677  C CA  . GLU A 1 91  ? -10.30748 -4.59743  3.22934   1.000 14.88000 ? 2259 GLU M CA  1 
ATOM   678  C C   . GLU A 1 91  ? -8.90699  -5.11155  2.95123   1.000 14.89000 ? 2259 GLU M C   1 
ATOM   679  O O   . GLU A 1 91  ? -8.65181  -5.67250  1.87814   1.000 13.75000 ? 2259 GLU M O   1 
ATOM   680  C CB  . GLU A 1 91  ? -11.15801 -5.74436  3.78314   1.000 17.16000 ? 2259 GLU M CB  1 
ATOM   681  C CG  . GLU A 1 91  ? -12.50741 -5.33083  4.35547   1.000 18.49000 ? 2259 GLU M CG  1 
ATOM   682  C CD  . GLU A 1 91  ? -13.32442 -6.54277  4.76900   1.000 27.46000 ? 2259 GLU M CD  1 
ATOM   683  O OE1 . GLU A 1 91  ? -13.64553 -7.37093  3.88677   1.000 29.69000 ? 2259 GLU M OE1 1 
ATOM   684  O OE2 . GLU A 1 91  ? -13.62563 -6.68452  5.97238   1.000 32.31000 ? 2259 GLU M OE2 1 
ATOM   685  N N   . PHE A 1 92  ? -8.00262  -4.92165  3.91025   1.000 12.60000 ? 2260 PHE M N   1 
ATOM   686  C CA  . PHE A 1 92  ? -6.65967  -5.46814  3.72213   1.000 14.18000 ? 2260 PHE M CA  1 
ATOM   687  C C   . PHE A 1 92  ? -6.01699  -5.82050  5.05854   1.000 14.38000 ? 2260 PHE M C   1 
ATOM   688  O O   . PHE A 1 92  ? -6.45720  -5.37688  6.12312   1.000 14.60000 ? 2260 PHE M O   1 
ATOM   689  C CB  . PHE A 1 92  ? -5.76513  -4.50110  2.92996   1.000 13.22000 ? 2260 PHE M CB  1 
ATOM   690  C CG  . PHE A 1 92  ? -5.57860  -3.15430  3.56776   1.000 12.52000 ? 2260 PHE M CG  1 
ATOM   691  C CD1 . PHE A 1 92  ? -6.44373  -2.10029  3.26396   1.000 12.68000 ? 2260 PHE M CD1 1 
ATOM   692  C CD2 . PHE A 1 92  ? -4.52422  -2.92150  4.43991   1.000 12.49000 ? 2260 PHE M CD2 1 
ATOM   693  C CE1 . PHE A 1 92  ? -6.27498  -0.84756  3.83977   1.000 13.93000 ? 2260 PHE M CE1 1 
ATOM   694  C CE2 . PHE A 1 92  ? -4.34179  -1.66980  5.00967   1.000 15.89000 ? 2260 PHE M CE2 1 
ATOM   695  C CZ  . PHE A 1 92  ? -5.22406  -0.62796  4.70781   1.000 15.49000 ? 2260 PHE M CZ  1 
ATOM   696  N N   . LEU A 1 93  ? -4.96116  -6.63542  4.97734   1.000 10.07000 ? 2261 LEU M N   1 
ATOM   697  C CA  . LEU A 1 93  ? -4.07190  -6.94082  6.08763   1.000 12.48000 ? 2261 LEU M CA  1 
ATOM   698  C C   . LEU A 1 93  ? -2.72375  -6.28118  5.85544   1.000 13.10000 ? 2261 LEU M C   1 
ATOM   699  O O   . LEU A 1 93  ? -2.35892  -5.95443  4.72203   1.000 12.57000 ? 2261 LEU M O   1 
ATOM   700  C CB  . LEU A 1 93  ? -3.85583  -8.45217  6.23914   1.000 11.30000 ? 2261 LEU M CB  1 
ATOM   701  C CG  . LEU A 1 93  ? -5.08010  -9.34917  6.10752   1.000 14.34000 ? 2261 LEU M CG  1 
ATOM   702  C CD1 . LEU A 1 93  ? -4.66855  -10.80708 6.23008   1.000 16.99000 ? 2261 LEU M CD1 1 
ATOM   703  C CD2 . LEU A 1 93  ? -6.12313  -8.98789  7.14918   1.000 16.66000 ? 2261 LEU M CD2 1 
ATOM   704  N N   . ILE A 1 94  ? -1.95114  -6.15583  6.93640   1.000 12.61000 ? 2262 ILE M N   1 
ATOM   705  C CA  . ILE A 1 94  ? -0.57638  -5.67246  6.86561   1.000 11.78000 ? 2262 ILE M CA  1 
ATOM   706  C C   . ILE A 1 94  ? 0.36587   -6.70930  7.47434   1.000 14.20000 ? 2262 ILE M C   1 
ATOM   707  O O   . ILE A 1 94  ? 0.06479   -7.29194  8.51959   1.000 12.16000 ? 2262 ILE M O   1 
ATOM   708  C CB  . ILE A 1 94  ? -0.42098  -4.32197  7.59648   1.000 12.46000 ? 2262 ILE M CB  1 
ATOM   709  C CG1 . ILE A 1 94  ? -1.10352  -3.19886  6.82041   1.000 12.54000 ? 2262 ILE M CG1 1 
ATOM   710  C CG2 . ILE A 1 94  ? 1.06140   -3.97917  7.82516   1.000 12.72000 ? 2262 ILE M CG2 1 
ATOM   711  C CD1 . ILE A 1 94  ? -1.08349  -1.89643  7.60768   1.000 17.31000 ? 2262 ILE M CD1 1 
ATOM   712  N N   . SER A 1 95  ? 1.51396   -6.92176  6.82858   1.000 14.64000 ? 2263 SER M N   1 
ATOM   713  C CA  . SER A 1 95  ? 2.62682   -7.60988  7.46876   1.000 14.49000 ? 2263 SER M CA  1 
ATOM   714  C C   . SER A 1 95  ? 3.89658   -6.78051  7.29031   1.000 13.75000 ? 2263 SER M C   1 
ATOM   715  O O   . SER A 1 95  ? 3.97449   -5.88150  6.44480   1.000 12.30000 ? 2263 SER M O   1 
ATOM   716  C CB  . SER A 1 95  ? 2.79912   -9.02931  6.91818   1.000 13.81000 ? 2263 SER M CB  1 
ATOM   717  O OG  . SER A 1 95  ? 3.26767   -9.01198  5.58139   1.000 14.75000 ? 2263 SER M OG  1 
ATOM   718  N N   . SER A 1 96  ? 4.90544   -7.07711  8.10296   1.000 12.57000 ? 2264 SER M N   1 
ATOM   719  C CA  . SER A 1 96  ? 6.09447   -6.23632  8.09844   1.000 12.46000 ? 2264 SER M CA  1 
ATOM   720  C C   . SER A 1 96  ? 7.30896   -7.04968  8.51224   1.000 15.83000 ? 2264 SER M C   1 
ATOM   721  O O   . SER A 1 96  ? 7.19195   -8.13727  9.08554   1.000 13.14000 ? 2264 SER M O   1 
ATOM   722  C CB  . SER A 1 96  ? 5.93673   -5.02854  9.01775   1.000 13.65000 ? 2264 SER M CB  1 
ATOM   723  O OG  . SER A 1 96  ? 5.74280   -5.43356  10.36555  1.000 16.64000 ? 2264 SER M OG  1 
ATOM   724  N N   . SER A 1 97  ? 8.48738   -6.49559  8.22187   1.000 15.46000 ? 2265 SER M N   1 
ATOM   725  C CA  . SER A 1 97  ? 9.74548   -7.15354  8.54934   1.000 13.88000 ? 2265 SER M CA  1 
ATOM   726  C C   . SER A 1 97  ? 10.83226  -6.10611  8.73966   1.000 17.25000 ? 2265 SER M C   1 
ATOM   727  O O   . SER A 1 97  ? 10.85518  -5.09608  8.03259   1.000 18.41000 ? 2265 SER M O   1 
ATOM   728  C CB  . SER A 1 97  ? 10.15368  -8.14192  7.44949   1.000 15.47000 ? 2265 SER M CB  1 
ATOM   729  O OG  . SER A 1 97  ? 11.37620  -8.77124  7.77492   1.000 14.87000 ? 2265 SER M OG  1 
ATOM   730  N N   . GLN A 1 98  ? 11.73248  -6.34578  9.70298   1.000 18.98000 ? 2266 GLN M N   1 
ATOM   731  C CA  . GLN A 1 98  ? 12.92309  -5.51179  9.80980   1.000 20.27000 ? 2266 GLN M CA  1 
ATOM   732  C C   . GLN A 1 98  ? 14.08253  -5.99993  8.94632   1.000 23.63000 ? 2266 GLN M C   1 
ATOM   733  O O   . GLN A 1 98  ? 14.94395  -5.19010  8.58724   1.000 24.79000 ? 2266 GLN M O   1 
ATOM   734  C CB  . GLN A 1 98  ? 13.35138  -5.40107  11.27650  1.000 22.83000 ? 2266 GLN M CB  1 
ATOM   735  C CG  . GLN A 1 98  ? 12.66811  -4.23676  11.98763  1.000 24.73000 ? 2266 GLN M CG  1 
ATOM   736  C CD  . GLN A 1 98  ? 12.36593  -4.50497  13.44622  1.000 35.24000 ? 2266 GLN M CD  1 
ATOM   737  O OE1 . GLN A 1 98  ? 12.37177  -5.64917  13.90539  1.000 42.39000 ? 2266 GLN M OE1 1 
ATOM   738  N NE2 . GLN A 1 98  ? 12.08597  -3.43882  14.18936  1.000 38.52000 ? 2266 GLN M NE2 1 
ATOM   739  N N   . ASP A 1 99  ? 14.12460  -7.27861  8.56125   1.000 20.42000 ? 2267 ASP M N   1 
ATOM   740  C CA  . ASP A 1 99  ? 15.26706  -7.77605  7.79627   1.000 21.70000 ? 2267 ASP M CA  1 
ATOM   741  C C   . ASP A 1 99  ? 14.91897  -8.47972  6.49182   1.000 22.37000 ? 2267 ASP M C   1 
ATOM   742  O O   . ASP A 1 99  ? 15.83974  -8.79502  5.72954   1.000 21.05000 ? 2267 ASP M O   1 
ATOM   743  C CB  . ASP A 1 99  ? 16.12237  -8.72855  8.65169   1.000 25.30000 ? 2267 ASP M CB  1 
ATOM   744  C CG  . ASP A 1 99  ? 15.30655  -9.84655  9.29300   1.000 23.62000 ? 2267 ASP M CG  1 
ATOM   745  O OD1 . ASP A 1 99  ? 14.16067  -10.09038 8.85680   1.000 22.20000 ? 2267 ASP M OD1 1 
ATOM   746  O OD2 . ASP A 1 99  ? 15.81307  -10.49087 10.23940  1.000 30.42000 ? 2267 ASP M OD2 1 
ATOM   747  N N   . GLY A 1 100 ? 13.64158  -8.73137  6.20472   1.000 15.48000 ? 2268 GLY M N   1 
ATOM   748  C CA  . GLY A 1 100 ? 13.24053  -9.46132  5.01595   1.000 17.98000 ? 2268 GLY M CA  1 
ATOM   749  C C   . GLY A 1 100 ? 13.12032  -10.95296 5.22549   1.000 18.52000 ? 2268 GLY M C   1 
ATOM   750  O O   . GLY A 1 100 ? 12.66630  -11.66217 4.32044   1.000 19.85000 ? 2268 GLY M O   1 
ATOM   751  N N   . HIS A 1 101 ? 13.54326  -11.45252 6.37976   1.000 14.59000 ? 2269 HIS M N   1 
ATOM   752  C CA  . HIS A 1 101 ? 13.46338  -12.87689 6.68352   1.000 14.52000 ? 2269 HIS M CA  1 
ATOM   753  C C   . HIS A 1 101 ? 12.28080  -13.17026 7.59913   1.000 14.58000 ? 2269 HIS M C   1 
ATOM   754  O O   . HIS A 1 101 ? 11.42936  -14.00061 7.28318   1.000 16.35000 ? 2269 HIS M O   1 
ATOM   755  C CB  . HIS A 1 101 ? 14.77580  -13.35154 7.32547   1.000 14.61000 ? 2269 HIS M CB  1 
ATOM   756  C CG  . HIS A 1 101 ? 15.94781  -13.27934 6.39662   1.000 17.10000 ? 2269 HIS M CG  1 
ATOM   757  N ND1 . HIS A 1 101 ? 16.91549  -12.29972 6.48715   1.000 23.80000 ? 2269 HIS M ND1 1 
ATOM   758  C CD2 . HIS A 1 101 ? 16.29832  -14.06215 5.35211   1.000 13.74000 ? 2269 HIS M CD2 1 
ATOM   759  C CE1 . HIS A 1 101 ? 17.81455  -12.48618 5.53597   1.000 18.23000 ? 2269 HIS M CE1 1 
ATOM   760  N NE2 . HIS A 1 101 ? 17.46060  -13.54441 4.83009   1.000 23.06000 ? 2269 HIS M NE2 1 
ATOM   761  N N   . GLN A 1 102 ? 12.23745  -12.51748 8.75209   1.000 15.11000 ? 2270 GLN M N   1 
ATOM   762  C CA  . GLN A 1 102 ? 11.20577  -12.74784 9.75296   1.000 15.32000 ? 2270 GLN M CA  1 
ATOM   763  C C   . GLN A 1 102 ? 10.10025  -11.71167 9.57624   1.000 15.48000 ? 2270 GLN M C   1 
ATOM   764  O O   . GLN A 1 102 ? 10.35346  -10.50565 9.66829   1.000 14.41000 ? 2270 GLN M O   1 
ATOM   765  C CB  . GLN A 1 102 ? 11.79964  -12.66578 11.15980  1.000 18.29000 ? 2270 GLN M CB  1 
ATOM   766  C CG  . GLN A 1 102 ? 10.78470  -12.89105 12.26508  1.000 18.15000 ? 2270 GLN M CG  1 
ATOM   767  C CD  . GLN A 1 102 ? 11.42972  -13.29400 13.58360  1.000 25.00000 ? 2270 GLN M CD  1 
ATOM   768  O OE1 . GLN A 1 102 ? 12.22854  -14.23773 13.64588  1.000 24.82000 ? 2270 GLN M OE1 1 
ATOM   769  N NE2 . GLN A 1 102 ? 11.07024  -12.59095 14.64859  1.000 28.23000 ? 2270 GLN M NE2 1 
ATOM   770  N N   . TRP A 1 103 ? 8.88210   -12.18227 9.33028   1.000 16.13000 ? 2271 TRP M N   1 
ATOM   771  C CA  . TRP A 1 103 ? 7.74390   -11.31026 9.09649   1.000 14.73000 ? 2271 TRP M CA  1 
ATOM   772  C C   . TRP A 1 103 ? 6.77717   -11.40108 10.27421  1.000 14.29000 ? 2271 TRP M C   1 
ATOM   773  O O   . TRP A 1 103 ? 6.67757   -12.43692 10.93614  1.000 16.71000 ? 2271 TRP M O   1 
ATOM   774  C CB  . TRP A 1 103 ? 7.04663   -11.68033 7.78364   1.000 13.22000 ? 2271 TRP M CB  1 
ATOM   775  C CG  . TRP A 1 103 ? 7.90473   -11.35528 6.58482   1.000 15.62000 ? 2271 TRP M CG  1 
ATOM   776  C CD1 . TRP A 1 103 ? 8.95995   -12.09167 6.09329   1.000 17.31000 ? 2271 TRP M CD1 1 
ATOM   777  C CD2 . TRP A 1 103 ? 7.80875   -10.19016 5.76300   1.000 14.43000 ? 2271 TRP M CD2 1 
ATOM   778  N NE1 . TRP A 1 103 ? 9.51303   -11.45013 5.00869   1.000 14.09000 ? 2271 TRP M NE1 1 
ATOM   779  C CE2 . TRP A 1 103 ? 8.82148   -10.28505 4.78026   1.000 18.39000 ? 2271 TRP M CE2 1 
ATOM   780  C CE3 . TRP A 1 103 ? 6.95370   -9.08028  5.75317   1.000 15.47000 ? 2271 TRP M CE3 1 
ATOM   781  C CZ2 . TRP A 1 103 ? 9.00887   -9.30918  3.80448   1.000 17.27000 ? 2271 TRP M CZ2 1 
ATOM   782  C CZ3 . TRP A 1 103 ? 7.14934   -8.10115  4.78210   1.000 14.12000 ? 2271 TRP M CZ3 1 
ATOM   783  C CH2 . TRP A 1 103 ? 8.16507   -8.23140  3.81808   1.000 14.39000 ? 2271 TRP M CH2 1 
ATOM   784  N N   . THR A 1 104 ? 6.06565   -10.30517 10.52943  1.000 14.44000 ? 2272 THR M N   1 
ATOM   785  C CA  . THR A 1 104 ? 5.08441   -10.22334 11.60842  1.000 17.63000 ? 2272 THR M CA  1 
ATOM   786  C C   . THR A 1 104 ? 3.76640   -9.73329  11.02361  1.000 16.46000 ? 2272 THR M C   1 
ATOM   787  O O   . THR A 1 104 ? 3.75689   -8.73766  10.29568  1.000 11.52000 ? 2272 THR M O   1 
ATOM   788  C CB  . THR A 1 104 ? 5.54816   -9.25759  12.70971  1.000 19.31000 ? 2272 THR M CB  1 
ATOM   789  O OG1 . THR A 1 104 ? 6.87406   -9.59417  13.14510  1.000 24.50000 ? 2272 THR M OG1 1 
ATOM   790  C CG2 . THR A 1 104 ? 4.59811   -9.28748  13.89652  1.000 19.36000 ? 2272 THR M CG2 1 
ATOM   791  N N   . LEU A 1 105 ? 2.66688   -10.42966 11.31028  1.000 14.22000 ? 2273 LEU M N   1 
ATOM   792  C CA  . LEU A 1 105 ? 1.35547   -9.94866  10.88421  1.000 16.81000 ? 2273 LEU M CA  1 
ATOM   793  C C   . LEU A 1 105 ? 0.89649   -8.88285  11.85808  1.000 17.40000 ? 2273 LEU M C   1 
ATOM   794  O O   . LEU A 1 105 ? 1.13899   -8.99048  13.06443  1.000 20.70000 ? 2273 LEU M O   1 
ATOM   795  C CB  . LEU A 1 105 ? 0.33231   -11.08603 10.83021  1.000 19.04000 ? 2273 LEU M CB  1 
ATOM   796  C CG  . LEU A 1 105 ? 0.86315   -12.42052 10.31227  1.000 23.98000 ? 2273 LEU M CG  1 
ATOM   797  C CD1 . LEU A 1 105 ? -0.16876  -13.54835 10.46147  1.000 29.44000 ? 2273 LEU M CD1 1 
ATOM   798  C CD2 . LEU A 1 105 ? 1.29086   -12.27076 8.85921   1.000 20.61000 ? 2273 LEU M CD2 1 
ATOM   799  N N   . PHE A 1 106 ? 0.26391   -7.83028  11.34180  1.000 15.47000 ? 2274 PHE M N   1 
ATOM   800  C CA  . PHE A 1 106 ? -0.13998  -6.73565  12.21824  1.000 16.49000 ? 2274 PHE M CA  1 
ATOM   801  C C   . PHE A 1 106 ? -1.36425  -7.15802  13.02022  1.000 18.25000 ? 2274 PHE M C   1 
ATOM   802  O O   . PHE A 1 106 ? -2.40277  -7.51491  12.44888  1.000 17.63000 ? 2274 PHE M O   1 
ATOM   803  C CB  . PHE A 1 106 ? -0.41915  -5.45939  11.42930  1.000 11.63000 ? 2274 PHE M CB  1 
ATOM   804  C CG  . PHE A 1 106 ? -0.55603  -4.25283  12.29781  1.000 18.22000 ? 2274 PHE M CG  1 
ATOM   805  C CD1 . PHE A 1 106 ? 0.56329   -3.51082  12.66003  1.000 19.18000 ? 2274 PHE M CD1 1 
ATOM   806  C CD2 . PHE A 1 106 ? -1.79699  -3.87032  12.78108  1.000 18.06000 ? 2274 PHE M CD2 1 
ATOM   807  C CE1 . PHE A 1 106 ? 0.43904   -2.39899  13.48141  1.000 25.47000 ? 2274 PHE M CE1 1 
ATOM   808  C CE2 . PHE A 1 106 ? -1.92099  -2.76449  13.60107  1.000 21.79000 ? 2274 PHE M CE2 1 
ATOM   809  C CZ  . PHE A 1 106 ? -0.80481  -2.03072  13.94717  1.000 23.73000 ? 2274 PHE M CZ  1 
ATOM   810  N N   . PHE A 1 107 ? -1.22890  -7.14268  14.34267  1.000 19.90000 ? 2275 PHE M N   1 
ATOM   811  C CA  . PHE A 1 107 ? -2.28745  -7.52589  15.26449  1.000 21.18000 ? 2275 PHE M CA  1 
ATOM   812  C C   . PHE A 1 107 ? -2.87310  -6.29195  15.93726  1.000 20.69000 ? 2275 PHE M C   1 
ATOM   813  O O   . PHE A 1 107 ? -2.19493  -5.27847  16.12478  1.000 24.84000 ? 2275 PHE M O   1 
ATOM   814  C CB  . PHE A 1 107 ? -1.76504  -8.48376  16.35146  1.000 20.61000 ? 2275 PHE M CB  1 
ATOM   815  C CG  . PHE A 1 107 ? -1.74004  -9.94240  15.93294  1.000 24.31000 ? 2275 PHE M CG  1 
ATOM   816  C CD1 . PHE A 1 107 ? -0.80299  -10.40871 15.02726  1.000 27.07000 ? 2275 PHE M CD1 1 
ATOM   817  C CD2 . PHE A 1 107 ? -2.64893  -10.84523 16.46314  1.000 28.56000 ? 2275 PHE M CD2 1 
ATOM   818  C CE1 . PHE A 1 107 ? -0.77740  -11.74705 14.65220  1.000 24.72000 ? 2275 PHE M CE1 1 
ATOM   819  C CE2 . PHE A 1 107 ? -2.63200  -12.18307 16.08572  1.000 29.80000 ? 2275 PHE M CE2 1 
ATOM   820  C CZ  . PHE A 1 107 ? -1.69437  -12.62874 15.18533  1.000 31.57000 ? 2275 PHE M CZ  1 
ATOM   821  N N   . GLN A 1 108 ? -4.13533  -6.40762  16.31836  1.000 21.05000 ? 2276 GLN M N   1 
ATOM   822  C CA  . GLN A 1 108 ? -4.82971  -5.43390  17.15212  1.000 27.45000 ? 2276 GLN M CA  1 
ATOM   823  C C   . GLN A 1 108 ? -5.33796  -6.17399  18.37664  1.000 23.41000 ? 2276 GLN M C   1 
ATOM   824  O O   . GLN A 1 108 ? -6.30660  -6.93535  18.28169  1.000 23.81000 ? 2276 GLN M O   1 
ATOM   825  C CB  . GLN A 1 108 ? -5.99233  -4.78668  16.40287  1.000 29.51000 ? 2276 GLN M CB  1 
ATOM   826  C CG  . GLN A 1 108 ? -6.96185  -4.02458  17.30104  1.000 37.14000 ? 2276 GLN M CG  1 
ATOM   827  C CD  . GLN A 1 108 ? -7.96839  -3.23733  16.49640  1.000 41.22000 ? 2276 GLN M CD  1 
ATOM   828  O OE1 . GLN A 1 108 ? -9.02117  -3.75468  16.11729  1.000 42.29000 ? 2276 GLN M OE1 1 
ATOM   829  N NE2 . GLN A 1 108 ? -7.63613  -1.98715  16.20302  1.000 38.01000 ? 2276 GLN M NE2 1 
ATOM   830  N N   . ASN A 1 109 ? -4.68188  -5.95797  19.51627  1.000 28.79000 ? 2277 ASN M N   1 
ATOM   831  C CA  . ASN A 1 109 ? -5.09243  -6.56811  20.78115  1.000 22.01000 ? 2277 ASN M CA  1 
ATOM   832  C C   . ASN A 1 109 ? -5.37416  -8.06174  20.61969  1.000 21.36000 ? 2277 ASN M C   1 
ATOM   833  O O   . ASN A 1 109 ? -6.43796  -8.55858  20.98117  1.000 25.54000 ? 2277 ASN M O   1 
ATOM   834  C CB  . ASN A 1 109 ? -6.31351  -5.84639  21.36501  1.000 21.53000 ? 2277 ASN M CB  1 
ATOM   835  C CG  . ASN A 1 109 ? -6.36208  -5.92420  22.88761  1.000 24.62000 ? 2277 ASN M CG  1 
ATOM   836  O OD1 . ASN A 1 109 ? -5.37535  -6.28657  23.52350  1.000 17.24000 ? 2277 ASN M OD1 1 
ATOM   837  N ND2 . ASN A 1 109 ? -7.51803  -5.59346  23.47573  1.000 24.75000 ? 2277 ASN M ND2 1 
ATOM   838  N N   . GLY A 1 110 ? -4.41432  -8.77950  20.03868  1.000 20.70000 ? 2278 GLY M N   1 
ATOM   839  C CA  . GLY A 1 110 ? -4.45270  -10.23133 20.02943  1.000 20.45000 ? 2278 GLY M CA  1 
ATOM   840  C C   . GLY A 1 110 ? -5.14251  -10.87155 18.84660  1.000 24.41000 ? 2278 GLY M C   1 
ATOM   841  O O   . GLY A 1 110 ? -5.31772  -12.09877 18.84335  1.000 25.57000 ? 2278 GLY M O   1 
ATOM   842  N N   . LYS A 1 111 ? -5.53848  -10.09517 17.84430  1.000 22.25000 ? 2279 LYS M N   1 
ATOM   843  C CA  . LYS A 1 111 ? -6.22938  -10.61355 16.66765  1.000 27.35000 ? 2279 LYS M CA  1 
ATOM   844  C C   . LYS A 1 111 ? -5.66998  -9.89049  15.44471  1.000 24.56000 ? 2279 LYS M C   1 
ATOM   845  O O   . LYS A 1 111 ? -5.39396  -8.68933  15.50640  1.000 22.56000 ? 2279 LYS M O   1 
ATOM   846  C CB  . LYS A 1 111 ? -7.75479  -10.42332 16.80723  1.000 26.52000 ? 2279 LYS M CB  1 
ATOM   847  C CG  . LYS A 1 111 ? -8.52974  -10.08044 15.53815  1.000 33.69000 ? 2279 LYS M CG  1 
ATOM   848  C CD  . LYS A 1 111 ? -8.57039  -11.21756 14.51611  1.000 37.99000 ? 2279 LYS M CD  1 
ATOM   849  C CE  . LYS A 1 111 ? -9.49268  -10.84186 13.36084  1.000 37.20000 ? 2279 LYS M CE  1 
ATOM   850  N NZ  . LYS A 1 111 ? -8.80390  -11.03939 12.05535  1.000 36.50000 ? 2279 LYS M NZ  1 
ATOM   851  N N   . VAL A 1 112 ? -5.43268  -10.63978 14.36057  1.000 22.34000 ? 2280 VAL M N   1 
ATOM   852  C CA  . VAL A 1 112 ? -4.93766  -10.03670 13.11941  1.000 24.08000 ? 2280 VAL M CA  1 
ATOM   853  C C   . VAL A 1 112 ? -5.88632  -8.91799  12.70990  1.000 25.85000 ? 2280 VAL M C   1 
ATOM   854  O O   . VAL A 1 112 ? -7.10633  -9.10899  12.66281  1.000 24.77000 ? 2280 VAL M O   1 
ATOM   855  C CB  . VAL A 1 112 ? -4.79389  -11.11562 12.02772  1.000 28.26000 ? 2280 VAL M CB  1 
ATOM   856  C CG1 . VAL A 1 112 ? -4.56877  -10.49977 10.63992  1.000 20.60000 ? 2280 VAL M CG1 1 
ATOM   857  C CG2 . VAL A 1 112 ? -3.65197  -12.06987 12.37161  1.000 28.77000 ? 2280 VAL M CG2 1 
ATOM   858  N N   . LYS A 1 113 ? -5.34438  -7.72375  12.46844  1.000 21.36000 ? 2281 LYS M N   1 
ATOM   859  C CA  . LYS A 1 113 ? -6.20790  -6.58383  12.17605  1.000 16.90000 ? 2281 LYS M CA  1 
ATOM   860  C C   . LYS A 1 113 ? -6.66583  -6.61571  10.71968  1.000 20.79000 ? 2281 LYS M C   1 
ATOM   861  O O   . LYS A 1 113 ? -5.84616  -6.72728  9.79984   1.000 16.78000 ? 2281 LYS M O   1 
ATOM   862  C CB  . LYS A 1 113 ? -5.50463  -5.26027  12.47001  1.000 18.50000 ? 2281 LYS M CB  1 
ATOM   863  C CG  . LYS A 1 113 ? -6.34865  -4.05518  12.07434  1.000 23.52000 ? 2281 LYS M CG  1 
ATOM   864  C CD  . LYS A 1 113 ? -6.00827  -2.79748  12.85560  1.000 31.81000 ? 2281 LYS M CD  1 
ATOM   865  C CE  . LYS A 1 113 ? -7.02109  -1.67441  12.56844  1.000 28.74000 ? 2281 LYS M CE  1 
ATOM   866  N NZ  . LYS A 1 113 ? -8.39275  -2.01931  13.03681  1.000 30.77000 ? 2281 LYS M NZ  1 
ATOM   867  N N   . VAL A 1 114 ? -7.97436  -6.50792  10.51053  1.000 17.25000 ? 2282 VAL M N   1 
ATOM   868  C CA  . VAL A 1 114 ? -8.54177  -6.34346  9.17390   1.000 18.10000 ? 2282 VAL M CA  1 
ATOM   869  C C   . VAL A 1 114 ? -8.83072  -4.85897  8.97959   1.000 18.54000 ? 2282 VAL M C   1 
ATOM   870  O O   . VAL A 1 114 ? -9.78278  -4.32012  9.55097   1.000 15.85000 ? 2282 VAL M O   1 
ATOM   871  C CB  . VAL A 1 114 ? -9.80747  -7.18651  8.97712   1.000 20.19000 ? 2282 VAL M CB  1 
ATOM   872  C CG1 . VAL A 1 114 ? -10.30714 -7.07429  7.52986   1.000 17.61000 ? 2282 VAL M CG1 1 
ATOM   873  C CG2 . VAL A 1 114 ? -9.55052  -8.62847  9.35016   1.000 21.26000 ? 2282 VAL M CG2 1 
ATOM   874  N N   . PHE A 1 115 ? -8.00545  -4.19195  8.18015   1.000 15.55000 ? 2283 PHE M N   1 
ATOM   875  C CA  . PHE A 1 115 ? -8.16371  -2.76993  7.92959   1.000 17.15000 ? 2283 PHE M CA  1 
ATOM   876  C C   . PHE A 1 115 ? -9.30130  -2.52988  6.94788   1.000 18.31000 ? 2283 PHE M C   1 
ATOM   877  O O   . PHE A 1 115 ? -9.42290  -3.22580  5.93430   1.000 17.26000 ? 2283 PHE M O   1 
ATOM   878  C CB  . PHE A 1 115 ? -6.86995  -2.17329  7.38075   1.000 14.56000 ? 2283 PHE M CB  1 
ATOM   879  C CG  . PHE A 1 115 ? -5.72778  -2.21170  8.34667   1.000 15.45000 ? 2283 PHE M CG  1 
ATOM   880  C CD1 . PHE A 1 115 ? -4.91613  -3.33268  8.43126   1.000 15.44000 ? 2283 PHE M CD1 1 
ATOM   881  C CD2 . PHE A 1 115 ? -5.46186  -1.12997  9.17567   1.000 19.94000 ? 2283 PHE M CD2 1 
ATOM   882  C CE1 . PHE A 1 115 ? -3.85738  -3.37611  9.33722   1.000 17.30000 ? 2283 PHE M CE1 1 
ATOM   883  C CE2 . PHE A 1 115 ? -4.40480  -1.16149  10.07084  1.000 18.67000 ? 2283 PHE M CE2 1 
ATOM   884  C CZ  . PHE A 1 115 ? -3.60167  -2.29071  10.14848  1.000 19.55000 ? 2283 PHE M CZ  1 
ATOM   885  N N   . GLN A 1 116 ? -10.13835 -1.54927  7.26092   1.000 16.99000 ? 2284 GLN M N   1 
ATOM   886  C CA  . GLN A 1 116 ? -11.20854 -1.12195  6.37320   1.000 16.02000 ? 2284 GLN M CA  1 
ATOM   887  C C   . GLN A 1 116 ? -10.66256 -0.02549  5.47122   1.000 17.49000 ? 2284 GLN M C   1 
ATOM   888  O O   . GLN A 1 116 ? -10.24046 1.04023   5.95070   1.000 19.42000 ? 2284 GLN M O   1 
ATOM   889  C CB  . GLN A 1 116 ? -12.41427 -0.63275  7.16947   1.000 19.44000 ? 2284 GLN M CB  1 
ATOM   890  C CG  . GLN A 1 116 ? -12.92244 -1.66922  8.17508   1.000 19.28000 ? 2284 GLN M CG  1 
ATOM   891  C CD  . GLN A 1 116 ? -13.51394 -2.88774  7.50434   1.000 24.09000 ? 2284 GLN M CD  1 
ATOM   892  O OE1 . GLN A 1 116 ? -14.42992 -2.77851  6.68957   1.000 28.21000 ? 2284 GLN M OE1 1 
ATOM   893  N NE2 . GLN A 1 116 ? -12.99808 -4.06112  7.84694   1.000 26.88000 ? 2284 GLN M NE2 1 
ATOM   894  N N   . GLY A 1 117 ? -10.67084 -0.29337  4.17104   1.000 17.54000 ? 2285 GLY M N   1 
ATOM   895  C CA  . GLY A 1 117 ? -10.02612 0.56443   3.20360   1.000 16.82000 ? 2285 GLY M CA  1 
ATOM   896  C C   . GLY A 1 117 ? -10.99612 1.46871   2.48263   1.000 17.29000 ? 2285 GLY M C   1 
ATOM   897  O O   . GLY A 1 117 ? -11.72677 2.22931   3.12070   1.000 18.69000 ? 2285 GLY M O   1 
ATOM   898  N N   . ASN A 1 118 ? -11.04812 1.36381   1.16209   1.000 14.68000 ? 2286 ASN M N   1 
ATOM   899  C CA  . ASN A 1 118 ? -11.70575 2.38796   0.36885   1.000 13.91000 ? 2286 ASN M CA  1 
ATOM   900  C C   . ASN A 1 118 ? -13.16267 2.05535   0.05525   1.000 19.32000 ? 2286 ASN M C   1 
ATOM   901  O O   . ASN A 1 118 ? -13.61400 0.91196   0.15295   1.000 16.80000 ? 2286 ASN M O   1 
ATOM   902  C CB  . ASN A 1 118 ? -10.90137 2.62862   -0.90447  1.000 14.58000 ? 2286 ASN M CB  1 
ATOM   903  C CG  . ASN A 1 118 ? -9.58049  3.29121   -0.59943  1.000 17.04000 ? 2286 ASN M CG  1 
ATOM   904  O OD1 . ASN A 1 118 ? -8.52355  2.67558   -0.68408  1.000 15.51000 ? 2286 ASN M OD1 1 
ATOM   905  N ND2 . ASN A 1 118 ? -9.63860  4.55093   -0.20229  1.000 17.14000 ? 2286 ASN M ND2 1 
ATOM   906  N N   . GLN A 1 119 ? -13.91347 3.10897   -0.27647  1.000 17.46000 ? 2287 GLN M N   1 
ATOM   907  C CA  . GLN A 1 119 ? -15.32386 3.00007   -0.60647  1.000 21.25000 ? 2287 GLN M CA  1 
ATOM   908  C C   . GLN A 1 119 ? -15.61906 3.61080   -1.96410  1.000 21.22000 ? 2287 GLN M C   1 
ATOM   909  O O   . GLN A 1 119 ? -16.78510 3.64670   -2.37422  1.000 21.12000 ? 2287 GLN M O   1 
ATOM   910  C CB  . GLN A 1 119 ? -16.17372 3.68009   0.47860   1.000 28.28000 ? 2287 GLN M CB  1 
ATOM   911  C CG  . GLN A 1 119 ? -16.16470 5.19388   0.35989   1.000 33.42000 ? 2287 GLN M CG  1 
ATOM   912  C CD  . GLN A 1 119 ? -17.32675 5.86391   1.07166   1.000 41.21000 ? 2287 GLN M CD  1 
ATOM   913  O OE1 . GLN A 1 119 ? -18.16276 6.52159   0.43719   1.000 42.09000 ? 2287 GLN M OE1 1 
ATOM   914  N NE2 . GLN A 1 119 ? -17.37021 5.73112   2.39595   1.000 40.87000 ? 2287 GLN M NE2 1 
ATOM   915  N N   . ASP A 1 120 ? -14.59280 4.08643   -2.66424  1.000 17.78000 ? 2288 ASP M N   1 
ATOM   916  C CA  . ASP A 1 120 ? -14.69727 4.66115   -3.99486  1.000 19.94000 ? 2288 ASP M CA  1 
ATOM   917  C C   . ASP A 1 120 ? -13.29795 4.63156   -4.59709  1.000 19.61000 ? 2288 ASP M C   1 
ATOM   918  O O   . ASP A 1 120 ? -12.34631 4.15534   -3.97470  1.000 20.45000 ? 2288 ASP M O   1 
ATOM   919  C CB  . ASP A 1 120 ? -15.28204 6.07927   -3.95366  1.000 20.66000 ? 2288 ASP M CB  1 
ATOM   920  C CG  . ASP A 1 120 ? -14.46177 7.03725   -3.08330  1.000 20.97000 ? 2288 ASP M CG  1 
ATOM   921  O OD1 . ASP A 1 120 ? -13.22051 6.88783   -2.99697  1.000 19.39000 ? 2288 ASP M OD1 1 
ATOM   922  O OD2 . ASP A 1 120 ? -15.06465 7.95569   -2.48338  1.000 25.51000 ? 2288 ASP M OD2 1 
ATOM   923  N N   . SER A 1 121 ? -13.16552 5.18393   -5.79113  1.000 19.31000 ? 2289 SER M N   1 
ATOM   924  C CA  . SER A 1 121 ? -11.89906 5.12610   -6.50615  1.000 20.18000 ? 2289 SER M CA  1 
ATOM   925  C C   . SER A 1 121 ? -11.02327 6.36327   -6.32245  1.000 18.28000 ? 2289 SER M C   1 
ATOM   926  O O   . SER A 1 121 ? -9.91876  6.39859   -6.87370  1.000 22.37000 ? 2289 SER M O   1 
ATOM   927  C CB  . SER A 1 121 ? -12.16762 4.91554   -7.99328  1.000 23.77000 ? 2289 SER M CB  1 
ATOM   928  O OG  . SER A 1 121 ? -12.97374 5.97649   -8.47368  1.000 29.27000 ? 2289 SER M OG  1 
ATOM   929  N N   . PHE A 1 122 ? -11.46993 7.37276   -5.57298  1.000 20.72000 ? 2290 PHE M N   1 
ATOM   930  C CA  . PHE A 1 122 ? -10.71737 8.62623   -5.54238  1.000 22.40000 ? 2290 PHE M CA  1 
ATOM   931  C C   . PHE A 1 122 ? -10.40924 9.15973   -4.14187  1.000 22.05000 ? 2290 PHE M C   1 
ATOM   932  O O   . PHE A 1 122 ? -9.44976  9.91992   -3.97424  1.000 22.63000 ? 2290 PHE M O   1 
ATOM   933  C CB  . PHE A 1 122 ? -11.46182 9.70082   -6.34769  1.000 20.35000 ? 2290 PHE M CB  1 
ATOM   934  C CG  . PHE A 1 122 ? -12.86064 9.97227   -5.85614  1.000 25.66000 ? 2290 PHE M CG  1 
ATOM   935  C CD1 . PHE A 1 122 ? -13.09446 10.92101  -4.86879  1.000 23.95000 ? 2290 PHE M CD1 1 
ATOM   936  C CD2 . PHE A 1 122 ? -13.94217 9.28018   -6.37930  1.000 25.95000 ? 2290 PHE M CD2 1 
ATOM   937  C CE1 . PHE A 1 122 ? -14.38277 11.16688  -4.40208  1.000 25.55000 ? 2290 PHE M CE1 1 
ATOM   938  C CE2 . PHE A 1 122 ? -15.23212 9.53008   -5.92097  1.000 25.39000 ? 2290 PHE M CE2 1 
ATOM   939  C CZ  . PHE A 1 122 ? -15.45279 10.47126  -4.93530  1.000 25.26000 ? 2290 PHE M CZ  1 
ATOM   940  N N   . THR A 1 123 ? -11.20128 8.80410   -3.13551  1.000 20.53000 ? 2291 THR M N   1 
ATOM   941  C CA  . THR A 1 123 ? -10.97397 9.38035   -1.81299  1.000 18.30000 ? 2291 THR M CA  1 
ATOM   942  C C   . THR A 1 123 ? -9.89850  8.59202   -1.07188  1.000 18.19000 ? 2291 THR M C   1 
ATOM   943  O O   . THR A 1 123 ? -10.00463 7.36426   -0.96341  1.000 16.88000 ? 2291 THR M O   1 
ATOM   944  C CB  . THR A 1 123 ? -12.25696 9.38673   -0.98137  1.000 20.34000 ? 2291 THR M CB  1 
ATOM   945  O OG1 . THR A 1 123 ? -13.28939 10.08142  -1.69011  1.000 22.20000 ? 2291 THR M OG1 1 
ATOM   946  C CG2 . THR A 1 123 ? -12.01691 10.09391  0.33788   1.000 19.46000 ? 2291 THR M CG2 1 
ATOM   947  N N   . PRO A 1 124 ? -8.86106  9.24837   -0.55713  1.000 17.93000 ? 2292 PRO M N   1 
ATOM   948  C CA  . PRO A 1 124 ? -7.87078  8.53036   0.25357   1.000 14.98000 ? 2292 PRO M CA  1 
ATOM   949  C C   . PRO A 1 124 ? -8.39622  8.25884   1.65242   1.000 16.21000 ? 2292 PRO M C   1 
ATOM   950  O O   . PRO A 1 124 ? -9.05812  9.09725   2.26771   1.000 18.73000 ? 2292 PRO M O   1 
ATOM   951  C CB  . PRO A 1 124 ? -6.66842  9.48421   0.28436   1.000 15.94000 ? 2292 PRO M CB  1 
ATOM   952  C CG  . PRO A 1 124 ? -7.22279  10.82621  0.01700   1.000 19.86000 ? 2292 PRO M CG  1 
ATOM   953  C CD  . PRO A 1 124 ? -8.49863  10.66237  -0.76636  1.000 17.84000 ? 2292 PRO M CD  1 
ATOM   954  N N   . VAL A 1 125 ? -8.10413  7.06494   2.15123   1.000 14.61000 ? 2293 VAL M N   1 
ATOM   955  C CA  . VAL A 1 125 ? -8.51181  6.65439   3.48748   1.000 17.62000 ? 2293 VAL M CA  1 
ATOM   956  C C   . VAL A 1 125 ? -7.24553  6.45580   4.30161   1.000 14.82000 ? 2293 VAL M C   1 
ATOM   957  O O   . VAL A 1 125 ? -6.35092  5.70201   3.89002   1.000 14.75000 ? 2293 VAL M O   1 
ATOM   958  C CB  . VAL A 1 125 ? -9.36083  5.37444   3.45140   1.000 18.34000 ? 2293 VAL M CB  1 
ATOM   959  C CG1 . VAL A 1 125 ? -9.60808  4.84703   4.86343   1.000 18.27000 ? 2293 VAL M CG1 1 
ATOM   960  C CG2 . VAL A 1 125 ? -10.67173 5.63246   2.72460   1.000 16.35000 ? 2293 VAL M CG2 1 
ATOM   961  N N   . VAL A 1 126 ? -7.15893  7.12964   5.44848   1.000 14.70000 ? 2294 VAL M N   1 
ATOM   962  C CA  . VAL A 1 126 ? -6.01277  6.98268   6.33962   1.000 16.26000 ? 2294 VAL M CA  1 
ATOM   963  C C   . VAL A 1 126 ? -6.35262  5.94149   7.39362   1.000 20.38000 ? 2294 VAL M C   1 
ATOM   964  O O   . VAL A 1 126 ? -7.37889  6.04592   8.07490   1.000 17.71000 ? 2294 VAL M O   1 
ATOM   965  C CB  . VAL A 1 126 ? -5.64017  8.32503   6.99401   1.000 21.39000 ? 2294 VAL M CB  1 
ATOM   966  C CG1 . VAL A 1 126 ? -4.46684  8.14551   7.94669   1.000 18.75000 ? 2294 VAL M CG1 1 
ATOM   967  C CG2 . VAL A 1 126 ? -5.31480  9.36357   5.93154   1.000 21.41000 ? 2294 VAL M CG2 1 
ATOM   968  N N   . ASN A 1 127 ? -5.46844  4.96898   7.55717   1.000 16.18000 ? 2295 ASN M N   1 
ATOM   969  C CA  . ASN A 1 127 ? -5.62707  3.96915   8.57777   1.000 14.71000 ? 2295 ASN M CA  1 
ATOM   970  C C   . ASN A 1 127 ? -4.48028  4.09415   9.54977   1.000 20.20000 ? 2295 ASN M C   1 
ATOM   971  O O   . ASN A 1 127 ? -3.35250  3.92655   9.18813   1.000 18.28000 ? 2295 ASN M O   1 
ATOM   972  C CB  . ASN A 1 127 ? -5.68218  2.57979   7.98959   1.000 18.06000 ? 2295 ASN M CB  1 
ATOM   973  C CG  . ASN A 1 127 ? -7.09398  2.05929   7.84059   1.000 18.37000 ? 2295 ASN M CG  1 
ATOM   974  O OD1 . ASN A 1 127 ? -7.79980  1.86194   8.81587   1.000 20.62000 ? 2295 ASN M OD1 1 
ATOM   975  N ND2 . ASN A 1 127 ? -7.50481  1.83446   6.61363   1.000 19.46000 ? 2295 ASN M ND2 1 
ATOM   976  N N   . SER A 1 128 ? -4.79300  4.46036   10.76659  1.000 19.97000 ? 2296 SER M N   1 
ATOM   977  C CA  . SER A 1 128 ? -3.79138  4.52163   11.79534  1.000 24.51000 ? 2296 SER M CA  1 
ATOM   978  C C   . SER A 1 128 ? -3.30288  3.15459   12.19012  1.000 26.51000 ? 2296 SER M C   1 
ATOM   979  O O   . SER A 1 128 ? -4.02579  2.18853   12.14773  1.000 23.42000 ? 2296 SER M O   1 
ATOM   980  C CB  . SER A 1 128 ? -4.31693  5.22007   13.04620  1.000 30.00000 ? 2296 SER M CB  1 
ATOM   981  O OG  . SER A 1 128 ? -3.28878  5.40536   13.98654  1.000 30.00000 ? 2296 SER M OG  1 
ATOM   982  N N   . LEU A 1 129 ? -2.04431  3.10731   12.56905  1.000 22.85000 ? 2297 LEU M N   1 
ATOM   983  C CA  . LEU A 1 129 ? -1.47513  1.88232   13.02661  1.000 24.34000 ? 2297 LEU M CA  1 
ATOM   984  C C   . LEU A 1 129 ? -1.18930  2.09695   14.49857  1.000 28.40000 ? 2297 LEU M C   1 
ATOM   985  O O   . LEU A 1 129 ? -0.33900  2.87674   14.85074  1.000 29.21000 ? 2297 LEU M O   1 
ATOM   986  C CB  . LEU A 1 129 ? -0.19824  1.56537   12.30416  1.000 21.76000 ? 2297 LEU M CB  1 
ATOM   987  C CG  . LEU A 1 129 ? -0.14935  1.38184   10.79775  1.000 24.00000 ? 2297 LEU M CG  1 
ATOM   988  C CD1 . LEU A 1 129 ? 1.11597   0.64313   10.42986  1.000 22.70000 ? 2297 LEU M CD1 1 
ATOM   989  C CD2 . LEU A 1 129 ? -1.34401  0.59212   10.34111  1.000 21.24000 ? 2297 LEU M CD2 1 
ATOM   990  N N   . ASP A 1 130 ? -1.92027  1.40044   15.33039  1.000 28.41000 ? 2298 ASP M N   1 
ATOM   991  C CA  . ASP A 1 130 ? -1.72139  1.48090   16.75628  1.000 31.47000 ? 2298 ASP M CA  1 
ATOM   992  C C   . ASP A 1 130 ? -1.73287  0.05742   17.20222  1.000 30.98000 ? 2298 ASP M C   1 
ATOM   993  O O   . ASP A 1 130 ? -2.75806  -0.49842  17.18900  1.000 35.35000 ? 2298 ASP M O   1 
ATOM   994  C CB  . ASP A 1 130 ? -2.89983  2.15266   17.40341  1.000 34.63000 ? 2298 ASP M CB  1 
ATOM   995  C CG  . ASP A 1 130 ? -2.93979  3.62656   17.15982  1.000 41.31000 ? 2298 ASP M CG  1 
ATOM   996  O OD1 . ASP A 1 130 ? -1.94814  4.31786   17.45847  1.000 43.30000 ? 2298 ASP M OD1 1 
ATOM   997  O OD2 . ASP A 1 130 ? -3.98280  4.09240   16.68255  1.000 45.41000 ? 2298 ASP M OD2 1 
ATOM   998  N N   . PRO A 1 131 ? -0.60331  -0.51699  17.60259  1.000 28.28000 ? 2299 PRO M N   1 
ATOM   999  C CA  . PRO A 1 131 ? 0.60832   0.21742   17.88040  1.000 28.45000 ? 2299 PRO M CA  1 
ATOM   1000 C C   . PRO A 1 131 ? 1.41303   0.59320   16.61519  1.000 26.05000 ? 2299 PRO M C   1 
ATOM   1001 O O   . PRO A 1 131 ? 1.29324   -0.04087  15.60319  1.000 23.44000 ? 2299 PRO M O   1 
ATOM   1002 C CB  . PRO A 1 131 ? 1.36644   -0.73413  18.78107  1.000 29.59000 ? 2299 PRO M CB  1 
ATOM   1003 C CG  . PRO A 1 131 ? 0.98611   -2.08261  18.29765  1.000 31.93000 ? 2299 PRO M CG  1 
ATOM   1004 C CD  . PRO A 1 131 ? -0.44361  -1.95640  17.87173  1.000 33.70000 ? 2299 PRO M CD  1 
ATOM   1005 N N   . PRO A 1 132 ? 2.18242   1.66935   16.70096  1.000 26.36000 ? 2300 PRO M N   1 
ATOM   1006 C CA  . PRO A 1 132 ? 3.01490   2.01685   15.54451  1.000 26.46000 ? 2300 PRO M CA  1 
ATOM   1007 C C   . PRO A 1 132 ? 4.02836   0.95677   15.20023  1.000 26.48000 ? 2300 PRO M C   1 
ATOM   1008 O O   . PRO A 1 132 ? 4.54379   0.30437   16.08437  1.000 22.03000 ? 2300 PRO M O   1 
ATOM   1009 C CB  . PRO A 1 132 ? 3.71531   3.30226   15.97432  1.000 24.07000 ? 2300 PRO M CB  1 
ATOM   1010 C CG  . PRO A 1 132 ? 2.85310   3.86349   17.04262  1.000 28.94000 ? 2300 PRO M CG  1 
ATOM   1011 C CD  . PRO A 1 132 ? 2.22634   2.70505   17.74212  1.000 28.73000 ? 2300 PRO M CD  1 
ATOM   1012 N N   . LEU A 1 133 ? 4.32284   0.83290   13.93435  1.000 20.85000 ? 2301 LEU M N   1 
ATOM   1013 C CA  . LEU A 1 133 ? 5.24464   -0.17699  13.44611  1.000 21.47000 ? 2301 LEU M CA  1 
ATOM   1014 C C   . LEU A 1 133 ? 6.64450   0.40847   13.32311  1.000 21.47000 ? 2301 LEU M C   1 
ATOM   1015 O O   . LEU A 1 133 ? 6.82744   1.45112   12.69384  1.000 23.75000 ? 2301 LEU M O   1 
ATOM   1016 C CB  . LEU A 1 133 ? 4.78393   -0.69870  12.08568  1.000 21.55000 ? 2301 LEU M CB  1 
ATOM   1017 C CG  . LEU A 1 133 ? 3.97090   -1.98321  12.00090  1.000 29.46000 ? 2301 LEU M CG  1 
ATOM   1018 C CD1 . LEU A 1 133 ? 3.64955   -2.26766  10.54916  1.000 24.01000 ? 2301 LEU M CD1 1 
ATOM   1019 C CD2 . LEU A 1 133 ? 4.72151   -3.15299  12.63146  1.000 26.69000 ? 2301 LEU M CD2 1 
ATOM   1020 N N   . LEU A 1 134 ? 7.62862   -0.26482  13.90506  1.000 20.06000 ? 2302 LEU M N   1 
ATOM   1021 C CA  . LEU A 1 134 ? 9.03500   0.03056   13.63518  1.000 17.82000 ? 2302 LEU M CA  1 
ATOM   1022 C C   . LEU A 1 134 ? 9.50707   -1.03850  12.66123  1.000 20.21000 ? 2302 LEU M C   1 
ATOM   1023 O O   . LEU A 1 134 ? 9.74671   -2.18158  13.05659  1.000 21.42000 ? 2302 LEU M O   1 
ATOM   1024 C CB  . LEU A 1 134 ? 9.85852   0.03015   14.91799  1.000 23.19000 ? 2302 LEU M CB  1 
ATOM   1025 C CG  . LEU A 1 134 ? 9.41740   1.06202   15.95983  1.000 22.20000 ? 2302 LEU M CG  1 
ATOM   1026 C CD1 . LEU A 1 134 ? 9.96262   0.72055   17.34165  1.000 28.29000 ? 2302 LEU M CD1 1 
ATOM   1027 C CD2 . LEU A 1 134 ? 9.87187   2.43794   15.52744  1.000 26.13000 ? 2302 LEU M CD2 1 
ATOM   1028 N N   . THR A 1 135 ? 9.61942   -0.68181  11.38148  1.000 17.77000 ? 2303 THR M N   1 
ATOM   1029 C CA  . THR A 1 135 ? 9.85741   -1.69756  10.36978  1.000 14.92000 ? 2303 THR M CA  1 
ATOM   1030 C C   . THR A 1 135 ? 10.61597  -1.11379  9.18759   1.000 16.49000 ? 2303 THR M C   1 
ATOM   1031 O O   . THR A 1 135 ? 10.68533  0.10384   8.98924   1.000 14.63000 ? 2303 THR M O   1 
ATOM   1032 C CB  . THR A 1 135 ? 8.54208   -2.33356  9.87693   1.000 18.36000 ? 2303 THR M CB  1 
ATOM   1033 O OG1 . THR A 1 135 ? 8.84927   -3.50839  9.10718   1.000 20.24000 ? 2303 THR M OG1 1 
ATOM   1034 C CG2 . THR A 1 135 ? 7.75821   -1.36133  8.99533   1.000 17.34000 ? 2303 THR M CG2 1 
ATOM   1035 N N   . ARG A 1 136 ? 11.19062  -2.01245  8.40298   1.000 16.39000 ? 2304 ARG M N   1 
ATOM   1036 C CA  . ARG A 1 136 ? 11.81907  -1.65493  7.14128   1.000 14.72000 ? 2304 ARG M CA  1 
ATOM   1037 C C   . ARG A 1 136 ? 10.98708  -2.04666  5.92645   1.000 14.66000 ? 2304 ARG M C   1 
ATOM   1038 O O   . ARG A 1 136 ? 10.91838  -1.28201  4.95548   1.000 14.74000 ? 2304 ARG M O   1 
ATOM   1039 C CB  . ARG A 1 136 ? 13.20584  -2.30427  7.05084   1.000 16.77000 ? 2304 ARG M CB  1 
ATOM   1040 C CG  . ARG A 1 136 ? 13.82494  -2.10531  5.69614   1.000 16.80000 ? 2304 ARG M CG  1 
ATOM   1041 C CD  . ARG A 1 136 ? 15.14337  -2.77901  5.59259   1.000 21.72000 ? 2304 ARG M CD  1 
ATOM   1042 N NE  . ARG A 1 136 ? 15.64219  -2.63662  4.23717   1.000 21.70000 ? 2304 ARG M NE  1 
ATOM   1043 C CZ  . ARG A 1 136 ? 16.90727  -2.40008  3.94369   1.000 24.47000 ? 2304 ARG M CZ  1 
ATOM   1044 N NH1 . ARG A 1 136 ? 17.78417  -2.27503  4.92742   1.000 21.38000 ? 2304 ARG M NH1 1 
ATOM   1045 N NH2 . ARG A 1 136 ? 17.28344  -2.29194  2.67808   1.000 24.57000 ? 2304 ARG M NH2 1 
ATOM   1046 N N   . TYR A 1 137 ? 10.36288  -3.22147  5.94385   1.000 14.76000 ? 2305 TYR M N   1 
ATOM   1047 C CA  . TYR A 1 137 ? 9.47557   -3.66779  4.87741   1.000 13.15000 ? 2305 TYR M CA  1 
ATOM   1048 C C   . TYR A 1 137 ? 8.03200   -3.62007  5.35118   1.000 14.95000 ? 2305 TYR M C   1 
ATOM   1049 O O   . TYR A 1 137 ? 7.71275   -4.07282  6.45333   1.000 15.72000 ? 2305 TYR M O   1 
ATOM   1050 C CB  . TYR A 1 137 ? 9.80283   -5.08391  4.42244   1.000 16.02000 ? 2305 TYR M CB  1 
ATOM   1051 C CG  . TYR A 1 137 ? 11.17738  -5.25201  3.86201   1.000 15.61000 ? 2305 TYR M CG  1 
ATOM   1052 C CD1 . TYR A 1 137 ? 11.43104  -5.03518  2.50662   1.000 18.94000 ? 2305 TYR M CD1 1 
ATOM   1053 C CD2 . TYR A 1 137 ? 12.23428  -5.62326  4.67695   1.000 15.25000 ? 2305 TYR M CD2 1 
ATOM   1054 C CE1 . TYR A 1 137 ? 12.69856  -5.19468  1.98175   1.000 19.75000 ? 2305 TYR M CE1 1 
ATOM   1055 C CE2 . TYR A 1 137 ? 13.50182  -5.78325  4.16212   1.000 19.47000 ? 2305 TYR M CE2 1 
ATOM   1056 C CZ  . TYR A 1 137 ? 13.72687  -5.57165  2.81331   1.000 24.20000 ? 2305 TYR M CZ  1 
ATOM   1057 O OH  . TYR A 1 137 ? 14.99446  -5.72822  2.29306   1.000 28.68000 ? 2305 TYR M OH  1 
ATOM   1058 N N   . LEU A 1 138 ? 7.15506   -3.09508  4.50378   1.000 12.51000 ? 2306 LEU M N   1 
ATOM   1059 C CA  . LEU A 1 138 ? 5.73518   -3.00760  4.82262   1.000 15.11000 ? 2306 LEU M CA  1 
ATOM   1060 C C   . LEU A 1 138 ? 4.98177   -3.60377  3.64960   1.000 14.86000 ? 2306 LEU M C   1 
ATOM   1061 O O   . LEU A 1 138 ? 5.17756   -3.17369  2.50752   1.000 12.51000 ? 2306 LEU M O   1 
ATOM   1062 C CB  . LEU A 1 138 ? 5.32241   -1.55427  5.07192   1.000 17.26000 ? 2306 LEU M CB  1 
ATOM   1063 C CG  . LEU A 1 138 ? 3.88522   -1.31267  5.49954   1.000 15.79000 ? 2306 LEU M CG  1 
ATOM   1064 C CD1 . LEU A 1 138 ? 3.70752   -1.55597  6.98710   1.000 18.56000 ? 2306 LEU M CD1 1 
ATOM   1065 C CD2 . LEU A 1 138 ? 3.54613   0.12444   5.15918   1.000 24.56000 ? 2306 LEU M CD2 1 
ATOM   1066 N N   . ARG A 1 139 ? 4.15632   -4.61119  3.92417   1.000 11.75000 ? 2307 ARG M N   1 
ATOM   1067 C CA  . ARG A 1 139 ? 3.37572   -5.29362  2.90255   1.000 12.89000 ? 2307 ARG M CA  1 
ATOM   1068 C C   . ARG A 1 139 ? 1.89467   -5.11122  3.16859   1.000 14.26000 ? 2307 ARG M C   1 
ATOM   1069 O O   . ARG A 1 139 ? 1.44292   -5.21549  4.31268   1.000 11.42000 ? 2307 ARG M O   1 
ATOM   1070 C CB  . ARG A 1 139 ? 3.67088   -6.78612  2.86634   1.000 10.55000 ? 2307 ARG M CB  1 
ATOM   1071 C CG  . ARG A 1 139 ? 4.78970   -7.15771  1.96910   1.000 21.38000 ? 2307 ARG M CG  1 
ATOM   1072 C CD  . ARG A 1 139 ? 4.83054   -8.66232  1.75186   1.000 18.41000 ? 2307 ARG M CD  1 
ATOM   1073 N NE  . ARG A 1 139 ? 6.14055   -8.98800  1.22777   1.000 21.52000 ? 2307 ARG M NE  1 
ATOM   1074 C CZ  . ARG A 1 139 ? 6.54257   -10.20304 0.90938   1.000 22.22000 ? 2307 ARG M CZ  1 
ATOM   1075 N NH1 . ARG A 1 139 ? 5.71768   -11.24136 1.05953   1.000 23.59000 ? 2307 ARG M NH1 1 
ATOM   1076 N NH2 . ARG A 1 139 ? 7.76934   -10.36347 0.44022   1.000 23.14000 ? 2307 ARG M NH2 1 
ATOM   1077 N N   . ILE A 1 140 ? 1.14769   -4.87219  2.09539   1.000 12.91000 ? 2308 ILE M N   1 
ATOM   1078 C CA  . ILE A 1 140 ? -0.30549  -4.72680  2.13277   1.000 12.76000 ? 2308 ILE M CA  1 
ATOM   1079 C C   . ILE A 1 140 ? -0.91478  -5.92826  1.43179   1.000 14.09000 ? 2308 ILE M C   1 
ATOM   1080 O O   . ILE A 1 140 ? -0.54830  -6.23290  0.28947   1.000 13.86000 ? 2308 ILE M O   1 
ATOM   1081 C CB  . ILE A 1 140 ? -0.75521  -3.42657  1.44481   1.000 14.96000 ? 2308 ILE M CB  1 
ATOM   1082 C CG1 . ILE A 1 140 ? -0.02212  -2.21560  2.03056   1.000 18.52000 ? 2308 ILE M CG1 1 
ATOM   1083 C CG2 . ILE A 1 140 ? -2.28683  -3.29360  1.51659   1.000 15.58000 ? 2308 ILE M CG2 1 
ATOM   1084 C CD1 . ILE A 1 140 ? -0.35039  -1.92465  3.48028   1.000 20.18000 ? 2308 ILE M CD1 1 
ATOM   1085 N N   . HIS A 1 141 ? -1.87577  -6.58149  2.08749   1.000 13.66000 ? 2309 HIS M N   1 
ATOM   1086 C CA  . HIS A 1 141 ? -2.49763  -7.79751  1.55988   1.000 12.55000 ? 2309 HIS M CA  1 
ATOM   1087 C C   . HIS A 1 141 ? -3.98302  -7.58132  1.30565   1.000 13.33000 ? 2309 HIS M C   1 
ATOM   1088 O O   . HIS A 1 141 ? -4.79446  -7.71704  2.23936   1.000 11.61000 ? 2309 HIS M O   1 
ATOM   1089 C CB  . HIS A 1 141 ? -2.31154  -8.95399  2.53397   1.000 12.69000 ? 2309 HIS M CB  1 
ATOM   1090 C CG  . HIS A 1 141 ? -0.88573  -9.22197  2.89767   1.000 17.06000 ? 2309 HIS M CG  1 
ATOM   1091 N ND1 . HIS A 1 141 ? -0.15116  -10.23694 2.31847   1.000 16.85000 ? 2309 HIS M ND1 1 
ATOM   1092 C CD2 . HIS A 1 141 ? -0.06859  -8.63285  3.80257   1.000 17.24000 ? 2309 HIS M CD2 1 
ATOM   1093 C CE1 . HIS A 1 141 ? 1.06050   -10.25454 2.84754   1.000 17.17000 ? 2309 HIS M CE1 1 
ATOM   1094 N NE2 . HIS A 1 141 ? 1.13854   -9.28933  3.74627   1.000 19.25000 ? 2309 HIS M NE2 1 
ATOM   1095 N N   . PRO A 1 142 ? -4.38939  -7.25639  0.08008   1.000 13.33000 ? 2310 PRO M N   1 
ATOM   1096 C CA  . PRO A 1 142 ? -5.81720  -7.04039  -0.19308  1.000 13.09000 ? 2310 PRO M CA  1 
ATOM   1097 C C   . PRO A 1 142 ? -6.62657  -8.29816  0.06452   1.000 15.71000 ? 2310 PRO M C   1 
ATOM   1098 O O   . PRO A 1 142 ? -6.28053  -9.38404  -0.40136  1.000 16.32000 ? 2310 PRO M O   1 
ATOM   1099 C CB  . PRO A 1 142 ? -5.84322  -6.65510  -1.67762  1.000 11.91000 ? 2310 PRO M CB  1 
ATOM   1100 C CG  . PRO A 1 142 ? -4.45765  -6.09176  -1.94919  1.000 14.59000 ? 2310 PRO M CG  1 
ATOM   1101 C CD  . PRO A 1 142 ? -3.54164  -6.93182  -1.08109  1.000 15.89000 ? 2310 PRO M CD  1 
ATOM   1102 N N   . GLN A 1 143 ? -7.72314  -8.13490  0.79498   1.000 13.29000 ? 2311 GLN M N   1 
ATOM   1103 C CA  . GLN A 1 143 ? -8.61214  -9.23853  1.12749   1.000 14.18000 ? 2311 GLN M CA  1 
ATOM   1104 C C   . GLN A 1 143 ? -9.99376  -9.11770  0.50637   1.000 14.25000 ? 2311 GLN M C   1 
ATOM   1105 O O   . GLN A 1 143 ? -10.62661 -10.13406 0.25229   1.000 17.30000 ? 2311 GLN M O   1 
ATOM   1106 C CB  . GLN A 1 143 ? -8.75965  -9.36143  2.64760   1.000 15.43000 ? 2311 GLN M CB  1 
ATOM   1107 C CG  . GLN A 1 143 ? -7.44803  -9.67452  3.37344   1.000 16.45000 ? 2311 GLN M CG  1 
ATOM   1108 C CD  . GLN A 1 143 ? -6.83626  -10.99682 2.93734   1.000 24.82000 ? 2311 GLN M CD  1 
ATOM   1109 O OE1 . GLN A 1 143 ? -7.41074  -12.06311 3.17725   1.000 26.84000 ? 2311 GLN M OE1 1 
ATOM   1110 N NE2 . GLN A 1 143 ? -5.66379  -10.93783 2.29237   1.000 19.47000 ? 2311 GLN M NE2 1 
ATOM   1111 N N   . SER A 1 144 ? -10.46131 -7.90930  0.27854   1.000 12.91000 ? 2312 SER M N   1 
ATOM   1112 C CA  . SER A 1 144 ? -11.71526 -7.68495  -0.40745  1.000 13.97000 ? 2312 SER M CA  1 
ATOM   1113 C C   . SER A 1 144 ? -11.57377 -6.44750  -1.29334  1.000 11.97000 ? 2312 SER M C   1 
ATOM   1114 O O   . SER A 1 144 ? -10.86233 -5.53594  -0.95928  1.000 13.47000 ? 2312 SER M O   1 
ATOM   1115 C CB  . SER A 1 144 ? -12.91061 -7.57161  0.54134   1.000 13.64000 ? 2312 SER M CB  1 
ATOM   1116 O OG  . SER A 1 144 ? -12.93960 -6.36108  1.20453   1.000 17.72000 ? 2312 SER M OG  1 
ATOM   1117 N N   . TRP A 1 145 ? -12.26787 -6.46414  -2.40646  1.000 12.74000 ? 2313 TRP M N   1 
ATOM   1118 C CA  . TRP A 1 145 ? -12.16983 -5.38584  -3.36520  1.000 13.82000 ? 2313 TRP M CA  1 
ATOM   1119 C C   . TRP A 1 145 ? -13.38289 -5.24242  -4.27273  1.000 12.63000 ? 2313 TRP M C   1 
ATOM   1120 O O   . TRP A 1 145 ? -14.13360 -6.16102  -4.43413  1.000 12.73000 ? 2313 TRP M O   1 
ATOM   1121 C CB  . TRP A 1 145 ? -10.93365 -5.56259  -4.24907  1.000 10.68000 ? 2313 TRP M CB  1 
ATOM   1122 C CG  . TRP A 1 145 ? -10.87614 -6.87031  -4.96023  1.000 13.21000 ? 2313 TRP M CG  1 
ATOM   1123 C CD1 . TRP A 1 145 ? -11.34076 -7.14347  -6.20347  1.000 14.41000 ? 2313 TRP M CD1 1 
ATOM   1124 C CD2 . TRP A 1 145 ? -10.30652 -8.08541  -4.47111  1.000 13.20000 ? 2313 TRP M CD2 1 
ATOM   1125 N NE1 . TRP A 1 145 ? -11.10290 -8.44926  -6.52336  1.000 14.31000 ? 2313 TRP M NE1 1 
ATOM   1126 C CE2 . TRP A 1 145 ? -10.46161 -9.04883  -5.47402  1.000 14.43000 ? 2313 TRP M CE2 1 
ATOM   1127 C CE3 . TRP A 1 145 ? -9.66744  -8.44883  -3.28377  1.000 10.14000 ? 2313 TRP M CE3 1 
ATOM   1128 C CZ2 . TRP A 1 145 ? -10.01896 -10.35352 -5.31942  1.000 16.67000 ? 2313 TRP M CZ2 1 
ATOM   1129 C CZ3 . TRP A 1 145 ? -9.23253  -9.73137  -3.13706  1.000 14.37000 ? 2313 TRP M CZ3 1 
ATOM   1130 C CH2 . TRP A 1 145 ? -9.41390  -10.67232 -4.14322  1.000 17.14000 ? 2313 TRP M CH2 1 
ATOM   1131 N N   . VAL A 1 146 ? -13.52648 -4.06000  -4.82884  1.000 12.94000 ? 2314 VAL M N   1 
ATOM   1132 C CA  . VAL A 1 146 ? -14.58525 -3.79821  -5.77627  1.000 14.47000 ? 2314 VAL M CA  1 
ATOM   1133 C C   . VAL A 1 146 ? -14.02810 -3.82585  -7.19358  1.000 14.58000 ? 2314 VAL M C   1 
ATOM   1134 O O   . VAL A 1 146 ? -13.10428 -3.09675  -7.47667  1.000 13.71000 ? 2314 VAL M O   1 
ATOM   1135 C CB  . VAL A 1 146 ? -15.37443 -2.51644  -5.47928  1.000 13.29000 ? 2314 VAL M CB  1 
ATOM   1136 C CG1 . VAL A 1 146 ? -16.20670 -2.07703  -6.66232  1.000 12.98000 ? 2314 VAL M CG1 1 
ATOM   1137 C CG2 . VAL A 1 146 ? -16.25490 -2.72424  -4.26909  1.000 14.06000 ? 2314 VAL M CG2 1 
ATOM   1138 N N   . HIS A 1 147 ? -14.57944 -4.70600  -8.01913  1.000 12.65000 ? 2315 HIS M N   1 
ATOM   1139 C CA  . HIS A 1 147 ? -14.16259 -4.88643  -9.37991  1.000 14.19000 ? 2315 HIS M CA  1 
ATOM   1140 C C   . HIS A 1 147 ? -12.78995 -5.50756  -9.60524  1.000 17.63000 ? 2315 HIS M C   1 
ATOM   1141 O O   . HIS A 1 147 ? -12.70093 -6.57622  -10.16607 1.000 18.86000 ? 2315 HIS M O   1 
ATOM   1142 C CB  . HIS A 1 147 ? -14.42499 -3.63436  -10.21258 1.000 16.61000 ? 2315 HIS M CB  1 
ATOM   1143 C CG  . HIS A 1 147 ? -15.85457 -3.20278  -10.17768 1.000 16.32000 ? 2315 HIS M CG  1 
ATOM   1144 N ND1 . HIS A 1 147 ? -16.24415 -1.88381  -10.21911 1.000 18.82000 ? 2315 HIS M ND1 1 
ATOM   1145 C CD2 . HIS A 1 147 ? -16.99334 -3.92508  -10.06663 1.000 19.92000 ? 2315 HIS M CD2 1 
ATOM   1146 C CE1 . HIS A 1 147 ? -17.56035 -1.81255  -10.14590 1.000 24.71000 ? 2315 HIS M CE1 1 
ATOM   1147 N NE2 . HIS A 1 147 ? -18.03926 -3.03753  -10.04919 1.000 19.39000 ? 2315 HIS M NE2 1 
ATOM   1148 N N   . GLN A 1 148 ? -11.75606 -4.84722  -9.14380  1.000 14.22000 ? 2316 GLN M N   1 
ATOM   1149 C CA  . GLN A 1 148 ? -10.41587 -5.34422  -9.27612  1.000 14.12000 ? 2316 GLN M CA  1 
ATOM   1150 C C   . GLN A 1 148 ? -9.54448  -4.72721  -8.19774  1.000 12.35000 ? 2316 GLN M C   1 
ATOM   1151 O O   . GLN A 1 148 ? -9.87033  -3.68874  -7.67073  1.000 13.91000 ? 2316 GLN M O   1 
ATOM   1152 C CB  . GLN A 1 148 ? -9.80060  -4.99517  -10.61183 1.000 20.50000 ? 2316 GLN M CB  1 
ATOM   1153 C CG  . GLN A 1 148 ? -10.54864 -5.29660  -11.89348 1.000 23.24000 ? 2316 GLN M CG  1 
ATOM   1154 C CD  . GLN A 1 148 ? -10.10180 -6.58901  -12.49651 1.000 26.91000 ? 2316 GLN M CD  1 
ATOM   1155 O OE1 . GLN A 1 148 ? -8.98659  -6.70579  -12.97302 1.000 24.63000 ? 2316 GLN M OE1 1 
ATOM   1156 N NE2 . GLN A 1 148 ? -10.96058 -7.58501  -12.44059 1.000 31.20000 ? 2316 GLN M NE2 1 
ATOM   1157 N N   . ILE A 1 149 ? -8.45410  -5.40226  -7.87886  1.000 12.48000 ? 2317 ILE M N   1 
ATOM   1158 C CA  . ILE A 1 149 ? -7.50731  -4.85802  -6.93193  1.000 12.77000 ? 2317 ILE M CA  1 
ATOM   1159 C C   . ILE A 1 149 ? -6.69954  -3.74515  -7.57915  1.000 13.30000 ? 2317 ILE M C   1 
ATOM   1160 O O   . ILE A 1 149 ? -6.13054  -3.93767  -8.61652  1.000 13.80000 ? 2317 ILE M O   1 
ATOM   1161 C CB  . ILE A 1 149 ? -6.52879  -5.90528  -6.38613  1.000 11.95000 ? 2317 ILE M CB  1 
ATOM   1162 C CG1 . ILE A 1 149 ? -7.27198  -7.01777  -5.66230  1.000 12.91000 ? 2317 ILE M CG1 1 
ATOM   1163 C CG2 . ILE A 1 149 ? -5.48900  -5.28677  -5.47394  1.000 12.72000 ? 2317 ILE M CG2 1 
ATOM   1164 C CD1 . ILE A 1 149 ? -6.44901  -8.26111  -5.43968  1.000 15.34000 ? 2317 ILE M CD1 1 
ATOM   1165 N N   . ALA A 1 150 ? -6.67578  -2.59998  -6.90904  1.000 12.88000 ? 2318 ALA M N   1 
ATOM   1166 C CA  . ALA A 1 150 ? -5.91247  -1.46835  -7.41113  1.000 10.23000 ? 2318 ALA M CA  1 
ATOM   1167 C C   . ALA A 1 150 ? -5.56387  -0.59765  -6.21658  1.000 13.74000 ? 2318 ALA M C   1 
ATOM   1168 O O   . ALA A 1 150 ? -6.41261  -0.38062  -5.34958  1.000 14.19000 ? 2318 ALA M O   1 
ATOM   1169 C CB  . ALA A 1 150 ? -6.71679  -0.67111  -8.45513  1.000 12.24000 ? 2318 ALA M CB  1 
ATOM   1170 N N   . LEU A 1 151 ? -4.32353  -0.11338  -6.16864  1.000 13.16000 ? 2319 LEU M N   1 
ATOM   1171 C CA  . LEU A 1 151 ? -3.83353  0.60780   -5.00576  1.000 11.62000 ? 2319 LEU M CA  1 
ATOM   1172 C C   . LEU A 1 151 ? -2.96840  1.79298   -5.41798  1.000 10.89000 ? 2319 LEU M C   1 
ATOM   1173 O O   . LEU A 1 151 ? -2.04824  1.64552   -6.23185  1.000 11.49000 ? 2319 LEU M O   1 
ATOM   1174 C CB  . LEU A 1 151 ? -3.01299  -0.32829  -4.12020  1.000 13.59000 ? 2319 LEU M CB  1 
ATOM   1175 C CG  . LEU A 1 151 ? -3.03948  -0.31169  -2.59687  1.000 24.79000 ? 2319 LEU M CG  1 
ATOM   1176 C CD1 . LEU A 1 151 ? -4.38821  0.10386   -2.04617  1.000 23.45000 ? 2319 LEU M CD1 1 
ATOM   1177 C CD2 . LEU A 1 151 ? -2.66948  -1.71727  -2.10811  1.000 15.75000 ? 2319 LEU M CD2 1 
ATOM   1178 N N   . ARG A 1 152 ? -3.27025  2.95949   -4.85735  1.000 11.32000 ? 2320 ARG M N   1 
ATOM   1179 C CA  . ARG A 1 152 ? -2.32863  4.06690   -4.73829  1.000 12.87000 ? 2320 ARG M CA  1 
ATOM   1180 C C   . ARG A 1 152 ? -2.19732  4.35667   -3.25129  1.000 11.93000 ? 2320 ARG M C   1 
ATOM   1181 O O   . ARG A 1 152 ? -3.19488  4.31802   -2.52745  1.000 13.23000 ? 2320 ARG M O   1 
ATOM   1182 C CB  . ARG A 1 152 ? -2.82644  5.31338   -5.49022  1.000 13.44000 ? 2320 ARG M CB  1 
ATOM   1183 C CG  . ARG A 1 152 ? -2.78884  5.19546   -7.00501  1.000 12.37000 ? 2320 ARG M CG  1 
ATOM   1184 C CD  . ARG A 1 152 ? -3.39948  6.44911   -7.66285  1.000 15.55000 ? 2320 ARG M CD  1 
ATOM   1185 N NE  . ARG A 1 152 ? -4.84126  6.50793   -7.45912  1.000 13.71000 ? 2320 ARG M NE  1 
ATOM   1186 C CZ  . ARG A 1 152 ? -5.60096  7.55531   -7.75386  1.000 15.44000 ? 2320 ARG M CZ  1 
ATOM   1187 N NH1 . ARG A 1 152 ? -5.05821  8.64314   -8.28636  1.000 15.98000 ? 2320 ARG M NH1 1 
ATOM   1188 N NH2 . ARG A 1 152 ? -6.90735  7.51694   -7.51002  1.000 16.69000 ? 2320 ARG M NH2 1 
ATOM   1189 N N   . MET A 1 153 ? -0.98760  4.62704   -2.76243  1.000 13.30000 ? 2321 MET M N   1 
ATOM   1190 C CA  . MET A 1 153 ? -0.87743  4.71042   -1.31064  1.000 13.00000 ? 2321 MET M CA  1 
ATOM   1191 C C   . MET A 1 153 ? 0.12783   5.75493   -0.85552  1.000 14.03000 ? 2321 MET M C   1 
ATOM   1192 O O   . MET A 1 153 ? 0.91370   6.29758   -1.63230  1.000 13.30000 ? 2321 MET M O   1 
ATOM   1193 C CB  . MET A 1 153 ? -0.51466  3.35572   -0.70504  1.000 15.24000 ? 2321 MET M CB  1 
ATOM   1194 C CG  . MET A 1 153 ? 0.80528   2.80257   -1.14787  1.000 18.51000 ? 2321 MET M CG  1 
ATOM   1195 S SD  . MET A 1 153 ? 1.12156   1.29568   -0.20126  1.000 32.51000 ? 2321 MET M SD  1 
ATOM   1196 C CE  . MET A 1 153 ? -0.57029  0.73409   -0.01642  1.000 21.71000 ? 2321 MET M CE  1 
ATOM   1197 N N   . GLU A 1 154 ? 0.07378   6.02191   0.44512   1.000 14.27000 ? 2322 GLU M N   1 
ATOM   1198 C CA  . GLU A 1 154 ? 1.08669   6.80242   1.13425   1.000 11.73000 ? 2322 GLU M CA  1 
ATOM   1199 C C   . GLU A 1 154 ? 1.33220   6.13614   2.47515   1.000 12.97000 ? 2322 GLU M C   1 
ATOM   1200 O O   . GLU A 1 154 ? 0.44585   5.47970   3.02706   1.000 13.63000 ? 2322 GLU M O   1 
ATOM   1201 C CB  . GLU A 1 154 ? 0.65020   8.26031   1.32912   1.000 14.52000 ? 2322 GLU M CB  1 
ATOM   1202 C CG  . GLU A 1 154 ? 1.72899   9.12294   1.97637   1.000 14.96000 ? 2322 GLU M CG  1 
ATOM   1203 C CD  . GLU A 1 154 ? 2.97472   9.20236   1.11488   1.000 16.92000 ? 2322 GLU M CD  1 
ATOM   1204 O OE1 . GLU A 1 154 ? 2.98907   10.06174  0.19625   1.000 18.52000 ? 2322 GLU M OE1 1 
ATOM   1205 O OE2 . GLU A 1 154 ? 3.92880   8.40649   1.34171   1.000 13.58000 ? 2322 GLU M OE2 1 
ATOM   1206 N N   . VAL A 1 155 ? 2.55106   6.26308   2.97920   1.000 11.99000 ? 2323 VAL M N   1 
ATOM   1207 C CA  . VAL A 1 155 ? 2.89057   5.79185   4.31379   1.000 14.35000 ? 2323 VAL M CA  1 
ATOM   1208 C C   . VAL A 1 155 ? 3.18716   7.01989   5.16214   1.000 14.98000 ? 2323 VAL M C   1 
ATOM   1209 O O   . VAL A 1 155 ? 3.91362   7.91683   4.72004   1.000 15.04000 ? 2323 VAL M O   1 
ATOM   1210 C CB  . VAL A 1 155 ? 4.08872   4.82753   4.28431   1.000 14.31000 ? 2323 VAL M CB  1 
ATOM   1211 C CG1 . VAL A 1 155 ? 4.31071   4.25119   5.64852   1.000 12.13000 ? 2323 VAL M CG1 1 
ATOM   1212 C CG2 . VAL A 1 155 ? 3.83315   3.70178   3.29279   1.000 18.64000 ? 2323 VAL M CG2 1 
ATOM   1213 N N   . LEU A 1 156 ? 2.61889   7.06946   6.36914   1.000 15.45000 ? 2324 LEU M N   1 
ATOM   1214 C CA  . LEU A 1 156 ? 2.78258   8.19291   7.28312   1.000 16.39000 ? 2324 LEU M CA  1 
ATOM   1215 C C   . LEU A 1 156 ? 3.66074   7.77379   8.44803   1.000 16.36000 ? 2324 LEU M C   1 
ATOM   1216 O O   . LEU A 1 156 ? 3.53158   6.66393   8.96687   1.000 15.54000 ? 2324 LEU M O   1 
ATOM   1217 C CB  . LEU A 1 156 ? 1.43101   8.67938   7.82778   1.000 16.79000 ? 2324 LEU M CB  1 
ATOM   1218 C CG  . LEU A 1 156 ? 0.41133   9.14153   6.78763   1.000 18.27000 ? 2324 LEU M CG  1 
ATOM   1219 C CD1 . LEU A 1 156 ? -0.88443  9.57928   7.46334   1.000 17.86000 ? 2324 LEU M CD1 1 
ATOM   1220 C CD2 . LEU A 1 156 ? 0.96359   10.25872  5.90528   1.000 22.06000 ? 2324 LEU M CD2 1 
ATOM   1221 N N   . GLY A 1 157 ? 4.54976   8.66273   8.86138   1.000 16.66000 ? 2325 GLY M N   1 
ATOM   1222 C CA  . GLY A 1 157 ? 5.36747   8.34948   10.00848  1.000 18.33000 ? 2325 GLY M CA  1 
ATOM   1223 C C   . GLY A 1 157 ? 6.54002   9.28389   10.12884  1.000 19.85000 ? 2325 GLY M C   1 
ATOM   1224 O O   . GLY A 1 157 ? 6.42498   10.48181  9.84639   1.000 23.49000 ? 2325 GLY M O   1 
ATOM   1225 N N   . CYS A 1 158 ? 7.68198   8.74241   10.52888  1.000 19.67000 ? 2326 CYS M N   1 
ATOM   1226 C CA  . CYS A 1 158 ? 8.86525   9.55708   10.75772  1.000 20.28000 ? 2326 CYS M CA  1 
ATOM   1227 C C   . CYS A 1 158 ? 10.06799  8.63265   10.86375  1.000 21.63000 ? 2326 CYS M C   1 
ATOM   1228 O O   . CYS A 1 158 ? 9.93802   7.40513   10.85133  1.000 20.98000 ? 2326 CYS M O   1 
ATOM   1229 C CB  . CYS A 1 158 ? 8.70342   10.42879  12.01319  1.000 24.81000 ? 2326 CYS M CB  1 
ATOM   1230 S SG  . CYS A 1 158 ? 8.47758   9.51858   13.57807  1.000 28.12000 ? 2326 CYS M SG  1 
ATOM   1231 N N   . GLU A 1 159 ? 11.24924  9.23846   10.95182  1.000 21.37000 ? 2327 GLU M N   1 
ATOM   1232 C CA  . GLU A 1 159 ? 12.44692  8.44946   11.18412  1.000 24.50000 ? 2327 GLU M CA  1 
ATOM   1233 C C   . GLU A 1 159 ? 12.36057  7.78253   12.54790  1.000 25.14000 ? 2327 GLU M C   1 
ATOM   1234 O O   . GLU A 1 159 ? 11.66951  8.25663   13.45042  1.000 24.88000 ? 2327 GLU M O   1 
ATOM   1235 C CB  . GLU A 1 159 ? 13.69241  9.33222   11.09695  1.000 29.93000 ? 2327 GLU M CB  1 
ATOM   1236 C CG  . GLU A 1 159 ? 13.86116  10.01104  9.75592   1.000 31.14000 ? 2327 GLU M CG  1 
ATOM   1237 C CD  . GLU A 1 159 ? 14.53440  9.11294   8.71923   1.000 30.63000 ? 2327 GLU M CD  1 
ATOM   1238 O OE1 . GLU A 1 159 ? 15.18169  8.11737   9.10892   1.000 36.59000 ? 2327 GLU M OE1 1 
ATOM   1239 O OE2 . GLU A 1 159 ? 14.42396  9.41284   7.51185   1.000 41.26000 ? 2327 GLU M OE2 1 
ATOM   1240 N N   . ALA A 1 160 ? 13.04860  6.65206   12.69212  1.000 25.49000 ? 2328 ALA M N   1 
ATOM   1241 C CA  . ALA A 1 160 ? 13.05684  5.94192   13.97027  1.000 26.53000 ? 2328 ALA M CA  1 
ATOM   1242 C C   . ALA A 1 160 ? 14.19256  6.48102   14.84269  1.000 28.41000 ? 2328 ALA M C   1 
ATOM   1243 O O   . ALA A 1 160 ? 15.21548  5.83976   15.07068  1.000 33.05000 ? 2328 ALA M O   1 
ATOM   1244 C CB  . ALA A 1 160 ? 13.17053  4.43982   13.74684  1.000 24.33000 ? 2328 ALA M CB  1 
ATOM   1245 N N   . GLN A 1 161 ? 13.98322  7.69355   15.34004  1.000 34.51000 ? 2329 GLN M N   1 
ATOM   1246 C CA  . GLN A 1 161 ? 14.92523  8.32694   16.26009  1.000 35.43000 ? 2329 GLN M CA  1 
ATOM   1247 C C   . GLN A 1 161 ? 14.34928  8.36139   17.67338  1.000 45.81000 ? 2329 GLN M C   1 
ATOM   1248 O O   . GLN A 1 161 ? 13.22032  8.80666   17.86640  1.000 44.65000 ? 2329 GLN M O   1 
ATOM   1249 C CB  . GLN A 1 161 ? 15.26228  9.75189   15.80318  1.000 35.25000 ? 2329 GLN M CB  1 
ATOM   1250 C CG  . GLN A 1 161 ? 15.66959  9.88194   14.34154  1.000 35.91000 ? 2329 GLN M CG  1 
ATOM   1251 C CD  . GLN A 1 161 ? 17.01456  9.23085   14.04676  1.000 42.44000 ? 2329 GLN M CD  1 
ATOM   1252 O OE1 . GLN A 1 161 ? 17.72928  8.80832   14.96056  1.000 46.35000 ? 2329 GLN M OE1 1 
ATOM   1253 N NE2 . GLN A 1 161 ? 17.37065  9.15605   12.76371  1.000 37.79000 ? 2329 GLN M NE2 1 
HETATM 1254 O O   . HOH B 2 .   ? 9.84461   8.15375   -11.39668 1.000 36.74000 ? 2401 HOH M O   1 
HETATM 1255 O O   . HOH B 2 .   ? -5.52737  -0.99100  16.08950  1.000 35.94000 ? 2402 HOH M O   1 
HETATM 1256 O O   . HOH B 2 .   ? -3.47955  -2.71381  17.01018  1.000 38.69000 ? 2403 HOH M O   1 
HETATM 1257 O O   . HOH B 2 .   ? -4.57787  -10.15155 -2.65173  1.000 27.94000 ? 2404 HOH M O   1 
HETATM 1258 O O   . HOH B 2 .   ? 7.34560   9.50719   18.03352  1.000 44.87000 ? 2405 HOH M O   1 
HETATM 1259 O O   . HOH B 2 .   ? 15.59758  -1.38782  -1.65282  1.000 39.14000 ? 2406 HOH M O   1 
HETATM 1260 O O   . HOH B 2 .   ? 9.55903   -1.26607  -8.62375  1.000 11.50000 ? 2407 HOH M O   1 
HETATM 1261 O O   . HOH B 2 .   ? 0.80089   14.52488  -6.37440  1.000 33.85000 ? 2408 HOH M O   1 
HETATM 1262 O O   . HOH B 2 .   ? 14.04204  6.84395   0.19837   1.000 30.56000 ? 2409 HOH M O   1 
HETATM 1263 O O   . HOH B 2 .   ? -10.33778 -3.39700  12.03832  1.000 41.30000 ? 2410 HOH M O   1 
HETATM 1264 O O   . HOH B 2 .   ? 9.14148   -8.63284  12.33238  1.000 37.35000 ? 2411 HOH M O   1 
HETATM 1265 O O   . HOH B 2 .   ? 3.65255   -1.86587  -20.66585 1.000 29.16000 ? 2412 HOH M O   1 
HETATM 1266 O O   . HOH B 2 .   ? -2.01613  -15.63865 -6.40136  1.000 38.81000 ? 2413 HOH M O   1 
HETATM 1267 O O   . HOH B 2 .   ? 8.07694   -5.38187  11.52606  1.000 22.57000 ? 2414 HOH M O   1 
HETATM 1268 O O   . HOH B 2 .   ? -1.96785  -7.86761  19.95716  1.000 25.36000 ? 2415 HOH M O   1 
HETATM 1269 O O   . HOH B 2 .   ? -18.26845 2.85674   -5.16415  1.000 37.97000 ? 2416 HOH M O   1 
HETATM 1270 O O   . HOH B 2 .   ? -6.63118  6.08792   -14.85948 1.000 9.27000  ? 2417 HOH M O   1 
HETATM 1271 O O   . HOH B 2 .   ? 14.77624  5.90894   10.52039  1.000 25.83000 ? 2418 HOH M O   1 
HETATM 1272 O O   . HOH B 2 .   ? 12.29645  4.74148   -12.41715 1.000 24.82000 ? 2419 HOH M O   1 
HETATM 1273 O O   . HOH B 2 .   ? 8.82355   13.50880  0.87048   1.000 28.13000 ? 2420 HOH M O   1 
HETATM 1274 O O   . HOH B 2 .   ? 15.46461  6.43637   -1.85653  1.000 28.56000 ? 2421 HOH M O   1 
HETATM 1275 O O   . HOH B 2 .   ? -7.00020  2.98790   -17.54605 1.000 33.66000 ? 2422 HOH M O   1 
HETATM 1276 O O   . HOH B 2 .   ? -5.04562  -1.89724  -21.03268 1.000 25.21000 ? 2423 HOH M O   1 
HETATM 1277 O O   . HOH B 2 .   ? -19.42211 -3.91365  -1.37665  1.000 33.89000 ? 2424 HOH M O   1 
HETATM 1278 O O   . HOH B 2 .   ? -8.70560  12.38704  -4.67521  1.000 27.10000 ? 2425 HOH M O   1 
HETATM 1279 O O   . HOH B 2 .   ? -0.57248  5.52586   15.16144  1.000 31.72000 ? 2426 HOH M O   1 
HETATM 1280 O O   . HOH B 2 .   ? -1.82701  -11.32704 0.34375   1.000 30.24000 ? 2427 HOH M O   1 
HETATM 1281 O O   . HOH B 2 .   ? -10.94044 -3.79119  14.23224  1.000 45.12000 ? 2428 HOH M O   1 
HETATM 1282 O O   . HOH B 2 .   ? 13.06889  5.33070   2.10351   1.000 26.09000 ? 2429 HOH M O   1 
HETATM 1283 O O   . HOH B 2 .   ? -10.81217 10.01713  4.09198   1.000 27.87000 ? 2430 HOH M O   1 
HETATM 1284 O O   . HOH B 2 .   ? -1.67957  14.59893  -0.93797  1.000 26.70000 ? 2431 HOH M O   1 
HETATM 1285 O O   . HOH B 2 .   ? 16.63362  5.35671   0.42414   1.000 31.91000 ? 2432 HOH M O   1 
HETATM 1286 O O   . HOH B 2 .   ? -3.16464  -7.06929  9.51023   1.000 13.77000 ? 2433 HOH M O   1 
HETATM 1287 O O   . HOH B 2 .   ? 1.02947   11.70545  -7.09228  1.000 24.12000 ? 2434 HOH M O   1 
HETATM 1288 O O   . HOH B 2 .   ? 5.99683   1.59256   -14.75078 1.000 31.58000 ? 2435 HOH M O   1 
HETATM 1289 O O   . HOH B 2 .   ? 7.68500   -0.60132  -10.59900 1.000 27.18000 ? 2436 HOH M O   1 
HETATM 1290 O O   . HOH B 2 .   ? -5.54021  -7.21172  -12.73086 1.000 34.13000 ? 2437 HOH M O   1 
HETATM 1291 O O   . HOH B 2 .   ? -1.67356  16.15799  -3.36079  1.000 22.64000 ? 2438 HOH M O   1 
HETATM 1292 O O   . HOH B 2 .   ? -9.82609  5.13634   8.87379   1.000 31.86000 ? 2439 HOH M O   1 
HETATM 1293 O O   . HOH B 2 .   ? 19.87640  0.99449   5.85794   1.000 23.57000 ? 2440 HOH M O   1 
HETATM 1294 O O   . HOH B 2 .   ? 11.53187  -11.43286 1.84492   1.000 35.72000 ? 2441 HOH M O   1 
HETATM 1295 O O   . HOH B 2 .   ? 1.06722   12.02112  0.32369   1.000 19.45000 ? 2442 HOH M O   1 
HETATM 1296 O O   . HOH B 2 .   ? 11.89858  -8.65230  11.18641  1.000 25.44000 ? 2443 HOH M O   1 
HETATM 1297 O O   . HOH B 2 .   ? 10.06907  -3.50478  -1.96163  1.000 16.98000 ? 2444 HOH M O   1 
HETATM 1298 O O   . HOH B 2 .   ? -10.05050 5.63038   -3.10703  1.000 19.91000 ? 2445 HOH M O   1 
HETATM 1299 O O   . HOH B 2 .   ? -19.46230 4.29802   -2.58135  1.000 38.85000 ? 2446 HOH M O   1 
HETATM 1300 O O   . HOH B 2 .   ? -6.51888  -5.70235  -10.98028 1.000 22.92000 ? 2447 HOH M O   1 
HETATM 1301 O O   . HOH B 2 .   ? -15.42464 -9.32994  4.70114   1.000 40.20000 ? 2448 HOH M O   1 
HETATM 1302 O O   . HOH B 2 .   ? 7.24919   -4.32628  -16.56557 1.000 38.63000 ? 2449 HOH M O   1 
HETATM 1303 O O   . HOH B 2 .   ? -11.31946 3.08429   7.49393   1.000 26.32000 ? 2450 HOH M O   1 
HETATM 1304 O O   . HOH B 2 .   ? 3.19696   -6.04781  11.29840  1.000 19.25000 ? 2451 HOH M O   1 
HETATM 1305 O O   . HOH B 2 .   ? -2.26741  10.68728  3.94964   1.000 17.65000 ? 2452 HOH M O   1 
HETATM 1306 O O   . HOH B 2 .   ? -6.19105  2.85292   4.25080   1.000 19.53000 ? 2453 HOH M O   1 
HETATM 1307 O O   . HOH B 2 .   ? -7.99458  0.89354   -2.91442  1.000 12.67000 ? 2454 HOH M O   1 
HETATM 1308 O O   . HOH B 2 .   ? 10.53866  -7.57747  -3.43350  1.000 34.97000 ? 2455 HOH M O   1 
HETATM 1309 O O   . HOH B 2 .   ? -6.44783  12.23089  -6.94591  1.000 35.97000 ? 2456 HOH M O   1 
HETATM 1310 O O   . HOH B 2 .   ? 3.83392   -14.43298 -2.13703  1.000 32.84000 ? 2457 HOH M O   1 
HETATM 1311 O O   . HOH B 2 .   ? 12.40321  -2.94363  -3.16803  1.000 34.96000 ? 2458 HOH M O   1 
HETATM 1312 O O   . HOH B 2 .   ? -2.27390  -13.42615 4.39421   1.000 34.97000 ? 2459 HOH M O   1 
HETATM 1313 O O   . HOH B 2 .   ? -9.68337  -0.05876  9.63935   1.000 18.82000 ? 2460 HOH M O   1 
HETATM 1314 O O   . HOH B 2 .   ? 5.26467   11.67845  -0.18133  1.000 19.80000 ? 2461 HOH M O   1 
HETATM 1315 O O   . HOH B 2 .   ? -17.14734 1.03530   -11.96479 1.000 25.72000 ? 2462 HOH M O   1 
HETATM 1316 O O   . HOH B 2 .   ? -1.39761  7.49553   13.88041  1.000 36.90000 ? 2463 HOH M O   1 
HETATM 1317 O O   . HOH B 2 .   ? 8.28912   -4.21914  14.35523  1.000 30.14000 ? 2464 HOH M O   1 
HETATM 1318 O O   . HOH B 2 .   ? 19.12850  3.46757   -2.38687  1.000 30.71000 ? 2465 HOH M O   1 
HETATM 1319 O O   . HOH B 2 .   ? -9.61643  -4.13386  22.27199  1.000 39.86000 ? 2466 HOH M O   1 
HETATM 1320 O O   . HOH B 2 .   ? -15.85407 8.21321   0.22046   1.000 33.08000 ? 2467 HOH M O   1 
HETATM 1321 O O   . HOH B 2 .   ? 16.13826  -2.63753  8.82910   1.000 40.97000 ? 2468 HOH M O   1 
HETATM 1322 O O   . HOH B 2 .   ? -5.97053  -13.41682 14.43239  1.000 29.39000 ? 2469 HOH M O   1 
HETATM 1323 O O   . HOH B 2 .   ? 3.80601   10.55798  -7.36680  1.000 27.68000 ? 2470 HOH M O   1 
HETATM 1324 O O   . HOH B 2 .   ? 0.09918   3.50399   -19.50145 1.000 30.09000 ? 2471 HOH M O   1 
HETATM 1325 O O   . HOH B 2 .   ? -15.59260 5.64203   -7.43158  1.000 25.52000 ? 2472 HOH M O   1 
HETATM 1326 O O   . HOH B 2 .   ? 14.99426  -13.60364 13.79905  1.000 29.94000 ? 2473 HOH M O   1 
HETATM 1327 O O   . HOH B 2 .   ? -12.54939 5.60167   -0.42333  1.000 19.30000 ? 2474 HOH M O   1 
HETATM 1328 O O   . HOH B 2 .   ? 16.30344  5.16015   -2.89740  1.000 32.61000 ? 2475 HOH M O   1 
HETATM 1329 O O   . HOH B 2 .   ? 5.67565   6.13706   -10.78448 1.000 29.94000 ? 2476 HOH M O   1 
HETATM 1330 O O   . HOH B 2 .   ? 1.99179   16.62334  -3.35781  1.000 24.86000 ? 2477 HOH M O   1 
HETATM 1331 O O   . HOH B 2 .   ? -9.28421  8.82325   6.32536   1.000 25.49000 ? 2478 HOH M O   1 
HETATM 1332 O O   . HOH B 2 .   ? 4.59654   14.45738  -6.56858  1.000 35.96000 ? 2479 HOH M O   1 
HETATM 1333 O O   . HOH B 2 .   ? 12.42832  6.44481   -8.66969  1.000 20.29000 ? 2480 HOH M O   1 
HETATM 1334 O O   . HOH B 2 .   ? 0.20996   5.56552   -16.04132 1.000 23.73000 ? 2481 HOH M O   1 
HETATM 1335 O O   . HOH B 2 .   ? -9.94863  -6.57870  12.59774  1.000 25.24000 ? 2482 HOH M O   1 
HETATM 1336 O O   . HOH B 2 .   ? 7.12635   -13.69480 0.54797   1.000 38.18000 ? 2483 HOH M O   1 
HETATM 1337 O O   . HOH B 2 .   ? 18.68679  -8.45950  5.98334   1.000 30.55000 ? 2484 HOH M O   1 
HETATM 1338 O O   . HOH B 2 .   ? 14.32858  3.43745   -8.68253  1.000 25.29000 ? 2485 HOH M O   1 
HETATM 1339 O O   . HOH B 2 .   ? -6.89329  1.88519   11.56458  1.000 28.48000 ? 2486 HOH M O   1 
HETATM 1340 O O   . HOH B 2 .   ? -14.62943 -7.57022  -12.08799 1.000 35.57000 ? 2487 HOH M O   1 
HETATM 1341 O O   . HOH B 2 .   ? 18.83123  4.06208   3.40998   1.000 28.15000 ? 2488 HOH M O   1 
HETATM 1342 O O   . HOH B 2 .   ? -8.51330  -8.84725  -14.88229 1.000 33.78000 ? 2489 HOH M O   1 
HETATM 1343 O O   . HOH B 2 .   ? -4.25389  0.09160   14.18051  1.000 32.10000 ? 2490 HOH M O   1 
HETATM 1344 O O   . HOH B 2 .   ? -7.37623  5.36437   11.79032  1.000 30.50000 ? 2491 HOH M O   1 
HETATM 1345 O O   . HOH B 2 .   ? 0.43542   -8.82810  -17.16935 1.000 32.02000 ? 2492 HOH M O   1 
HETATM 1346 O O   . HOH B 2 .   ? -0.29625  -12.65200 0.62295   1.000 35.68000 ? 2493 HOH M O   1 
HETATM 1347 O O   . HOH B 2 .   ? -8.19205  9.99365   -8.52223  1.000 29.64000 ? 2494 HOH M O   1 
HETATM 1348 O O   . HOH B 2 .   ? -8.75178  6.73101   -16.70016 1.000 35.31000 ? 2495 HOH M O   1 
HETATM 1349 O O   . HOH B 2 .   ? 18.10974  1.02765   -4.32810  1.000 36.26000 ? 2496 HOH M O   1 
HETATM 1350 O O   . HOH B 2 .   ? 0.48646   12.39955  -11.59184 1.000 27.45000 ? 2497 HOH M O   1 
HETATM 1351 O O   . HOH B 2 .   ? 0.78998   7.26738   -14.24726 1.000 23.11000 ? 2498 HOH M O   1 
HETATM 1352 O O   . HOH B 2 .   ? -8.28457  -11.96285 -12.00125 1.000 32.59000 ? 2499 HOH M O   1 
HETATM 1353 O O   . HOH B 2 .   ? 7.00209   -2.58250  15.72687  1.000 26.96000 ? 2500 HOH M O   1 
HETATM 1354 O O   . HOH B 2 .   ? -5.04493  -1.54815  -18.82981 1.000 22.08000 ? 2501 HOH M O   1 
HETATM 1355 O O   . HOH B 2 .   ? -0.29079  8.01041   -18.83416 1.000 33.09000 ? 2502 HOH M O   1 
HETATM 1356 O O   . HOH B 2 .   ? 16.72650  -13.34604 10.58043  1.000 37.34000 ? 2503 HOH M O   1 
HETATM 1357 O O   . HOH B 2 .   ? -5.75205  10.15281  -14.18085 1.000 34.94000 ? 2504 HOH M O   1 
HETATM 1358 O O   . HOH B 2 .   ? 3.92500   -9.93460  -12.67169 1.000 27.41000 ? 2505 HOH M O   1 
HETATM 1359 O O   . HOH B 2 .   ? 13.43284  10.27487  20.51425  1.000 45.25000 ? 2506 HOH M O   1 
HETATM 1360 O O   . HOH B 2 .   ? 0.90880   -5.78412  16.04101  1.000 38.60000 ? 2507 HOH M O   1 
HETATM 1361 O O   . HOH B 2 .   ? 4.49234   -8.32170  -14.87703 1.000 37.02000 ? 2508 HOH M O   1 
HETATM 1362 O O   . HOH B 2 .   ? -7.49659  11.24579  3.79137   1.000 26.31000 ? 2509 HOH M O   1 
HETATM 1363 O O   . HOH B 2 .   ? -16.06838 -6.90808  1.94719   1.000 41.74000 ? 2510 HOH M O   1 
HETATM 1364 O O   . HOH B 2 .   ? -11.94809 12.84334  -2.02130  1.000 29.77000 ? 2511 HOH M O   1 
HETATM 1365 O O   . HOH B 2 .   ? -1.36842  14.84287  -8.38278  1.000 27.73000 ? 2512 HOH M O   1 
HETATM 1366 O O   . HOH B 2 .   ? 13.05115  -4.61806  -1.83848  1.000 45.19000 ? 2513 HOH M O   1 
HETATM 1367 O O   . HOH B 2 .   ? -7.80593  7.31396   -11.44989 1.000 26.22000 ? 2514 HOH M O   1 
HETATM 1368 O O   . HOH B 2 .   ? -18.39614 3.11064   -10.29583 1.000 38.42000 ? 2515 HOH M O   1 
HETATM 1369 O O   . HOH B 2 .   ? -0.69295  13.90709  7.55784   1.000 29.57000 ? 2516 HOH M O   1 
HETATM 1370 O O   . HOH B 2 .   ? 3.00467   -12.86882 1.42522   1.000 28.63000 ? 2517 HOH M O   1 
HETATM 1371 O O   . HOH B 2 .   ? -6.09304  2.08065   15.32196  1.000 39.23000 ? 2518 HOH M O   1 
HETATM 1372 O O   . HOH B 2 .   ? -2.85765  -3.58797  20.70326  1.000 39.95000 ? 2519 HOH M O   1 
HETATM 1373 O O   . HOH B 2 .   ? 13.27641  -14.47130 16.68988  1.000 35.73000 ? 2520 HOH M O   1 
HETATM 1374 O O   . HOH B 2 .   ? -0.70610  -5.69520  18.97757  1.000 24.18000 ? 2521 HOH M O   1 
HETATM 1375 O O   . HOH B 2 .   ? -6.48419  -7.94798  -14.78127 1.000 42.10000 ? 2522 HOH M O   1 
HETATM 1376 O O   . HOH B 2 .   ? -8.50278  13.65268  -12.42243 1.000 41.11000 ? 2523 HOH M O   1 
HETATM 1377 O O   . HOH B 2 .   ? -7.86884  8.14815   -14.01800 1.000 42.37000 ? 2524 HOH M O   1 
HETATM 1378 O O   . HOH B 2 .   ? 9.55242   -12.16190 -1.92184  1.000 38.11000 ? 2525 HOH M O   1 
HETATM 1379 O O   . HOH B 2 .   ? 14.93374  -12.95845 1.87632   1.000 34.36000 ? 2526 HOH M O   1 
HETATM 1380 O O   . HOH B 2 .   ? -17.97000 -0.02111  -15.61380 1.000 34.82000 ? 2527 HOH M O   1 
HETATM 1381 O O   . HOH B 2 .   ? 7.69805   -2.55595  -12.66919 1.000 36.18000 ? 2528 HOH M O   1 
HETATM 1382 O O   . HOH B 2 .   ? 11.31786  -3.32788  17.74711  1.000 37.69000 ? 2529 HOH M O   1 
HETATM 1383 O O   . HOH B 2 .   ? -10.66441 -6.64684  21.92509  1.000 43.24000 ? 2530 HOH M O   1 
HETATM 1384 O O   . HOH B 2 .   ? -1.31534  13.67632  9.78806   1.000 34.41000 ? 2531 HOH M O   1 
HETATM 1385 O O   . HOH B 2 .   ? 2.00663   14.76985  0.69849   1.000 25.61000 ? 2532 HOH M O   1 
HETATM 1386 O O   . HOH B 2 .   ? -7.63112  -10.31826 24.00649  1.000 35.41000 ? 2533 HOH M O   1 
HETATM 1387 O O   . HOH B 2 .   ? 11.78943  8.40119   -10.75333 1.000 32.36000 ? 2534 HOH M O   1 
HETATM 1388 O O   . HOH B 2 .   ? 1.12431   13.35207  -9.01563  1.000 41.62000 ? 2535 HOH M O   1 
HETATM 1389 O O   . HOH B 2 .   ? -8.03471  5.35072   -19.80406 1.000 33.76000 ? 2536 HOH M O   1 
HETATM 1390 O O   . HOH B 2 .   ? 3.31239   -5.87481  13.82381  1.000 23.97000 ? 2537 HOH M O   1 
HETATM 1391 O O   . HOH B 2 .   ? -12.63795 8.77430   3.74153   1.000 31.67000 ? 2538 HOH M O   1 
HETATM 1392 O O   . HOH B 2 .   ? -13.71893 6.93057   1.79618   1.000 23.83000 ? 2539 HOH M O   1 
HETATM 1393 O O   . HOH B 2 .   ? -18.21391 -1.70078  -13.71171 1.000 36.30000 ? 2540 HOH M O   1 
HETATM 1394 O O   . HOH B 2 .   ? -19.05111 -1.87714  -1.75314  1.000 38.48000 ? 2541 HOH M O   1 
HETATM 1395 O O   . HOH B 2 .   ? -11.83284 -10.85620 4.70170   1.000 39.65000 ? 2542 HOH M O   1 
HETATM 1396 O O   . HOH B 2 .   ? 6.15660   -5.78414  14.47654  1.000 32.25000 ? 2543 HOH M O   1 
HETATM 1397 O O   . HOH B 2 .   ? 0.93268   15.72367  6.13926   1.000 25.28000 ? 2544 HOH M O   1 
HETATM 1398 O O   . HOH B 2 .   ? 1.31300   6.90757   16.73354  1.000 40.13000 ? 2545 HOH M O   1 
HETATM 1399 O O   . HOH B 2 .   ? -0.15130  16.59314  0.38485   1.000 20.55000 ? 2546 HOH M O   1 
HETATM 1400 O O   . HOH B 2 .   ? 14.87358  -9.87763  1.07715   1.000 46.70000 ? 2547 HOH M O   1 
HETATM 1401 O O   . HOH B 2 .   ? -12.91282 -2.31464  12.05432  1.000 36.64000 ? 2548 HOH M O   1 
HETATM 1402 O O   . HOH B 2 .   ? 14.17699  2.70543   -11.36623 1.000 32.38000 ? 2549 HOH M O   1 
HETATM 1403 O O   . HOH B 2 .   ? 11.23273  12.10487  -8.60195  1.000 40.06000 ? 2550 HOH M O   1 
HETATM 1404 O O   . HOH B 2 .   ? 3.71045   7.49404   -13.71921 1.000 25.96000 ? 2551 HOH M O   1 
HETATM 1405 O O   . HOH B 2 .   ? -12.12791 0.81609   10.79382  1.000 42.12000 ? 2552 HOH M O   1 
HETATM 1406 O O   . HOH B 2 .   ? 3.34271   14.69380  -8.71351  1.000 38.36000 ? 2553 HOH M O   1 
HETATM 1407 O O   . HOH B 2 .   ? 3.77144   -15.59856 0.54364   1.000 33.33000 ? 2554 HOH M O   1 
HETATM 1408 O O   . HOH B 2 .   ? -15.41173 -11.69111 5.20524   1.000 34.56000 ? 2555 HOH M O   1 
HETATM 1409 O O   . HOH B 2 .   ? -21.25573 3.08995   -4.68806  1.000 40.78000 ? 2556 HOH M O   1 
# 
